data_2LQ7
#
_entry.id   2LQ7
#
_entity_poly.entity_id   1
_entity_poly.type   'polypeptide(L)'
_entity_poly.pdbx_seq_one_letter_code
;GSQLPQNIQFSPSAKLQEVLDYLTNSASLQMKSPAITATLEGKNRTLYLQSVTSIEERTRPNLSKTLKELGLVDGQELAV
ADVTTPQTVLFKLHFTS
;
_entity_poly.pdbx_strand_id   A
#
# COMPACT_ATOMS: atom_id res chain seq x y z
N GLY A 1 -8.29 17.17 -3.34
CA GLY A 1 -7.01 16.69 -2.83
C GLY A 1 -5.88 17.11 -3.73
N SER A 2 -4.82 16.36 -3.73
CA SER A 2 -3.68 16.64 -4.56
C SER A 2 -3.59 15.62 -5.68
N GLN A 3 -3.38 16.07 -6.90
CA GLN A 3 -3.26 15.17 -8.04
C GLN A 3 -1.82 14.81 -8.32
N LEU A 4 -0.91 15.51 -7.64
CA LEU A 4 0.49 15.18 -7.72
C LEU A 4 0.79 14.16 -6.63
N PRO A 5 1.58 13.11 -6.95
CA PRO A 5 1.90 12.06 -5.98
C PRO A 5 2.77 12.55 -4.82
N GLN A 6 2.45 12.06 -3.65
CA GLN A 6 3.19 12.32 -2.43
C GLN A 6 4.30 11.30 -2.35
N ASN A 7 5.46 11.67 -1.90
CA ASN A 7 6.57 10.75 -1.93
C ASN A 7 6.86 10.17 -0.57
N ILE A 8 7.12 8.87 -0.56
CA ILE A 8 7.42 8.11 0.64
C ILE A 8 8.60 7.17 0.40
N GLN A 9 9.40 6.96 1.40
CA GLN A 9 10.56 6.10 1.27
C GLN A 9 10.39 4.83 2.11
N PHE A 10 10.69 3.70 1.51
CA PHE A 10 10.62 2.40 2.16
C PHE A 10 11.81 1.53 1.83
N SER A 11 12.07 0.60 2.69
CA SER A 11 13.10 -0.38 2.48
C SER A 11 12.45 -1.58 1.77
N PRO A 12 13.07 -2.13 0.72
CA PRO A 12 12.50 -3.27 -0.06
C PRO A 12 12.03 -4.49 0.79
N SER A 13 12.58 -4.63 1.97
CA SER A 13 12.21 -5.73 2.85
C SER A 13 10.98 -5.40 3.71
N ALA A 14 10.44 -4.20 3.58
CA ALA A 14 9.26 -3.79 4.32
C ALA A 14 8.01 -4.43 3.74
N LYS A 15 7.08 -4.77 4.59
CA LYS A 15 5.81 -5.37 4.17
C LYS A 15 4.76 -4.32 3.88
N LEU A 16 3.73 -4.71 3.14
CA LEU A 16 2.62 -3.81 2.80
C LEU A 16 1.92 -3.40 4.10
N GLN A 17 1.87 -4.33 5.05
CA GLN A 17 1.30 -4.05 6.36
C GLN A 17 2.03 -2.92 7.10
N GLU A 18 3.35 -2.88 6.97
CA GLU A 18 4.18 -1.83 7.59
C GLU A 18 3.87 -0.47 6.98
N VAL A 19 3.55 -0.49 5.70
CA VAL A 19 3.20 0.72 4.96
C VAL A 19 1.95 1.36 5.59
N LEU A 20 1.04 0.52 6.05
CA LEU A 20 -0.21 0.97 6.66
C LEU A 20 0.07 1.76 7.95
N ASP A 21 0.97 1.23 8.77
CA ASP A 21 1.35 1.87 10.05
C ASP A 21 2.02 3.20 9.81
N TYR A 22 2.85 3.20 8.80
CA TYR A 22 3.64 4.34 8.41
C TYR A 22 2.78 5.46 7.83
N LEU A 23 1.76 5.07 7.08
CA LEU A 23 0.95 5.98 6.29
C LEU A 23 0.32 7.09 7.11
N THR A 24 -0.59 6.74 7.97
CA THR A 24 -1.23 7.74 8.79
C THR A 24 -0.94 7.50 10.27
N ASN A 25 -1.53 6.45 10.79
CA ASN A 25 -1.38 6.09 12.20
C ASN A 25 -0.94 4.68 12.31
N SER A 26 -0.12 4.38 13.27
CA SER A 26 0.32 3.02 13.42
C SER A 26 -0.69 2.16 14.21
N ALA A 27 -0.96 2.51 15.44
CA ALA A 27 -1.72 1.63 16.30
C ALA A 27 -3.22 1.81 16.16
N SER A 28 -3.65 3.02 15.99
CA SER A 28 -5.09 3.29 15.93
C SER A 28 -5.65 2.95 14.54
N LEU A 29 -4.77 2.79 13.59
CA LEU A 29 -5.17 2.52 12.24
C LEU A 29 -5.06 1.01 11.89
N GLN A 30 -4.86 0.13 12.89
CA GLN A 30 -4.55 -1.31 12.61
C GLN A 30 -5.60 -2.05 11.77
N MET A 31 -6.87 -1.79 11.99
CA MET A 31 -7.90 -2.42 11.15
C MET A 31 -8.57 -1.38 10.26
N LYS A 32 -8.30 -0.15 10.58
CA LYS A 32 -8.83 1.03 9.90
C LYS A 32 -8.03 1.38 8.63
N SER A 33 -7.06 0.57 8.28
CA SER A 33 -6.06 0.98 7.32
C SER A 33 -6.62 1.14 5.91
N PRO A 34 -6.16 2.21 5.23
CA PRO A 34 -6.45 2.51 3.83
C PRO A 34 -6.05 1.39 2.89
N ALA A 35 -6.60 1.42 1.71
CA ALA A 35 -6.35 0.40 0.76
C ALA A 35 -5.53 0.98 -0.36
N ILE A 36 -4.49 0.26 -0.71
CA ILE A 36 -3.57 0.72 -1.71
C ILE A 36 -3.75 -0.13 -2.94
N THR A 37 -3.86 0.52 -4.05
CA THR A 37 -4.02 -0.14 -5.29
C THR A 37 -2.91 0.36 -6.21
N ALA A 38 -2.33 -0.51 -6.95
CA ALA A 38 -1.24 -0.14 -7.85
C ALA A 38 -1.41 -0.76 -9.21
N THR A 39 -0.94 -0.09 -10.23
CA THR A 39 -1.00 -0.66 -11.53
C THR A 39 0.36 -1.26 -11.86
N LEU A 40 0.34 -2.50 -12.28
CA LEU A 40 1.54 -3.24 -12.51
C LEU A 40 1.45 -3.86 -13.91
N GLU A 41 2.37 -3.42 -14.78
CA GLU A 41 2.46 -3.88 -16.18
C GLU A 41 1.14 -3.70 -16.94
N GLY A 42 0.47 -2.58 -16.66
CA GLY A 42 -0.75 -2.23 -17.35
C GLY A 42 -1.99 -2.89 -16.79
N LYS A 43 -1.85 -3.61 -15.72
CA LYS A 43 -2.98 -4.23 -15.08
C LYS A 43 -3.12 -3.68 -13.68
N ASN A 44 -4.34 -3.56 -13.20
CA ASN A 44 -4.57 -2.98 -11.89
C ASN A 44 -4.51 -4.06 -10.84
N ARG A 45 -3.59 -3.88 -9.94
CA ARG A 45 -3.29 -4.81 -8.86
C ARG A 45 -3.72 -4.20 -7.52
N THR A 46 -4.56 -4.85 -6.80
CA THR A 46 -4.91 -4.35 -5.50
C THR A 46 -3.93 -4.94 -4.48
N LEU A 47 -3.25 -4.08 -3.73
CA LEU A 47 -2.22 -4.51 -2.80
C LEU A 47 -2.75 -4.70 -1.39
N TYR A 48 -3.80 -3.97 -1.07
CA TYR A 48 -4.38 -4.11 0.29
C TYR A 48 -5.41 -5.25 0.37
N LEU A 49 -6.25 -5.34 -0.61
CA LEU A 49 -7.23 -6.41 -0.67
C LEU A 49 -6.55 -7.62 -1.28
N GLN A 50 -6.94 -8.81 -0.87
CA GLN A 50 -6.29 -10.00 -1.35
C GLN A 50 -6.62 -10.29 -2.82
N SER A 51 -5.89 -9.64 -3.70
CA SER A 51 -5.98 -9.90 -5.12
C SER A 51 -4.81 -10.79 -5.52
N VAL A 52 -4.05 -11.17 -4.53
CA VAL A 52 -2.92 -12.04 -4.72
C VAL A 52 -3.37 -13.46 -4.47
N THR A 53 -3.07 -14.35 -5.38
CA THR A 53 -3.41 -15.73 -5.17
C THR A 53 -2.32 -16.35 -4.30
N SER A 54 -2.72 -17.21 -3.41
CA SER A 54 -1.82 -17.78 -2.47
C SER A 54 -1.96 -19.30 -2.41
N ILE A 55 -0.87 -19.97 -2.15
CA ILE A 55 -0.87 -21.42 -2.04
C ILE A 55 -1.29 -21.82 -0.65
N GLU A 56 -1.90 -23.01 -0.55
CA GLU A 56 -2.46 -23.54 0.70
C GLU A 56 -3.59 -22.64 1.20
N GLU A 57 -3.23 -21.62 1.96
CA GLU A 57 -4.19 -20.63 2.43
C GLU A 57 -3.59 -19.24 2.46
N ARG A 58 -2.90 -18.93 3.57
CA ARG A 58 -2.36 -17.58 3.82
C ARG A 58 -3.50 -16.58 3.96
N THR A 59 -3.83 -16.26 5.21
CA THR A 59 -4.94 -15.39 5.52
C THR A 59 -4.80 -14.01 4.86
N ARG A 60 -3.60 -13.44 4.91
CA ARG A 60 -3.34 -12.13 4.33
C ARG A 60 -1.96 -12.16 3.66
N PRO A 61 -1.86 -12.79 2.46
CA PRO A 61 -0.58 -12.99 1.76
C PRO A 61 0.02 -11.69 1.25
N ASN A 62 -0.82 -10.79 0.79
CA ASN A 62 -0.40 -9.51 0.26
C ASN A 62 0.24 -8.65 1.33
N LEU A 63 -0.35 -8.69 2.52
CA LEU A 63 0.18 -7.96 3.65
C LEU A 63 1.48 -8.59 4.17
N SER A 64 1.56 -9.90 4.06
CA SER A 64 2.68 -10.66 4.59
C SER A 64 3.93 -10.52 3.73
N LYS A 65 3.75 -10.20 2.49
CA LYS A 65 4.84 -10.10 1.57
C LYS A 65 5.45 -8.71 1.59
N THR A 66 6.67 -8.62 1.15
CA THR A 66 7.33 -7.35 1.13
C THR A 66 6.93 -6.60 -0.12
N LEU A 67 7.22 -5.32 -0.13
CA LEU A 67 6.94 -4.48 -1.28
C LEU A 67 7.72 -4.98 -2.49
N LYS A 68 8.93 -5.46 -2.23
CA LYS A 68 9.80 -5.99 -3.27
C LYS A 68 9.18 -7.26 -3.86
N GLU A 69 8.71 -8.14 -2.98
CA GLU A 69 8.04 -9.38 -3.38
C GLU A 69 6.70 -9.13 -4.08
N LEU A 70 6.10 -7.99 -3.79
CA LEU A 70 4.84 -7.61 -4.44
C LEU A 70 5.09 -7.06 -5.85
N GLY A 71 6.36 -6.88 -6.20
CA GLY A 71 6.69 -6.42 -7.53
C GLY A 71 6.82 -4.93 -7.62
N LEU A 72 6.93 -4.28 -6.49
CA LEU A 72 7.03 -2.85 -6.45
C LEU A 72 8.48 -2.42 -6.62
N VAL A 73 8.67 -1.31 -7.27
CA VAL A 73 9.98 -0.80 -7.55
C VAL A 73 10.01 0.68 -7.21
N ASP A 74 11.18 1.26 -7.11
CA ASP A 74 11.33 2.67 -6.86
C ASP A 74 10.72 3.46 -8.01
N GLY A 75 9.93 4.44 -7.67
CA GLY A 75 9.30 5.25 -8.68
C GLY A 75 7.89 4.81 -8.97
N GLN A 76 7.52 3.67 -8.41
CA GLN A 76 6.18 3.13 -8.58
C GLN A 76 5.17 4.01 -7.87
N GLU A 77 4.08 4.25 -8.54
CA GLU A 77 3.03 5.07 -8.04
C GLU A 77 1.95 4.20 -7.42
N LEU A 78 1.48 4.61 -6.29
CA LEU A 78 0.47 3.89 -5.56
C LEU A 78 -0.75 4.78 -5.40
N ALA A 79 -1.91 4.20 -5.58
CA ALA A 79 -3.15 4.93 -5.37
C ALA A 79 -3.80 4.40 -4.11
N VAL A 80 -3.93 5.24 -3.14
CA VAL A 80 -4.47 4.82 -1.87
C VAL A 80 -5.81 5.48 -1.57
N ALA A 81 -6.74 4.69 -1.12
CA ALA A 81 -8.03 5.17 -0.74
C ALA A 81 -8.16 4.93 0.75
N ASP A 82 -8.66 5.90 1.45
CA ASP A 82 -8.64 5.89 2.91
C ASP A 82 -10.05 6.03 3.50
N VAL A 83 -10.21 5.55 4.71
CA VAL A 83 -11.47 5.64 5.41
C VAL A 83 -11.58 6.95 6.17
N THR A 84 -10.44 7.50 6.58
CA THR A 84 -10.45 8.72 7.35
C THR A 84 -10.44 9.94 6.41
N THR A 85 -10.07 9.70 5.16
CA THR A 85 -10.04 10.73 4.16
C THR A 85 -10.90 10.28 2.96
N PRO A 86 -11.85 11.12 2.51
CA PRO A 86 -12.74 10.79 1.37
C PRO A 86 -12.07 11.11 0.01
N GLN A 87 -10.76 10.94 -0.05
CA GLN A 87 -10.01 11.28 -1.25
C GLN A 87 -9.06 10.16 -1.60
N THR A 88 -8.77 10.00 -2.87
CA THR A 88 -7.76 9.08 -3.29
C THR A 88 -6.44 9.84 -3.36
N VAL A 89 -5.41 9.30 -2.76
CA VAL A 89 -4.14 9.96 -2.72
C VAL A 89 -3.13 9.14 -3.50
N LEU A 90 -2.30 9.81 -4.27
CA LEU A 90 -1.29 9.15 -5.04
C LEU A 90 0.05 9.27 -4.33
N PHE A 91 0.76 8.19 -4.28
CA PHE A 91 2.07 8.17 -3.67
C PHE A 91 3.11 7.58 -4.58
N LYS A 92 4.32 8.06 -4.47
CA LYS A 92 5.45 7.48 -5.12
C LYS A 92 6.26 6.76 -4.10
N LEU A 93 6.56 5.54 -4.39
CA LEU A 93 7.26 4.68 -3.51
C LEU A 93 8.72 4.69 -3.89
N HIS A 94 9.56 5.08 -2.96
CA HIS A 94 10.97 5.19 -3.20
C HIS A 94 11.68 4.22 -2.28
N PHE A 95 12.53 3.38 -2.83
CA PHE A 95 13.24 2.40 -2.02
C PHE A 95 14.62 2.85 -1.64
N THR A 96 14.94 2.67 -0.39
CA THR A 96 16.23 3.03 0.11
C THR A 96 17.11 1.76 0.24
N SER A 97 18.35 1.90 -0.12
CA SER A 97 19.34 0.86 -0.03
C SER A 97 20.70 1.51 0.10
N GLY A 1 -4.82 17.72 3.78
CA GLY A 1 -4.52 16.56 2.95
C GLY A 1 -4.03 16.99 1.60
N SER A 2 -3.21 16.18 1.00
CA SER A 2 -2.70 16.47 -0.29
C SER A 2 -3.34 15.55 -1.31
N GLN A 3 -3.59 16.08 -2.48
CA GLN A 3 -4.09 15.29 -3.59
C GLN A 3 -2.92 15.02 -4.54
N LEU A 4 -1.86 15.77 -4.34
CA LEU A 4 -0.63 15.60 -5.08
C LEU A 4 0.17 14.51 -4.40
N PRO A 5 0.96 13.73 -5.17
CA PRO A 5 1.71 12.59 -4.63
C PRO A 5 2.59 12.92 -3.42
N GLN A 6 2.57 12.04 -2.48
CA GLN A 6 3.37 12.12 -1.28
C GLN A 6 4.54 11.18 -1.46
N ASN A 7 5.70 11.56 -1.03
CA ASN A 7 6.86 10.72 -1.27
C ASN A 7 7.24 9.99 0.00
N ILE A 8 7.55 8.73 -0.15
CA ILE A 8 7.96 7.87 0.93
C ILE A 8 9.07 6.96 0.49
N GLN A 9 10.02 6.71 1.35
CA GLN A 9 11.13 5.87 1.01
C GLN A 9 11.15 4.65 1.92
N PHE A 10 11.32 3.51 1.31
CA PHE A 10 11.36 2.24 1.99
C PHE A 10 12.44 1.34 1.42
N SER A 11 12.89 0.43 2.20
CA SER A 11 13.84 -0.56 1.77
C SER A 11 13.03 -1.77 1.27
N PRO A 12 13.43 -2.38 0.12
CA PRO A 12 12.69 -3.52 -0.50
C PRO A 12 12.43 -4.70 0.46
N SER A 13 13.13 -4.70 1.58
CA SER A 13 13.01 -5.70 2.60
C SER A 13 11.86 -5.38 3.58
N ALA A 14 11.19 -4.26 3.36
CA ALA A 14 10.09 -3.86 4.21
C ALA A 14 8.86 -4.66 3.89
N LYS A 15 8.10 -4.97 4.90
CA LYS A 15 6.89 -5.74 4.74
C LYS A 15 5.73 -4.77 4.48
N LEU A 16 4.77 -5.21 3.67
CA LEU A 16 3.66 -4.35 3.23
C LEU A 16 2.82 -3.83 4.41
N GLN A 17 2.51 -4.71 5.36
CA GLN A 17 1.73 -4.32 6.56
C GLN A 17 2.44 -3.19 7.32
N GLU A 18 3.75 -3.29 7.39
CA GLU A 18 4.57 -2.31 8.09
C GLU A 18 4.47 -0.95 7.42
N VAL A 19 4.30 -0.97 6.11
CA VAL A 19 4.10 0.26 5.35
C VAL A 19 2.80 0.97 5.82
N LEU A 20 1.73 0.20 6.06
CA LEU A 20 0.46 0.77 6.58
C LEU A 20 0.62 1.24 8.01
N ASP A 21 1.41 0.51 8.76
CA ASP A 21 1.71 0.83 10.16
C ASP A 21 2.41 2.19 10.25
N TYR A 22 3.38 2.36 9.38
CA TYR A 22 4.20 3.56 9.32
C TYR A 22 3.42 4.77 8.76
N LEU A 23 2.36 4.51 7.98
CA LEU A 23 1.67 5.55 7.19
C LEU A 23 1.18 6.72 8.07
N THR A 24 0.22 6.48 8.94
CA THR A 24 -0.19 7.51 9.86
C THR A 24 0.03 7.04 11.30
N ASN A 25 -0.79 6.09 11.70
CA ASN A 25 -0.77 5.53 13.04
C ASN A 25 -0.70 4.03 12.94
N SER A 26 -0.15 3.41 13.92
CA SER A 26 -0.13 1.98 13.95
C SER A 26 -1.46 1.44 14.47
N ALA A 27 -1.88 1.90 15.63
CA ALA A 27 -3.08 1.36 16.26
C ALA A 27 -4.34 2.15 15.94
N SER A 28 -4.24 3.47 15.88
CA SER A 28 -5.43 4.27 15.61
C SER A 28 -5.79 4.24 14.13
N LEU A 29 -4.87 3.81 13.30
CA LEU A 29 -5.12 3.77 11.87
C LEU A 29 -5.54 2.37 11.40
N GLN A 30 -5.55 1.38 12.27
CA GLN A 30 -5.71 -0.02 11.81
C GLN A 30 -7.00 -0.33 11.00
N MET A 31 -8.13 0.31 11.32
CA MET A 31 -9.36 0.08 10.53
C MET A 31 -9.67 1.27 9.64
N LYS A 32 -9.19 2.44 10.05
CA LYS A 32 -9.37 3.69 9.29
C LYS A 32 -8.36 3.82 8.16
N SER A 33 -7.53 2.81 8.02
CA SER A 33 -6.45 2.81 7.09
C SER A 33 -6.95 2.68 5.67
N PRO A 34 -6.32 3.41 4.75
CA PRO A 34 -6.57 3.31 3.34
C PRO A 34 -6.07 1.99 2.81
N ALA A 35 -6.55 1.61 1.69
CA ALA A 35 -6.15 0.40 1.08
C ALA A 35 -5.36 0.78 -0.13
N ILE A 36 -4.24 0.15 -0.27
CA ILE A 36 -3.30 0.55 -1.26
C ILE A 36 -3.24 -0.47 -2.40
N THR A 37 -3.42 0.02 -3.57
CA THR A 37 -3.41 -0.76 -4.76
C THR A 37 -2.47 -0.09 -5.77
N ALA A 38 -1.78 -0.87 -6.54
CA ALA A 38 -0.88 -0.34 -7.53
C ALA A 38 -1.23 -0.90 -8.89
N THR A 39 -1.17 -0.07 -9.88
CA THR A 39 -1.47 -0.47 -11.21
C THR A 39 -0.20 -0.73 -12.01
N LEU A 40 -0.09 -1.93 -12.49
CA LEU A 40 1.05 -2.38 -13.22
C LEU A 40 0.55 -2.90 -14.56
N GLU A 41 0.98 -2.26 -15.65
CA GLU A 41 0.63 -2.63 -17.04
C GLU A 41 -0.92 -2.63 -17.19
N GLY A 42 -1.57 -1.68 -16.54
CA GLY A 42 -3.02 -1.57 -16.64
C GLY A 42 -3.78 -2.50 -15.72
N LYS A 43 -3.06 -3.34 -15.03
CA LYS A 43 -3.64 -4.27 -14.11
C LYS A 43 -3.48 -3.72 -12.71
N ASN A 44 -4.52 -3.77 -11.93
CA ASN A 44 -4.43 -3.29 -10.59
C ASN A 44 -4.14 -4.44 -9.66
N ARG A 45 -3.07 -4.34 -8.95
CA ARG A 45 -2.74 -5.31 -7.98
C ARG A 45 -2.94 -4.69 -6.63
N THR A 46 -3.76 -5.28 -5.84
CA THR A 46 -3.97 -4.75 -4.55
C THR A 46 -2.85 -5.22 -3.64
N LEU A 47 -2.14 -4.27 -3.08
CA LEU A 47 -1.00 -4.59 -2.26
C LEU A 47 -1.48 -4.83 -0.86
N TYR A 48 -2.51 -4.09 -0.48
CA TYR A 48 -3.14 -4.26 0.82
C TYR A 48 -3.93 -5.57 0.86
N LEU A 49 -4.38 -5.97 -0.31
CA LEU A 49 -5.16 -7.18 -0.53
C LEU A 49 -6.52 -7.06 0.12
N GLN A 50 -7.45 -6.63 -0.67
CA GLN A 50 -8.81 -6.51 -0.23
C GLN A 50 -9.45 -7.89 -0.36
N SER A 51 -9.59 -8.55 0.74
CA SER A 51 -10.08 -9.90 0.76
C SER A 51 -11.60 -9.90 0.78
N VAL A 52 -12.17 -8.91 1.48
CA VAL A 52 -13.62 -8.78 1.67
C VAL A 52 -14.15 -9.87 2.60
N THR A 53 -14.73 -9.46 3.71
CA THR A 53 -15.26 -10.36 4.72
C THR A 53 -16.27 -11.34 4.11
N SER A 54 -15.86 -12.59 3.96
CA SER A 54 -16.69 -13.58 3.34
C SER A 54 -16.56 -14.95 4.04
N ILE A 55 -15.35 -15.28 4.50
CA ILE A 55 -15.11 -16.55 5.21
C ILE A 55 -13.67 -16.65 5.72
N GLU A 56 -12.71 -16.42 4.83
CA GLU A 56 -11.32 -16.44 5.22
C GLU A 56 -10.62 -15.18 4.80
N GLU A 57 -10.62 -14.24 5.69
CA GLU A 57 -9.95 -12.98 5.47
C GLU A 57 -8.53 -13.10 5.98
N ARG A 58 -8.32 -14.18 6.73
CA ARG A 58 -7.04 -14.58 7.28
C ARG A 58 -6.06 -14.89 6.15
N THR A 59 -6.58 -15.43 5.06
CA THR A 59 -5.77 -15.77 3.93
C THR A 59 -5.38 -14.50 3.17
N ARG A 60 -4.19 -14.00 3.48
CA ARG A 60 -3.70 -12.80 2.86
C ARG A 60 -2.16 -12.75 2.92
N PRO A 61 -1.49 -13.29 1.89
CA PRO A 61 -0.03 -13.35 1.84
C PRO A 61 0.62 -12.00 1.63
N ASN A 62 -0.08 -11.09 0.95
CA ASN A 62 0.48 -9.77 0.56
C ASN A 62 0.93 -8.96 1.76
N LEU A 63 0.18 -9.01 2.83
CA LEU A 63 0.53 -8.27 4.05
C LEU A 63 1.75 -8.88 4.72
N SER A 64 1.96 -10.15 4.46
CA SER A 64 3.00 -10.90 5.09
C SER A 64 4.30 -10.87 4.25
N LYS A 65 4.16 -10.49 2.99
CA LYS A 65 5.29 -10.45 2.06
C LYS A 65 5.91 -9.08 2.02
N THR A 66 7.13 -9.03 1.54
CA THR A 66 7.82 -7.81 1.40
C THR A 66 7.53 -7.15 0.05
N LEU A 67 7.91 -5.90 -0.07
CA LEU A 67 7.62 -5.06 -1.23
C LEU A 67 8.11 -5.64 -2.57
N LYS A 68 9.25 -6.32 -2.54
CA LYS A 68 9.85 -6.87 -3.76
C LYS A 68 8.94 -7.91 -4.44
N GLU A 69 8.32 -8.76 -3.64
CA GLU A 69 7.41 -9.81 -4.11
C GLU A 69 6.17 -9.21 -4.74
N LEU A 70 5.83 -8.02 -4.33
CA LEU A 70 4.66 -7.36 -4.84
C LEU A 70 4.92 -6.71 -6.19
N GLY A 71 6.18 -6.60 -6.56
CA GLY A 71 6.53 -6.06 -7.85
C GLY A 71 6.55 -4.56 -7.85
N LEU A 72 6.66 -3.99 -6.68
CA LEU A 72 6.65 -2.56 -6.54
C LEU A 72 8.07 -2.07 -6.90
N VAL A 73 8.17 -0.93 -7.54
CA VAL A 73 9.45 -0.40 -7.95
C VAL A 73 9.56 1.07 -7.53
N ASP A 74 10.76 1.56 -7.39
CA ASP A 74 11.00 2.93 -6.93
C ASP A 74 10.46 3.93 -7.92
N GLY A 75 9.69 4.86 -7.41
CA GLY A 75 9.15 5.91 -8.22
C GLY A 75 7.75 5.61 -8.68
N GLN A 76 7.31 4.39 -8.45
CA GLN A 76 5.99 3.98 -8.84
C GLN A 76 4.97 4.58 -7.88
N GLU A 77 3.85 4.97 -8.41
CA GLU A 77 2.83 5.64 -7.65
C GLU A 77 1.78 4.65 -7.23
N LEU A 78 1.44 4.68 -5.98
CA LEU A 78 0.40 3.84 -5.43
C LEU A 78 -0.86 4.65 -5.34
N ALA A 79 -1.96 4.04 -5.69
CA ALA A 79 -3.24 4.68 -5.64
C ALA A 79 -3.97 4.16 -4.43
N VAL A 80 -4.28 5.04 -3.53
CA VAL A 80 -4.85 4.62 -2.29
C VAL A 80 -6.29 5.07 -2.18
N ALA A 81 -7.11 4.17 -1.72
CA ALA A 81 -8.50 4.45 -1.52
C ALA A 81 -8.73 4.36 -0.05
N ASP A 82 -9.45 5.29 0.47
CA ASP A 82 -9.53 5.45 1.91
C ASP A 82 -10.98 5.48 2.37
N VAL A 83 -11.22 5.11 3.60
CA VAL A 83 -12.56 5.05 4.14
C VAL A 83 -13.01 6.39 4.72
N THR A 84 -12.11 7.14 5.30
CA THR A 84 -12.46 8.39 5.93
C THR A 84 -12.15 9.57 4.99
N THR A 85 -11.29 9.35 4.04
CA THR A 85 -10.95 10.34 3.07
C THR A 85 -11.73 10.03 1.77
N PRO A 86 -12.44 11.03 1.21
CA PRO A 86 -13.26 10.83 0.01
C PRO A 86 -12.48 11.01 -1.30
N GLN A 87 -11.16 10.95 -1.24
CA GLN A 87 -10.34 11.10 -2.44
C GLN A 87 -9.25 10.06 -2.47
N THR A 88 -8.71 9.85 -3.65
CA THR A 88 -7.61 8.96 -3.87
C THR A 88 -6.32 9.75 -3.72
N VAL A 89 -5.45 9.29 -2.87
CA VAL A 89 -4.20 9.96 -2.67
C VAL A 89 -3.10 9.15 -3.35
N LEU A 90 -2.19 9.81 -4.00
CA LEU A 90 -1.11 9.13 -4.66
C LEU A 90 0.15 9.18 -3.81
N PHE A 91 0.79 8.06 -3.69
CA PHE A 91 2.04 7.97 -2.97
C PHE A 91 3.11 7.43 -3.86
N LYS A 92 4.28 8.00 -3.78
CA LYS A 92 5.41 7.51 -4.52
C LYS A 92 6.33 6.78 -3.59
N LEU A 93 6.55 5.54 -3.88
CA LEU A 93 7.34 4.67 -3.06
C LEU A 93 8.72 4.64 -3.67
N HIS A 94 9.69 5.01 -2.91
CA HIS A 94 11.04 5.06 -3.37
C HIS A 94 11.87 4.08 -2.59
N PHE A 95 12.57 3.23 -3.27
CA PHE A 95 13.39 2.24 -2.62
C PHE A 95 14.81 2.70 -2.54
N THR A 96 15.34 2.69 -1.35
CA THR A 96 16.69 3.05 -1.18
C THR A 96 17.56 1.83 -1.47
N SER A 97 18.64 2.05 -2.18
CA SER A 97 19.58 1.03 -2.56
C SER A 97 20.86 1.72 -2.98
N GLY A 1 -8.18 17.77 1.44
CA GLY A 1 -8.02 16.88 0.30
C GLY A 1 -6.92 17.36 -0.61
N SER A 2 -5.97 16.51 -0.86
CA SER A 2 -4.87 16.83 -1.72
C SER A 2 -4.70 15.73 -2.75
N GLN A 3 -4.56 16.09 -4.01
CA GLN A 3 -4.36 15.11 -5.07
C GLN A 3 -2.90 15.04 -5.47
N LEU A 4 -2.09 15.84 -4.80
CA LEU A 4 -0.66 15.90 -5.08
C LEU A 4 0.02 14.64 -4.58
N PRO A 5 0.99 14.12 -5.33
CA PRO A 5 1.71 12.93 -4.93
C PRO A 5 2.66 13.21 -3.77
N GLN A 6 2.70 12.30 -2.85
CA GLN A 6 3.56 12.38 -1.71
C GLN A 6 4.70 11.42 -1.93
N ASN A 7 5.91 11.87 -1.74
CA ASN A 7 7.02 10.96 -1.92
C ASN A 7 7.54 10.51 -0.58
N ILE A 8 7.83 9.22 -0.49
CA ILE A 8 8.28 8.60 0.75
C ILE A 8 9.34 7.56 0.46
N GLN A 9 10.25 7.38 1.39
CA GLN A 9 11.28 6.38 1.24
C GLN A 9 11.15 5.28 2.31
N PHE A 10 11.26 4.06 1.85
CA PHE A 10 11.13 2.84 2.65
C PHE A 10 12.18 1.81 2.26
N SER A 11 12.48 0.92 3.17
CA SER A 11 13.46 -0.13 2.96
C SER A 11 12.76 -1.36 2.35
N PRO A 12 13.36 -1.98 1.29
CA PRO A 12 12.77 -3.14 0.55
C PRO A 12 12.31 -4.32 1.44
N SER A 13 12.85 -4.43 2.64
CA SER A 13 12.53 -5.54 3.53
C SER A 13 11.24 -5.27 4.34
N ALA A 14 10.68 -4.07 4.21
CA ALA A 14 9.46 -3.74 4.89
C ALA A 14 8.28 -4.39 4.19
N LYS A 15 7.29 -4.80 4.95
CA LYS A 15 6.10 -5.43 4.38
C LYS A 15 5.06 -4.38 4.13
N LEU A 16 4.12 -4.66 3.25
CA LEU A 16 3.10 -3.69 2.83
C LEU A 16 2.31 -3.19 4.04
N GLN A 17 1.89 -4.11 4.88
CA GLN A 17 1.11 -3.80 6.06
C GLN A 17 1.91 -2.96 7.05
N GLU A 18 3.18 -3.30 7.19
CA GLU A 18 4.09 -2.62 8.12
C GLU A 18 4.25 -1.16 7.71
N VAL A 19 4.23 -0.92 6.40
CA VAL A 19 4.33 0.41 5.86
C VAL A 19 3.09 1.26 6.21
N LEU A 20 1.92 0.65 6.08
CA LEU A 20 0.66 1.37 6.30
C LEU A 20 0.52 1.84 7.74
N ASP A 21 0.81 0.94 8.69
CA ASP A 21 0.71 1.27 10.10
C ASP A 21 1.75 2.32 10.48
N TYR A 22 2.92 2.21 9.85
CA TYR A 22 4.05 3.10 10.09
C TYR A 22 3.74 4.54 9.68
N LEU A 23 2.82 4.71 8.73
CA LEU A 23 2.51 6.03 8.19
C LEU A 23 1.97 6.99 9.26
N THR A 24 0.80 6.71 9.79
CA THR A 24 0.24 7.62 10.78
C THR A 24 0.05 6.95 12.14
N ASN A 25 -0.92 6.06 12.22
CA ASN A 25 -1.26 5.38 13.47
C ASN A 25 -1.21 3.91 13.23
N SER A 26 -0.64 3.18 14.14
CA SER A 26 -0.47 1.78 13.95
C SER A 26 -1.70 0.93 14.33
N ALA A 27 -2.15 1.05 15.56
CA ALA A 27 -3.22 0.19 16.04
C ALA A 27 -4.60 0.79 15.85
N SER A 28 -4.70 2.09 15.87
CA SER A 28 -6.00 2.72 15.71
C SER A 28 -6.37 2.81 14.23
N LEU A 29 -5.37 2.89 13.39
CA LEU A 29 -5.58 3.03 11.97
C LEU A 29 -5.47 1.69 11.23
N GLN A 30 -5.35 0.58 11.96
CA GLN A 30 -5.05 -0.71 11.30
C GLN A 30 -6.06 -1.18 10.25
N MET A 31 -7.32 -0.85 10.43
CA MET A 31 -8.34 -1.23 9.47
C MET A 31 -8.82 0.01 8.72
N LYS A 32 -8.65 1.15 9.35
CA LYS A 32 -9.05 2.46 8.81
C LYS A 32 -7.97 2.99 7.85
N SER A 33 -6.95 2.19 7.68
CA SER A 33 -5.76 2.54 6.95
C SER A 33 -6.00 2.66 5.46
N PRO A 34 -5.22 3.55 4.80
CA PRO A 34 -5.24 3.76 3.36
C PRO A 34 -5.12 2.47 2.59
N ALA A 35 -5.69 2.46 1.42
CA ALA A 35 -5.69 1.30 0.60
C ALA A 35 -4.86 1.54 -0.61
N ILE A 36 -4.00 0.60 -0.90
CA ILE A 36 -3.12 0.69 -2.01
C ILE A 36 -3.56 -0.30 -3.05
N THR A 37 -3.82 0.19 -4.21
CA THR A 37 -4.22 -0.64 -5.31
C THR A 37 -3.39 -0.19 -6.49
N ALA A 38 -2.93 -1.12 -7.26
CA ALA A 38 -2.16 -0.78 -8.44
C ALA A 38 -2.65 -1.53 -9.64
N THR A 39 -2.77 -0.87 -10.75
CA THR A 39 -3.22 -1.51 -11.95
C THR A 39 -2.05 -1.77 -12.88
N LEU A 40 -1.94 -2.97 -13.36
CA LEU A 40 -0.89 -3.35 -14.27
C LEU A 40 -1.50 -4.12 -15.40
N GLU A 41 -1.18 -3.72 -16.61
CA GLU A 41 -1.63 -4.38 -17.85
C GLU A 41 -3.20 -4.49 -17.86
N GLY A 42 -3.84 -3.48 -17.31
CA GLY A 42 -5.29 -3.44 -17.27
C GLY A 42 -5.89 -4.30 -16.15
N LYS A 43 -5.05 -5.02 -15.43
CA LYS A 43 -5.51 -5.84 -14.32
C LYS A 43 -5.23 -5.10 -13.04
N ASN A 44 -6.07 -5.29 -12.07
CA ASN A 44 -5.87 -4.64 -10.81
C ASN A 44 -5.17 -5.57 -9.85
N ARG A 45 -4.10 -5.12 -9.28
CA ARG A 45 -3.44 -5.84 -8.26
C ARG A 45 -3.73 -5.09 -7.00
N THR A 46 -4.36 -5.70 -6.07
CA THR A 46 -4.67 -5.02 -4.89
C THR A 46 -3.64 -5.37 -3.83
N LEU A 47 -3.03 -4.36 -3.25
CA LEU A 47 -2.02 -4.56 -2.23
C LEU A 47 -2.63 -4.48 -0.86
N TYR A 48 -3.73 -3.77 -0.76
CA TYR A 48 -4.42 -3.59 0.52
C TYR A 48 -5.37 -4.74 0.87
N LEU A 49 -6.18 -5.15 -0.09
CA LEU A 49 -7.19 -6.17 0.14
C LEU A 49 -6.53 -7.52 0.41
N GLN A 50 -7.12 -8.27 1.33
CA GLN A 50 -6.59 -9.56 1.79
C GLN A 50 -6.46 -10.60 0.68
N SER A 51 -7.23 -10.43 -0.39
CA SER A 51 -7.16 -11.27 -1.58
C SER A 51 -7.80 -12.66 -1.35
N VAL A 52 -8.63 -12.79 -0.30
CA VAL A 52 -9.30 -14.08 -0.04
C VAL A 52 -10.31 -14.41 -1.14
N THR A 53 -10.63 -13.39 -1.92
CA THR A 53 -11.50 -13.51 -3.06
C THR A 53 -10.83 -14.32 -4.20
N SER A 54 -9.51 -14.51 -4.10
CA SER A 54 -8.80 -15.34 -5.06
C SER A 54 -8.98 -16.80 -4.65
N ILE A 55 -8.77 -17.06 -3.36
CA ILE A 55 -8.89 -18.38 -2.78
C ILE A 55 -8.71 -18.25 -1.25
N GLU A 56 -9.49 -18.99 -0.49
CA GLU A 56 -9.37 -18.95 0.95
C GLU A 56 -8.20 -19.80 1.41
N GLU A 57 -7.08 -19.16 1.53
CA GLU A 57 -5.83 -19.75 1.95
C GLU A 57 -4.88 -18.60 2.11
N ARG A 58 -4.83 -17.79 1.08
CA ARG A 58 -4.04 -16.60 1.10
C ARG A 58 -4.90 -15.50 1.73
N THR A 59 -4.75 -15.35 3.02
CA THR A 59 -5.53 -14.41 3.80
C THR A 59 -4.93 -13.02 3.81
N ARG A 60 -3.69 -12.93 3.40
CA ARG A 60 -2.99 -11.69 3.25
C ARG A 60 -1.62 -11.94 2.63
N PRO A 61 -1.58 -12.41 1.37
CA PRO A 61 -0.32 -12.76 0.73
C PRO A 61 0.51 -11.51 0.46
N ASN A 62 -0.18 -10.46 0.12
CA ASN A 62 0.43 -9.18 -0.18
C ASN A 62 1.00 -8.52 1.07
N LEU A 63 0.23 -8.54 2.14
CA LEU A 63 0.63 -7.94 3.40
C LEU A 63 1.78 -8.70 4.04
N SER A 64 1.90 -9.98 3.71
CA SER A 64 2.92 -10.82 4.32
C SER A 64 4.25 -10.75 3.59
N LYS A 65 4.22 -10.15 2.43
CA LYS A 65 5.40 -10.02 1.63
C LYS A 65 6.02 -8.68 1.81
N THR A 66 7.27 -8.58 1.46
CA THR A 66 7.94 -7.34 1.52
C THR A 66 7.62 -6.59 0.25
N LEU A 67 7.91 -5.31 0.23
CA LEU A 67 7.73 -4.50 -0.95
C LEU A 67 8.50 -5.09 -2.13
N LYS A 68 9.66 -5.66 -1.82
CA LYS A 68 10.51 -6.26 -2.82
C LYS A 68 9.82 -7.49 -3.48
N GLU A 69 9.23 -8.38 -2.65
CA GLU A 69 8.48 -9.56 -3.19
C GLU A 69 7.22 -9.14 -3.93
N LEU A 70 6.70 -7.99 -3.60
CA LEU A 70 5.49 -7.51 -4.25
C LEU A 70 5.79 -6.95 -5.62
N GLY A 71 7.07 -6.80 -5.93
CA GLY A 71 7.43 -6.29 -7.23
C GLY A 71 7.37 -4.79 -7.27
N LEU A 72 7.40 -4.19 -6.10
CA LEU A 72 7.29 -2.76 -5.99
C LEU A 72 8.65 -2.20 -6.37
N VAL A 73 8.67 -1.06 -7.05
CA VAL A 73 9.91 -0.47 -7.51
C VAL A 73 10.00 0.99 -7.11
N ASP A 74 11.20 1.48 -6.99
CA ASP A 74 11.45 2.87 -6.67
C ASP A 74 11.00 3.78 -7.81
N GLY A 75 10.27 4.81 -7.47
CA GLY A 75 9.80 5.75 -8.46
C GLY A 75 8.37 5.46 -8.86
N GLN A 76 7.86 4.35 -8.41
CA GLN A 76 6.52 3.91 -8.76
C GLN A 76 5.52 4.67 -7.97
N GLU A 77 4.45 5.06 -8.63
CA GLU A 77 3.42 5.80 -8.00
C GLU A 77 2.25 4.93 -7.69
N LEU A 78 1.90 4.92 -6.46
CA LEU A 78 0.82 4.14 -5.94
C LEU A 78 -0.41 5.00 -5.81
N ALA A 79 -1.55 4.44 -6.16
CA ALA A 79 -2.78 5.16 -6.06
C ALA A 79 -3.47 4.71 -4.81
N VAL A 80 -3.64 5.62 -3.91
CA VAL A 80 -4.15 5.33 -2.62
C VAL A 80 -5.46 6.04 -2.34
N ALA A 81 -6.39 5.29 -1.84
CA ALA A 81 -7.68 5.77 -1.45
C ALA A 81 -7.90 5.26 -0.05
N ASP A 82 -8.60 5.97 0.74
CA ASP A 82 -8.80 5.54 2.12
C ASP A 82 -10.23 5.30 2.36
N VAL A 83 -10.52 4.58 3.41
CA VAL A 83 -11.88 4.42 3.85
C VAL A 83 -12.22 5.63 4.73
N THR A 84 -11.17 6.22 5.25
CA THR A 84 -11.23 7.36 6.13
C THR A 84 -11.19 8.69 5.33
N THR A 85 -10.68 8.63 4.12
CA THR A 85 -10.54 9.82 3.29
C THR A 85 -11.36 9.64 2.00
N PRO A 86 -12.23 10.61 1.66
CA PRO A 86 -13.02 10.56 0.42
C PRO A 86 -12.22 11.00 -0.82
N GLN A 87 -11.00 11.44 -0.60
CA GLN A 87 -10.14 11.87 -1.68
C GLN A 87 -9.04 10.84 -1.93
N THR A 88 -8.44 10.90 -3.10
CA THR A 88 -7.38 10.00 -3.47
C THR A 88 -6.02 10.67 -3.41
N VAL A 89 -5.07 9.97 -2.87
CA VAL A 89 -3.73 10.45 -2.72
C VAL A 89 -2.75 9.55 -3.44
N LEU A 90 -1.79 10.13 -4.11
CA LEU A 90 -0.79 9.37 -4.84
C LEU A 90 0.51 9.36 -4.06
N PHE A 91 1.20 8.25 -4.08
CA PHE A 91 2.48 8.14 -3.38
C PHE A 91 3.58 7.64 -4.29
N LYS A 92 4.73 8.23 -4.15
CA LYS A 92 5.93 7.78 -4.83
C LYS A 92 6.77 7.01 -3.83
N LEU A 93 7.02 5.77 -4.11
CA LEU A 93 7.73 4.92 -3.20
C LEU A 93 9.19 4.87 -3.64
N HIS A 94 10.04 5.23 -2.75
CA HIS A 94 11.46 5.30 -2.95
C HIS A 94 12.13 4.34 -2.01
N PHE A 95 13.01 3.51 -2.51
CA PHE A 95 13.66 2.56 -1.64
C PHE A 95 14.99 3.08 -1.18
N THR A 96 15.07 3.24 0.12
CA THR A 96 16.26 3.73 0.74
C THR A 96 17.01 2.57 1.41
N SER A 97 18.31 2.67 1.42
CA SER A 97 19.16 1.72 2.07
C SER A 97 20.42 2.43 2.53
N GLY A 1 -2.11 18.81 3.25
CA GLY A 1 -2.64 17.55 2.72
C GLY A 1 -2.70 17.60 1.22
N SER A 2 -2.23 16.58 0.57
CA SER A 2 -2.22 16.57 -0.86
C SER A 2 -2.83 15.29 -1.40
N GLN A 3 -3.62 15.41 -2.45
CA GLN A 3 -4.11 14.22 -3.16
C GLN A 3 -3.14 13.93 -4.29
N LEU A 4 -2.28 14.92 -4.53
CA LEU A 4 -1.18 14.81 -5.47
C LEU A 4 -0.18 13.88 -4.86
N PRO A 5 0.57 13.11 -5.68
CA PRO A 5 1.49 12.11 -5.17
C PRO A 5 2.38 12.61 -4.03
N GLN A 6 2.49 11.79 -3.05
CA GLN A 6 3.30 12.01 -1.92
C GLN A 6 4.51 11.12 -2.05
N ASN A 7 5.66 11.59 -1.70
CA ASN A 7 6.83 10.75 -1.87
C ASN A 7 7.25 10.16 -0.54
N ILE A 8 7.55 8.89 -0.58
CA ILE A 8 7.94 8.12 0.57
C ILE A 8 9.01 7.12 0.19
N GLN A 9 9.94 6.92 1.08
CA GLN A 9 10.99 5.99 0.85
C GLN A 9 10.94 4.84 1.85
N PHE A 10 11.09 3.65 1.32
CA PHE A 10 11.01 2.41 2.08
C PHE A 10 12.08 1.44 1.65
N SER A 11 12.40 0.54 2.53
CA SER A 11 13.37 -0.47 2.26
C SER A 11 12.66 -1.70 1.65
N PRO A 12 13.25 -2.29 0.58
CA PRO A 12 12.67 -3.46 -0.14
C PRO A 12 12.31 -4.65 0.79
N SER A 13 12.94 -4.71 1.92
CA SER A 13 12.75 -5.79 2.87
C SER A 13 11.56 -5.54 3.82
N ALA A 14 10.96 -4.35 3.73
CA ALA A 14 9.83 -4.01 4.58
C ALA A 14 8.59 -4.69 4.06
N LYS A 15 7.74 -5.10 4.98
CA LYS A 15 6.50 -5.76 4.62
C LYS A 15 5.43 -4.73 4.40
N LEU A 16 4.49 -5.06 3.54
CA LEU A 16 3.42 -4.14 3.18
C LEU A 16 2.62 -3.68 4.40
N GLN A 17 2.36 -4.58 5.33
CA GLN A 17 1.62 -4.25 6.55
C GLN A 17 2.39 -3.18 7.34
N GLU A 18 3.71 -3.31 7.37
CA GLU A 18 4.57 -2.35 8.06
C GLU A 18 4.47 -0.98 7.41
N VAL A 19 4.29 -0.96 6.10
CA VAL A 19 4.15 0.27 5.34
C VAL A 19 2.90 1.03 5.82
N LEU A 20 1.82 0.31 6.07
CA LEU A 20 0.60 0.92 6.60
C LEU A 20 0.80 1.34 8.05
N ASP A 21 1.43 0.48 8.81
CA ASP A 21 1.73 0.71 10.24
C ASP A 21 2.56 1.99 10.43
N TYR A 22 3.60 2.10 9.63
CA TYR A 22 4.49 3.25 9.62
C TYR A 22 3.86 4.49 8.97
N LEU A 23 2.91 4.27 8.08
CA LEU A 23 2.40 5.32 7.17
C LEU A 23 1.90 6.54 7.93
N THR A 24 0.86 6.39 8.65
CA THR A 24 0.36 7.48 9.40
C THR A 24 0.39 7.17 10.89
N ASN A 25 -0.47 6.27 11.29
CA ASN A 25 -0.56 5.86 12.68
C ASN A 25 -0.50 4.36 12.73
N SER A 26 0.11 3.81 13.74
CA SER A 26 0.21 2.38 13.84
C SER A 26 -1.02 1.71 14.46
N ALA A 27 -1.38 2.12 15.66
CA ALA A 27 -2.41 1.39 16.43
C ALA A 27 -3.85 1.81 16.11
N SER A 28 -4.06 3.07 15.89
CA SER A 28 -5.41 3.57 15.64
C SER A 28 -5.80 3.41 14.19
N LEU A 29 -4.81 3.15 13.35
CA LEU A 29 -5.06 3.01 11.94
C LEU A 29 -5.21 1.52 11.57
N GLN A 30 -5.27 0.64 12.57
CA GLN A 30 -5.33 -0.80 12.27
C GLN A 30 -6.64 -1.18 11.56
N MET A 31 -7.72 -0.52 11.92
CA MET A 31 -9.02 -0.76 11.28
C MET A 31 -9.32 0.36 10.30
N LYS A 32 -8.82 1.52 10.63
CA LYS A 32 -9.02 2.75 9.86
C LYS A 32 -8.13 2.80 8.64
N SER A 33 -7.35 1.77 8.40
CA SER A 33 -6.34 1.81 7.39
C SER A 33 -6.95 1.81 6.00
N PRO A 34 -6.37 2.62 5.14
CA PRO A 34 -6.73 2.72 3.75
C PRO A 34 -6.11 1.57 2.97
N ALA A 35 -6.62 1.29 1.81
CA ALA A 35 -6.11 0.22 1.03
C ALA A 35 -5.43 0.79 -0.18
N ILE A 36 -4.28 0.25 -0.48
CA ILE A 36 -3.44 0.76 -1.51
C ILE A 36 -3.45 -0.18 -2.69
N THR A 37 -3.69 0.36 -3.84
CA THR A 37 -3.71 -0.40 -5.04
C THR A 37 -2.76 0.26 -6.02
N ALA A 38 -2.02 -0.51 -6.73
CA ALA A 38 -1.12 0.04 -7.71
C ALA A 38 -1.37 -0.54 -9.05
N THR A 39 -1.18 0.23 -10.05
CA THR A 39 -1.33 -0.23 -11.36
C THR A 39 0.04 -0.54 -11.94
N LEU A 40 0.20 -1.78 -12.31
CA LEU A 40 1.45 -2.30 -12.81
C LEU A 40 1.16 -3.13 -14.04
N GLU A 41 1.87 -2.85 -15.13
CA GLU A 41 1.72 -3.58 -16.42
C GLU A 41 0.27 -3.55 -16.90
N GLY A 42 -0.40 -2.43 -16.65
CA GLY A 42 -1.79 -2.24 -17.06
C GLY A 42 -2.79 -2.94 -16.15
N LYS A 43 -2.28 -3.68 -15.20
CA LYS A 43 -3.10 -4.47 -14.30
C LYS A 43 -3.16 -3.78 -12.94
N ASN A 44 -4.27 -3.91 -12.25
CA ASN A 44 -4.37 -3.34 -10.92
C ASN A 44 -3.92 -4.38 -9.93
N ARG A 45 -2.91 -4.08 -9.20
CA ARG A 45 -2.44 -4.96 -8.19
C ARG A 45 -2.71 -4.36 -6.82
N THR A 46 -3.42 -5.04 -6.00
CA THR A 46 -3.74 -4.54 -4.71
C THR A 46 -2.60 -4.86 -3.75
N LEU A 47 -2.04 -3.85 -3.11
CA LEU A 47 -1.00 -4.09 -2.16
C LEU A 47 -1.62 -4.36 -0.83
N TYR A 48 -2.65 -3.62 -0.52
CA TYR A 48 -3.34 -3.85 0.73
C TYR A 48 -4.73 -4.35 0.45
N LEU A 49 -4.87 -5.64 0.57
CA LEU A 49 -6.13 -6.29 0.37
C LEU A 49 -6.93 -6.09 1.65
N GLN A 50 -8.07 -5.46 1.55
CA GLN A 50 -8.88 -5.17 2.74
C GLN A 50 -9.99 -6.18 2.94
N SER A 51 -10.48 -6.71 1.84
CA SER A 51 -11.61 -7.62 1.83
C SER A 51 -11.35 -8.90 2.62
N VAL A 52 -12.05 -9.05 3.71
CA VAL A 52 -11.95 -10.23 4.51
C VAL A 52 -13.30 -10.93 4.57
N THR A 53 -13.56 -11.70 3.55
CA THR A 53 -14.78 -12.45 3.46
C THR A 53 -14.69 -13.67 4.35
N SER A 54 -13.59 -14.34 4.26
CA SER A 54 -13.28 -15.46 5.07
C SER A 54 -12.36 -14.99 6.20
N ILE A 55 -12.85 -15.03 7.42
CA ILE A 55 -12.09 -14.51 8.53
C ILE A 55 -11.09 -15.52 9.10
N GLU A 56 -11.27 -16.78 8.76
CA GLU A 56 -10.33 -17.78 9.22
C GLU A 56 -9.10 -17.78 8.34
N GLU A 57 -7.93 -17.78 8.99
CA GLU A 57 -6.62 -17.68 8.32
C GLU A 57 -6.40 -16.30 7.73
N ARG A 58 -5.16 -15.99 7.44
CA ARG A 58 -4.83 -14.73 6.88
C ARG A 58 -5.15 -14.71 5.38
N THR A 59 -6.31 -14.15 5.06
CA THR A 59 -6.75 -14.07 3.68
C THR A 59 -6.02 -12.93 2.93
N ARG A 60 -5.18 -12.19 3.64
CA ARG A 60 -4.39 -11.16 3.00
C ARG A 60 -2.93 -11.58 2.99
N PRO A 61 -2.46 -12.25 1.95
CA PRO A 61 -1.05 -12.66 1.86
C PRO A 61 -0.16 -11.47 1.49
N ASN A 62 -0.74 -10.54 0.74
CA ASN A 62 -0.06 -9.36 0.22
C ASN A 62 0.50 -8.49 1.33
N LEU A 63 -0.21 -8.39 2.46
CA LEU A 63 0.28 -7.59 3.58
C LEU A 63 1.47 -8.25 4.27
N SER A 64 1.57 -9.57 4.11
CA SER A 64 2.63 -10.35 4.70
C SER A 64 3.85 -10.33 3.77
N LYS A 65 3.62 -9.92 2.55
CA LYS A 65 4.65 -9.83 1.56
C LYS A 65 5.33 -8.48 1.63
N THR A 66 6.50 -8.43 1.09
CA THR A 66 7.23 -7.22 1.05
C THR A 66 6.91 -6.47 -0.22
N LEU A 67 7.27 -5.23 -0.27
CA LEU A 67 7.09 -4.41 -1.47
C LEU A 67 7.86 -5.04 -2.63
N LYS A 68 9.00 -5.63 -2.30
CA LYS A 68 9.86 -6.33 -3.24
C LYS A 68 9.08 -7.54 -3.83
N GLU A 69 8.40 -8.28 -2.96
CA GLU A 69 7.57 -9.44 -3.36
C GLU A 69 6.36 -9.01 -4.17
N LEU A 70 5.91 -7.79 -3.98
CA LEU A 70 4.75 -7.29 -4.69
C LEU A 70 5.10 -6.88 -6.11
N GLY A 71 6.39 -6.80 -6.40
CA GLY A 71 6.83 -6.48 -7.73
C GLY A 71 6.84 -5.00 -7.99
N LEU A 72 6.79 -4.23 -6.93
CA LEU A 72 6.74 -2.80 -7.04
C LEU A 72 8.19 -2.29 -7.18
N VAL A 73 8.39 -1.26 -7.97
CA VAL A 73 9.72 -0.71 -8.18
C VAL A 73 9.71 0.78 -7.84
N ASP A 74 10.87 1.32 -7.50
CA ASP A 74 10.96 2.72 -7.06
C ASP A 74 10.49 3.67 -8.15
N GLY A 75 9.69 4.63 -7.75
CA GLY A 75 9.22 5.61 -8.70
C GLY A 75 7.81 5.34 -9.18
N GLN A 76 7.27 4.20 -8.84
CA GLN A 76 5.90 3.85 -9.24
C GLN A 76 4.86 4.45 -8.29
N GLU A 77 3.69 4.80 -8.84
CA GLU A 77 2.64 5.44 -8.05
C GLU A 77 1.62 4.44 -7.55
N LEU A 78 1.27 4.61 -6.31
CA LEU A 78 0.30 3.83 -5.62
C LEU A 78 -0.95 4.67 -5.47
N ALA A 79 -2.09 4.08 -5.68
CA ALA A 79 -3.35 4.76 -5.52
C ALA A 79 -4.02 4.28 -4.26
N VAL A 80 -4.21 5.16 -3.32
CA VAL A 80 -4.81 4.78 -2.08
C VAL A 80 -6.17 5.43 -1.89
N ALA A 81 -7.12 4.63 -1.51
CA ALA A 81 -8.44 5.11 -1.18
C ALA A 81 -8.65 4.82 0.28
N ASP A 82 -9.26 5.73 0.98
CA ASP A 82 -9.34 5.65 2.43
C ASP A 82 -10.78 5.54 2.90
N VAL A 83 -10.96 5.05 4.12
CA VAL A 83 -12.29 4.82 4.65
C VAL A 83 -12.92 6.08 5.25
N THR A 84 -12.09 7.00 5.71
CA THR A 84 -12.62 8.21 6.30
C THR A 84 -12.60 9.38 5.31
N THR A 85 -11.72 9.29 4.33
CA THR A 85 -11.61 10.31 3.33
C THR A 85 -11.88 9.74 1.93
N PRO A 86 -12.77 10.40 1.15
CA PRO A 86 -13.17 9.91 -0.16
C PRO A 86 -12.15 10.17 -1.27
N GLN A 87 -11.29 11.16 -1.08
CA GLN A 87 -10.32 11.50 -2.10
C GLN A 87 -9.15 10.55 -2.07
N THR A 88 -8.69 10.18 -3.22
CA THR A 88 -7.62 9.26 -3.35
C THR A 88 -6.27 9.97 -3.36
N VAL A 89 -5.36 9.46 -2.60
CA VAL A 89 -4.04 10.03 -2.54
C VAL A 89 -3.10 9.12 -3.32
N LEU A 90 -2.21 9.72 -4.06
CA LEU A 90 -1.24 8.96 -4.78
C LEU A 90 0.08 8.95 -4.02
N PHE A 91 0.77 7.85 -4.03
CA PHE A 91 2.08 7.77 -3.40
C PHE A 91 3.11 7.38 -4.41
N LYS A 92 4.30 7.87 -4.24
CA LYS A 92 5.42 7.41 -5.01
C LYS A 92 6.34 6.70 -4.05
N LEU A 93 6.56 5.44 -4.29
CA LEU A 93 7.32 4.61 -3.41
C LEU A 93 8.72 4.54 -3.95
N HIS A 94 9.64 4.91 -3.13
CA HIS A 94 11.02 4.92 -3.49
C HIS A 94 11.78 3.98 -2.60
N PHE A 95 12.56 3.10 -3.16
CA PHE A 95 13.28 2.15 -2.35
C PHE A 95 14.66 2.63 -2.07
N THR A 96 14.94 2.86 -0.84
CA THR A 96 16.24 3.23 -0.42
C THR A 96 16.94 2.04 0.25
N SER A 97 18.18 1.86 -0.04
CA SER A 97 18.97 0.87 0.60
C SER A 97 20.18 1.56 1.20
N GLY A 1 -6.88 18.23 1.46
CA GLY A 1 -5.66 17.45 1.31
C GLY A 1 -4.77 18.06 0.26
N SER A 2 -3.75 17.35 -0.11
CA SER A 2 -2.83 17.81 -1.11
C SER A 2 -3.02 16.99 -2.38
N GLN A 3 -2.88 17.64 -3.53
CA GLN A 3 -3.08 16.96 -4.80
C GLN A 3 -1.78 16.44 -5.35
N LEU A 4 -0.70 16.81 -4.71
CA LEU A 4 0.59 16.29 -5.04
C LEU A 4 0.73 14.94 -4.35
N PRO A 5 1.29 13.93 -5.02
CA PRO A 5 1.51 12.61 -4.42
C PRO A 5 2.45 12.67 -3.22
N GLN A 6 2.19 11.83 -2.25
CA GLN A 6 3.00 11.73 -1.08
C GLN A 6 4.24 10.93 -1.42
N ASN A 7 5.37 11.33 -0.94
CA ASN A 7 6.57 10.57 -1.18
C ASN A 7 6.96 9.82 0.06
N ILE A 8 7.36 8.59 -0.10
CA ILE A 8 7.75 7.75 1.01
C ILE A 8 8.94 6.88 0.62
N GLN A 9 9.92 6.78 1.50
CA GLN A 9 11.07 5.98 1.21
C GLN A 9 10.98 4.71 2.05
N PHE A 10 11.17 3.58 1.42
CA PHE A 10 11.13 2.28 2.07
C PHE A 10 12.19 1.35 1.55
N SER A 11 12.54 0.40 2.35
CA SER A 11 13.48 -0.61 1.95
C SER A 11 12.70 -1.79 1.33
N PRO A 12 13.18 -2.33 0.19
CA PRO A 12 12.51 -3.42 -0.55
C PRO A 12 12.22 -4.67 0.29
N SER A 13 12.93 -4.80 1.38
CA SER A 13 12.81 -5.91 2.28
C SER A 13 11.70 -5.69 3.34
N ALA A 14 11.11 -4.50 3.35
CA ALA A 14 10.06 -4.20 4.29
C ALA A 14 8.77 -4.85 3.86
N LYS A 15 7.99 -5.30 4.81
CA LYS A 15 6.74 -5.98 4.53
C LYS A 15 5.62 -4.95 4.37
N LEU A 16 4.68 -5.23 3.48
CA LEU A 16 3.61 -4.31 3.11
C LEU A 16 2.75 -3.88 4.32
N GLN A 17 2.34 -4.83 5.13
CA GLN A 17 1.50 -4.54 6.30
C GLN A 17 2.21 -3.61 7.28
N GLU A 18 3.51 -3.80 7.43
CA GLU A 18 4.34 -2.99 8.35
C GLU A 18 4.31 -1.53 7.90
N VAL A 19 4.23 -1.34 6.60
CA VAL A 19 4.20 -0.04 5.99
C VAL A 19 2.94 0.75 6.41
N LEU A 20 1.78 0.09 6.44
CA LEU A 20 0.52 0.77 6.76
C LEU A 20 0.52 1.35 8.17
N ASP A 21 0.94 0.55 9.12
CA ASP A 21 0.99 1.00 10.51
C ASP A 21 2.04 2.09 10.71
N TYR A 22 3.13 1.97 9.98
CA TYR A 22 4.24 2.91 10.07
C TYR A 22 3.88 4.29 9.46
N LEU A 23 2.91 4.35 8.55
CA LEU A 23 2.59 5.61 7.83
C LEU A 23 2.29 6.79 8.75
N THR A 24 1.20 6.74 9.49
CA THR A 24 0.88 7.82 10.41
C THR A 24 0.86 7.35 11.85
N ASN A 25 -0.15 6.58 12.17
CA ASN A 25 -0.32 6.01 13.50
C ASN A 25 -0.47 4.53 13.32
N SER A 26 0.02 3.74 14.22
CA SER A 26 -0.09 2.31 14.06
C SER A 26 -1.42 1.75 14.54
N ALA A 27 -1.74 1.94 15.79
CA ALA A 27 -2.93 1.34 16.36
C ALA A 27 -4.19 2.10 16.00
N SER A 28 -4.08 3.40 15.95
CA SER A 28 -5.21 4.26 15.69
C SER A 28 -5.60 4.20 14.22
N LEU A 29 -4.70 3.71 13.40
CA LEU A 29 -4.95 3.64 11.99
C LEU A 29 -5.43 2.23 11.57
N GLN A 30 -5.49 1.28 12.51
CA GLN A 30 -5.83 -0.11 12.14
C GLN A 30 -7.22 -0.26 11.48
N MET A 31 -8.20 0.51 11.92
CA MET A 31 -9.55 0.44 11.32
C MET A 31 -9.74 1.56 10.31
N LYS A 32 -8.99 2.61 10.52
CA LYS A 32 -8.98 3.80 9.67
C LYS A 32 -8.07 3.61 8.45
N SER A 33 -7.49 2.44 8.32
CA SER A 33 -6.39 2.25 7.39
C SER A 33 -6.86 2.30 5.95
N PRO A 34 -6.05 2.97 5.13
CA PRO A 34 -6.27 3.11 3.72
C PRO A 34 -5.96 1.84 2.97
N ALA A 35 -6.50 1.73 1.79
CA ALA A 35 -6.29 0.59 0.98
C ALA A 35 -5.46 0.98 -0.21
N ILE A 36 -4.45 0.19 -0.47
CA ILE A 36 -3.46 0.51 -1.46
C ILE A 36 -3.56 -0.43 -2.64
N THR A 37 -3.73 0.15 -3.80
CA THR A 37 -3.78 -0.60 -5.01
C THR A 37 -2.83 0.06 -6.03
N ALA A 38 -2.13 -0.75 -6.75
CA ALA A 38 -1.18 -0.28 -7.75
C ALA A 38 -1.42 -0.99 -9.05
N THR A 39 -1.12 -0.36 -10.14
CA THR A 39 -1.29 -0.97 -11.41
C THR A 39 0.03 -1.56 -11.86
N LEU A 40 0.02 -2.84 -12.08
CA LEU A 40 1.18 -3.59 -12.41
C LEU A 40 0.87 -4.40 -13.67
N GLU A 41 1.59 -4.09 -14.75
CA GLU A 41 1.40 -4.72 -16.07
C GLU A 41 -0.04 -4.57 -16.57
N GLY A 42 -0.64 -3.44 -16.27
CA GLY A 42 -2.00 -3.14 -16.71
C GLY A 42 -3.05 -3.78 -15.83
N LYS A 43 -2.62 -4.50 -14.84
CA LYS A 43 -3.50 -5.17 -13.93
C LYS A 43 -3.54 -4.36 -12.64
N ASN A 44 -4.66 -4.35 -11.98
CA ASN A 44 -4.72 -3.69 -10.69
C ASN A 44 -4.35 -4.70 -9.66
N ARG A 45 -3.30 -4.44 -8.95
CA ARG A 45 -2.87 -5.33 -7.95
C ARG A 45 -3.11 -4.69 -6.61
N THR A 46 -3.88 -5.34 -5.78
CA THR A 46 -4.14 -4.82 -4.48
C THR A 46 -2.99 -5.23 -3.56
N LEU A 47 -2.31 -4.27 -3.00
CA LEU A 47 -1.20 -4.59 -2.12
C LEU A 47 -1.73 -4.67 -0.73
N TYR A 48 -2.61 -3.77 -0.44
CA TYR A 48 -3.31 -3.82 0.81
C TYR A 48 -4.73 -4.11 0.48
N LEU A 49 -5.23 -5.20 1.05
CA LEU A 49 -6.55 -5.76 0.78
C LEU A 49 -7.65 -4.69 0.66
N GLN A 50 -7.95 -4.31 -0.56
CA GLN A 50 -9.02 -3.37 -0.79
C GLN A 50 -10.29 -4.14 -1.09
N SER A 51 -10.16 -5.07 -2.02
CA SER A 51 -11.23 -5.98 -2.35
C SER A 51 -11.29 -7.01 -1.23
N VAL A 52 -12.34 -6.97 -0.42
CA VAL A 52 -12.42 -7.78 0.79
C VAL A 52 -12.39 -9.29 0.50
N THR A 53 -13.22 -9.75 -0.40
CA THR A 53 -13.19 -11.14 -0.71
C THR A 53 -12.27 -11.43 -1.91
N SER A 54 -11.00 -11.22 -1.69
CA SER A 54 -10.02 -11.45 -2.68
C SER A 54 -8.90 -12.26 -2.07
N ILE A 55 -8.98 -13.54 -2.23
CA ILE A 55 -7.99 -14.45 -1.71
C ILE A 55 -7.18 -14.98 -2.88
N GLU A 56 -5.89 -15.13 -2.69
CA GLU A 56 -5.04 -15.65 -3.72
C GLU A 56 -3.86 -16.37 -3.09
N GLU A 57 -3.61 -17.61 -3.53
CA GLU A 57 -2.49 -18.45 -3.07
C GLU A 57 -2.53 -18.80 -1.58
N ARG A 58 -2.21 -17.83 -0.75
CA ARG A 58 -2.01 -18.04 0.66
C ARG A 58 -2.72 -16.96 1.49
N THR A 59 -4.02 -17.14 1.68
CA THR A 59 -4.90 -16.26 2.49
C THR A 59 -4.75 -14.74 2.13
N ARG A 60 -3.81 -14.06 2.79
CA ARG A 60 -3.49 -12.67 2.49
C ARG A 60 -2.00 -12.58 2.20
N PRO A 61 -1.60 -12.84 0.97
CA PRO A 61 -0.20 -12.90 0.61
C PRO A 61 0.43 -11.53 0.43
N ASN A 62 -0.32 -10.59 -0.12
CA ASN A 62 0.20 -9.28 -0.50
C ASN A 62 0.69 -8.52 0.70
N LEU A 63 -0.07 -8.62 1.76
CA LEU A 63 0.22 -7.94 3.00
C LEU A 63 1.42 -8.57 3.69
N SER A 64 1.65 -9.84 3.38
CA SER A 64 2.72 -10.60 3.97
C SER A 64 4.01 -10.52 3.11
N LYS A 65 3.87 -10.07 1.86
CA LYS A 65 4.99 -9.93 0.95
C LYS A 65 5.73 -8.66 1.24
N THR A 66 6.94 -8.57 0.76
CA THR A 66 7.67 -7.36 0.91
C THR A 66 7.32 -6.48 -0.27
N LEU A 67 7.66 -5.24 -0.18
CA LEU A 67 7.39 -4.28 -1.22
C LEU A 67 8.04 -4.68 -2.56
N LYS A 68 9.24 -5.27 -2.49
CA LYS A 68 9.95 -5.67 -3.70
C LYS A 68 9.23 -6.82 -4.39
N GLU A 69 8.82 -7.84 -3.60
CA GLU A 69 8.09 -9.01 -4.15
C GLU A 69 6.75 -8.62 -4.78
N LEU A 70 6.20 -7.51 -4.36
CA LEU A 70 4.93 -7.03 -4.90
C LEU A 70 5.10 -6.40 -6.28
N GLY A 71 6.33 -6.30 -6.73
CA GLY A 71 6.61 -5.82 -8.07
C GLY A 71 6.68 -4.32 -8.16
N LEU A 72 6.73 -3.66 -7.04
CA LEU A 72 6.82 -2.21 -7.04
C LEU A 72 8.25 -1.75 -7.15
N VAL A 73 8.43 -0.64 -7.84
CA VAL A 73 9.75 -0.08 -8.06
C VAL A 73 9.78 1.36 -7.59
N ASP A 74 10.97 1.89 -7.42
CA ASP A 74 11.16 3.26 -6.97
C ASP A 74 10.57 4.24 -7.96
N GLY A 75 9.73 5.10 -7.44
CA GLY A 75 9.12 6.12 -8.26
C GLY A 75 7.74 5.74 -8.69
N GLN A 76 7.35 4.49 -8.46
CA GLN A 76 6.04 4.01 -8.85
C GLN A 76 4.99 4.71 -8.00
N GLU A 77 3.88 5.02 -8.61
CA GLU A 77 2.83 5.75 -7.97
C GLU A 77 1.66 4.81 -7.62
N LEU A 78 1.37 4.77 -6.36
CA LEU A 78 0.35 3.91 -5.77
C LEU A 78 -0.91 4.71 -5.55
N ALA A 79 -2.05 4.10 -5.80
CA ALA A 79 -3.31 4.77 -5.60
C ALA A 79 -3.91 4.28 -4.29
N VAL A 80 -4.04 5.17 -3.36
CA VAL A 80 -4.47 4.83 -2.04
C VAL A 80 -5.75 5.57 -1.67
N ALA A 81 -6.72 4.84 -1.22
CA ALA A 81 -8.00 5.39 -0.84
C ALA A 81 -8.26 5.10 0.62
N ASP A 82 -8.95 5.97 1.29
CA ASP A 82 -9.24 5.79 2.71
C ASP A 82 -10.71 5.66 2.86
N VAL A 83 -11.13 5.14 3.98
CA VAL A 83 -12.55 5.00 4.26
C VAL A 83 -13.15 6.34 4.66
N THR A 84 -12.32 7.23 5.15
CA THR A 84 -12.74 8.54 5.58
C THR A 84 -12.52 9.63 4.51
N THR A 85 -11.69 9.33 3.53
CA THR A 85 -11.30 10.33 2.55
C THR A 85 -12.12 10.15 1.26
N PRO A 86 -12.73 11.23 0.75
CA PRO A 86 -13.54 11.20 -0.48
C PRO A 86 -12.69 11.40 -1.75
N GLN A 87 -11.42 11.10 -1.67
CA GLN A 87 -10.53 11.25 -2.80
C GLN A 87 -9.42 10.23 -2.71
N THR A 88 -8.76 10.01 -3.81
CA THR A 88 -7.66 9.08 -3.86
C THR A 88 -6.36 9.83 -3.64
N VAL A 89 -5.57 9.36 -2.72
CA VAL A 89 -4.31 9.97 -2.43
C VAL A 89 -3.24 9.13 -3.11
N LEU A 90 -2.37 9.77 -3.82
CA LEU A 90 -1.34 9.05 -4.53
C LEU A 90 -0.05 9.09 -3.75
N PHE A 91 0.65 7.99 -3.77
CA PHE A 91 1.92 7.86 -3.08
C PHE A 91 2.98 7.37 -4.04
N LYS A 92 4.14 7.93 -3.96
CA LYS A 92 5.26 7.44 -4.69
C LYS A 92 6.18 6.69 -3.76
N LEU A 93 6.45 5.48 -4.10
CA LEU A 93 7.22 4.58 -3.28
C LEU A 93 8.63 4.57 -3.78
N HIS A 94 9.53 4.88 -2.90
CA HIS A 94 10.91 4.99 -3.21
C HIS A 94 11.71 3.98 -2.44
N PHE A 95 12.53 3.24 -3.11
CA PHE A 95 13.28 2.16 -2.48
C PHE A 95 14.74 2.52 -2.30
N THR A 96 15.28 2.19 -1.15
CA THR A 96 16.69 2.32 -0.91
C THR A 96 17.36 0.98 -1.23
N SER A 97 18.47 1.02 -1.89
CA SER A 97 19.20 -0.17 -2.23
C SER A 97 20.65 0.22 -2.49
N GLY A 1 -6.52 15.44 2.20
CA GLY A 1 -5.63 14.90 1.18
C GLY A 1 -4.69 15.94 0.67
N SER A 2 -3.93 15.60 -0.33
CA SER A 2 -3.00 16.52 -0.91
C SER A 2 -3.22 16.52 -2.42
N GLN A 3 -2.94 17.62 -3.07
CA GLN A 3 -3.11 17.68 -4.51
C GLN A 3 -1.78 17.32 -5.17
N LEU A 4 -0.73 17.41 -4.39
CA LEU A 4 0.56 16.95 -4.81
C LEU A 4 0.71 15.49 -4.40
N PRO A 5 1.24 14.63 -5.28
CA PRO A 5 1.48 13.25 -4.93
C PRO A 5 2.58 13.17 -3.85
N GLN A 6 2.38 12.30 -2.90
CA GLN A 6 3.32 12.16 -1.80
C GLN A 6 4.31 11.06 -2.07
N ASN A 7 5.53 11.30 -1.72
CA ASN A 7 6.57 10.31 -1.92
C ASN A 7 6.92 9.65 -0.63
N ILE A 8 7.09 8.37 -0.68
CA ILE A 8 7.48 7.59 0.46
C ILE A 8 8.66 6.72 0.09
N GLN A 9 9.56 6.52 1.01
CA GLN A 9 10.71 5.70 0.73
C GLN A 9 10.81 4.57 1.73
N PHE A 10 10.99 3.40 1.21
CA PHE A 10 11.05 2.19 1.99
C PHE A 10 12.11 1.25 1.49
N SER A 11 12.56 0.41 2.34
CA SER A 11 13.50 -0.59 2.00
C SER A 11 12.70 -1.81 1.54
N PRO A 12 13.11 -2.45 0.42
CA PRO A 12 12.42 -3.63 -0.17
C PRO A 12 12.17 -4.78 0.82
N SER A 13 12.83 -4.73 1.95
CA SER A 13 12.70 -5.75 2.98
C SER A 13 11.49 -5.47 3.90
N ALA A 14 10.90 -4.29 3.75
CA ALA A 14 9.73 -3.94 4.51
C ALA A 14 8.49 -4.61 3.94
N LYS A 15 7.54 -4.90 4.79
CA LYS A 15 6.29 -5.50 4.39
C LYS A 15 5.30 -4.40 4.08
N LEU A 16 4.28 -4.72 3.29
CA LEU A 16 3.25 -3.74 2.92
C LEU A 16 2.54 -3.24 4.19
N GLN A 17 2.27 -4.16 5.11
CA GLN A 17 1.62 -3.85 6.37
C GLN A 17 2.49 -2.90 7.21
N GLU A 18 3.81 -3.11 7.16
CA GLU A 18 4.75 -2.26 7.87
C GLU A 18 4.71 -0.84 7.32
N VAL A 19 4.47 -0.73 6.02
CA VAL A 19 4.33 0.56 5.36
C VAL A 19 3.16 1.35 5.94
N LEU A 20 2.03 0.69 6.14
CA LEU A 20 0.84 1.36 6.68
C LEU A 20 1.02 1.71 8.13
N ASP A 21 1.61 0.80 8.87
CA ASP A 21 1.87 0.99 10.29
C ASP A 21 2.77 2.19 10.52
N TYR A 22 3.83 2.26 9.75
CA TYR A 22 4.78 3.36 9.81
C TYR A 22 4.21 4.65 9.23
N LEU A 23 3.27 4.52 8.29
CA LEU A 23 2.77 5.66 7.54
C LEU A 23 2.14 6.68 8.46
N THR A 24 1.04 6.31 9.06
CA THR A 24 0.40 7.22 9.95
C THR A 24 0.29 6.68 11.38
N ASN A 25 -0.60 5.74 11.58
CA ASN A 25 -0.84 5.17 12.92
C ASN A 25 -0.83 3.66 12.92
N SER A 26 -0.46 3.07 14.02
CA SER A 26 -0.59 1.65 14.19
C SER A 26 -1.99 1.28 14.64
N ALA A 27 -2.41 1.84 15.77
CA ALA A 27 -3.66 1.45 16.37
C ALA A 27 -4.79 2.36 15.97
N SER A 28 -4.52 3.64 15.87
CA SER A 28 -5.54 4.61 15.54
C SER A 28 -5.96 4.49 14.08
N LEU A 29 -5.12 3.84 13.30
CA LEU A 29 -5.37 3.67 11.90
C LEU A 29 -5.98 2.29 11.60
N GLN A 30 -6.28 1.49 12.63
CA GLN A 30 -6.71 0.11 12.36
C GLN A 30 -8.00 -0.07 11.53
N MET A 31 -8.98 0.79 11.73
CA MET A 31 -10.19 0.68 10.89
C MET A 31 -10.24 1.81 9.90
N LYS A 32 -9.43 2.82 10.16
CA LYS A 32 -9.24 3.96 9.29
C LYS A 32 -8.25 3.64 8.19
N SER A 33 -7.79 2.40 8.18
CA SER A 33 -6.64 2.03 7.39
C SER A 33 -6.95 2.07 5.91
N PRO A 34 -6.00 2.60 5.15
CA PRO A 34 -6.11 2.70 3.72
C PRO A 34 -5.92 1.37 3.04
N ALA A 35 -6.43 1.29 1.87
CA ALA A 35 -6.26 0.17 1.04
C ALA A 35 -5.47 0.62 -0.15
N ILE A 36 -4.45 -0.13 -0.50
CA ILE A 36 -3.57 0.27 -1.55
C ILE A 36 -3.70 -0.69 -2.69
N THR A 37 -4.01 -0.17 -3.83
CA THR A 37 -4.08 -0.95 -5.03
C THR A 37 -3.30 -0.21 -6.10
N ALA A 38 -2.56 -0.92 -6.89
CA ALA A 38 -1.76 -0.26 -7.89
C ALA A 38 -1.96 -0.86 -9.24
N THR A 39 -2.06 -0.01 -10.20
CA THR A 39 -2.13 -0.43 -11.55
C THR A 39 -0.77 -0.20 -12.17
N LEU A 40 -0.17 -1.23 -12.67
CA LEU A 40 1.14 -1.15 -13.27
C LEU A 40 1.13 -1.88 -14.57
N GLU A 41 1.64 -1.23 -15.61
CA GLU A 41 1.69 -1.76 -16.98
C GLU A 41 0.24 -2.11 -17.44
N GLY A 42 -0.71 -1.30 -16.97
CA GLY A 42 -2.10 -1.51 -17.31
C GLY A 42 -2.75 -2.66 -16.55
N LYS A 43 -1.98 -3.36 -15.75
CA LYS A 43 -2.48 -4.49 -15.00
C LYS A 43 -2.72 -4.10 -13.56
N ASN A 44 -3.77 -4.60 -12.98
CA ASN A 44 -4.11 -4.27 -11.60
C ASN A 44 -3.43 -5.23 -10.64
N ARG A 45 -2.63 -4.70 -9.77
CA ARG A 45 -1.87 -5.46 -8.79
C ARG A 45 -2.38 -5.31 -7.39
N THR A 46 -2.54 -6.42 -6.74
CA THR A 46 -3.00 -6.48 -5.40
C THR A 46 -1.84 -6.15 -4.44
N LEU A 47 -1.99 -5.09 -3.68
CA LEU A 47 -1.04 -4.78 -2.61
C LEU A 47 -1.65 -4.99 -1.26
N TYR A 48 -2.89 -4.62 -1.11
CA TYR A 48 -3.55 -4.72 0.17
C TYR A 48 -4.77 -5.63 0.10
N LEU A 49 -5.36 -5.71 -1.10
CA LEU A 49 -6.62 -6.41 -1.34
C LEU A 49 -7.75 -5.61 -0.68
N GLN A 50 -8.19 -4.58 -1.38
CA GLN A 50 -9.18 -3.64 -0.87
C GLN A 50 -10.54 -4.30 -0.70
N SER A 51 -11.15 -4.64 -1.80
CA SER A 51 -12.39 -5.35 -1.76
C SER A 51 -12.09 -6.78 -2.18
N VAL A 52 -13.12 -7.57 -2.48
CA VAL A 52 -12.99 -8.97 -2.87
C VAL A 52 -12.60 -9.82 -1.62
N THR A 53 -12.58 -9.16 -0.48
CA THR A 53 -12.26 -9.79 0.77
C THR A 53 -13.57 -10.45 1.29
N SER A 54 -13.45 -11.37 2.25
CA SER A 54 -14.59 -12.11 2.83
C SER A 54 -15.13 -13.19 1.88
N ILE A 55 -15.42 -12.81 0.62
CA ILE A 55 -15.81 -13.80 -0.39
C ILE A 55 -14.61 -14.69 -0.70
N GLU A 56 -13.45 -14.07 -0.63
CA GLU A 56 -12.20 -14.74 -0.72
C GLU A 56 -11.62 -14.81 0.67
N GLU A 57 -11.63 -15.98 1.27
CA GLU A 57 -11.02 -16.14 2.57
C GLU A 57 -9.53 -16.24 2.36
N ARG A 58 -8.89 -15.13 2.49
CA ARG A 58 -7.49 -15.04 2.25
C ARG A 58 -6.90 -14.20 3.36
N THR A 59 -5.79 -14.61 3.90
CA THR A 59 -5.15 -13.94 5.04
C THR A 59 -4.39 -12.68 4.58
N ARG A 60 -4.56 -12.32 3.30
CA ARG A 60 -3.84 -11.22 2.66
C ARG A 60 -2.33 -11.42 2.81
N PRO A 61 -1.73 -12.30 1.98
CA PRO A 61 -0.29 -12.63 2.07
C PRO A 61 0.56 -11.42 1.77
N ASN A 62 0.02 -10.53 0.97
CA ASN A 62 0.71 -9.33 0.50
C ASN A 62 1.16 -8.48 1.68
N LEU A 63 0.36 -8.48 2.73
CA LEU A 63 0.66 -7.73 3.94
C LEU A 63 1.84 -8.33 4.70
N SER A 64 2.00 -9.62 4.57
CA SER A 64 3.03 -10.34 5.30
C SER A 64 4.32 -10.41 4.47
N LYS A 65 4.17 -10.28 3.18
CA LYS A 65 5.27 -10.35 2.26
C LYS A 65 5.91 -9.00 2.07
N THR A 66 7.11 -9.00 1.59
CA THR A 66 7.84 -7.78 1.45
C THR A 66 7.48 -7.07 0.15
N LEU A 67 7.85 -5.80 0.08
CA LEU A 67 7.55 -4.94 -1.07
C LEU A 67 8.19 -5.47 -2.34
N LYS A 68 9.37 -6.04 -2.20
CA LYS A 68 10.10 -6.61 -3.33
C LYS A 68 9.31 -7.76 -3.96
N GLU A 69 8.75 -8.59 -3.10
CA GLU A 69 7.97 -9.76 -3.54
C GLU A 69 6.68 -9.34 -4.23
N LEU A 70 6.18 -8.17 -3.88
CA LEU A 70 4.90 -7.71 -4.39
C LEU A 70 5.01 -7.16 -5.79
N GLY A 71 6.23 -6.96 -6.26
CA GLY A 71 6.42 -6.52 -7.63
C GLY A 71 6.45 -5.02 -7.80
N LEU A 72 6.69 -4.31 -6.73
CA LEU A 72 6.76 -2.86 -6.83
C LEU A 72 8.17 -2.42 -7.12
N VAL A 73 8.28 -1.29 -7.77
CA VAL A 73 9.54 -0.74 -8.13
C VAL A 73 9.54 0.74 -7.72
N ASP A 74 10.70 1.33 -7.56
CA ASP A 74 10.81 2.71 -7.14
C ASP A 74 10.27 3.64 -8.20
N GLY A 75 9.47 4.59 -7.79
CA GLY A 75 8.92 5.55 -8.72
C GLY A 75 7.51 5.18 -9.13
N GLN A 76 7.08 4.00 -8.74
CA GLN A 76 5.77 3.49 -9.09
C GLN A 76 4.72 4.34 -8.33
N GLU A 77 3.59 4.62 -8.97
CA GLU A 77 2.53 5.41 -8.39
C GLU A 77 1.44 4.49 -7.82
N LEU A 78 1.22 4.62 -6.54
CA LEU A 78 0.26 3.82 -5.81
C LEU A 78 -0.99 4.61 -5.57
N ALA A 79 -2.13 3.97 -5.70
CA ALA A 79 -3.37 4.63 -5.43
C ALA A 79 -3.85 4.18 -4.07
N VAL A 80 -3.91 5.11 -3.16
CA VAL A 80 -4.23 4.83 -1.80
C VAL A 80 -5.55 5.48 -1.43
N ALA A 81 -6.47 4.69 -0.93
CA ALA A 81 -7.77 5.19 -0.55
C ALA A 81 -8.12 4.68 0.83
N ASP A 82 -8.73 5.52 1.62
CA ASP A 82 -9.12 5.16 2.97
C ASP A 82 -10.60 5.24 3.03
N VAL A 83 -11.19 4.54 3.95
CA VAL A 83 -12.64 4.60 4.11
C VAL A 83 -13.00 5.89 4.88
N THR A 84 -12.03 6.37 5.62
CA THR A 84 -12.20 7.52 6.45
C THR A 84 -11.91 8.84 5.69
N THR A 85 -11.22 8.75 4.56
CA THR A 85 -10.90 9.94 3.80
C THR A 85 -11.75 10.01 2.54
N PRO A 86 -12.18 11.21 2.14
CA PRO A 86 -12.98 11.37 0.93
C PRO A 86 -12.11 11.40 -0.33
N GLN A 87 -10.84 11.67 -0.16
CA GLN A 87 -9.93 11.80 -1.27
C GLN A 87 -8.99 10.61 -1.35
N THR A 88 -8.74 10.14 -2.54
CA THR A 88 -7.74 9.13 -2.76
C THR A 88 -6.43 9.86 -3.06
N VAL A 89 -5.37 9.44 -2.45
CA VAL A 89 -4.11 10.11 -2.58
C VAL A 89 -3.11 9.20 -3.29
N LEU A 90 -2.35 9.78 -4.18
CA LEU A 90 -1.35 9.05 -4.91
C LEU A 90 -0.02 9.16 -4.21
N PHE A 91 0.57 8.03 -3.97
CA PHE A 91 1.86 7.96 -3.34
C PHE A 91 2.85 7.30 -4.28
N LYS A 92 4.06 7.71 -4.20
CA LYS A 92 5.12 7.11 -4.96
C LYS A 92 6.04 6.37 -4.03
N LEU A 93 6.30 5.13 -4.35
CA LEU A 93 7.09 4.28 -3.51
C LEU A 93 8.49 4.26 -4.04
N HIS A 94 9.40 4.65 -3.22
CA HIS A 94 10.77 4.73 -3.59
C HIS A 94 11.58 3.81 -2.73
N PHE A 95 12.37 2.98 -3.32
CA PHE A 95 13.21 2.10 -2.58
C PHE A 95 14.57 2.70 -2.47
N THR A 96 15.15 2.62 -1.32
CA THR A 96 16.46 3.14 -1.13
C THR A 96 17.50 2.12 -1.58
N SER A 97 18.52 2.59 -2.23
CA SER A 97 19.54 1.74 -2.74
C SER A 97 20.78 1.83 -1.86
N GLY A 1 -6.78 17.76 4.25
CA GLY A 1 -6.43 16.69 3.32
C GLY A 1 -5.49 17.19 2.26
N SER A 2 -4.47 16.43 1.98
CA SER A 2 -3.50 16.80 1.00
C SER A 2 -3.74 16.05 -0.29
N GLN A 3 -3.68 16.76 -1.40
CA GLN A 3 -3.94 16.15 -2.68
C GLN A 3 -2.66 15.97 -3.48
N LEU A 4 -1.59 16.53 -2.99
CA LEU A 4 -0.31 16.42 -3.64
C LEU A 4 0.31 15.04 -3.36
N PRO A 5 1.09 14.48 -4.30
CA PRO A 5 1.73 13.19 -4.08
C PRO A 5 2.85 13.29 -3.04
N GLN A 6 2.94 12.31 -2.17
CA GLN A 6 3.95 12.27 -1.15
C GLN A 6 5.00 11.23 -1.52
N ASN A 7 6.27 11.52 -1.31
CA ASN A 7 7.29 10.56 -1.65
C ASN A 7 7.79 9.88 -0.39
N ILE A 8 7.98 8.60 -0.48
CA ILE A 8 8.42 7.79 0.64
C ILE A 8 9.52 6.84 0.24
N GLN A 9 10.42 6.55 1.16
CA GLN A 9 11.51 5.64 0.88
C GLN A 9 11.36 4.40 1.74
N PHE A 10 11.50 3.26 1.11
CA PHE A 10 11.43 1.97 1.75
C PHE A 10 12.46 1.01 1.20
N SER A 11 12.80 0.05 1.99
CA SER A 11 13.68 -1.00 1.60
C SER A 11 12.81 -2.10 1.00
N PRO A 12 13.22 -2.70 -0.16
CA PRO A 12 12.47 -3.78 -0.83
C PRO A 12 12.11 -4.95 0.12
N SER A 13 12.83 -5.05 1.23
CA SER A 13 12.61 -6.11 2.20
C SER A 13 11.49 -5.74 3.20
N ALA A 14 10.91 -4.54 3.06
CA ALA A 14 9.83 -4.12 3.93
C ALA A 14 8.54 -4.81 3.58
N LYS A 15 7.77 -5.09 4.59
CA LYS A 15 6.50 -5.74 4.43
C LYS A 15 5.44 -4.70 4.18
N LEU A 16 4.42 -5.08 3.51
CA LEU A 16 3.38 -4.18 3.13
C LEU A 16 2.66 -3.58 4.36
N GLN A 17 2.38 -4.41 5.36
CA GLN A 17 1.63 -3.95 6.55
C GLN A 17 2.38 -2.87 7.32
N GLU A 18 3.70 -3.00 7.45
CA GLU A 18 4.50 -2.03 8.20
C GLU A 18 4.42 -0.65 7.54
N VAL A 19 4.29 -0.67 6.23
CA VAL A 19 4.14 0.54 5.43
C VAL A 19 2.85 1.30 5.82
N LEU A 20 1.75 0.58 6.06
CA LEU A 20 0.49 1.23 6.48
C LEU A 20 0.63 1.89 7.83
N ASP A 21 1.31 1.21 8.74
CA ASP A 21 1.55 1.73 10.08
C ASP A 21 2.38 3.01 10.00
N TYR A 22 3.31 3.02 9.07
CA TYR A 22 4.19 4.15 8.83
C TYR A 22 3.44 5.35 8.21
N LEU A 23 2.36 5.09 7.48
CA LEU A 23 1.68 6.19 6.76
C LEU A 23 1.05 7.23 7.66
N THR A 24 0.02 6.87 8.41
CA THR A 24 -0.62 7.84 9.26
C THR A 24 -0.53 7.49 10.75
N ASN A 25 -1.28 6.49 11.17
CA ASN A 25 -1.25 6.04 12.56
C ASN A 25 -0.99 4.57 12.58
N SER A 26 -0.29 4.09 13.55
CA SER A 26 -0.09 2.67 13.62
C SER A 26 -1.26 1.95 14.32
N ALA A 27 -1.57 2.33 15.55
CA ALA A 27 -2.58 1.61 16.31
C ALA A 27 -3.97 2.19 16.11
N SER A 28 -4.07 3.48 15.96
CA SER A 28 -5.36 4.13 15.81
C SER A 28 -5.92 3.92 14.41
N LEU A 29 -5.05 3.62 13.47
CA LEU A 29 -5.44 3.46 12.10
C LEU A 29 -5.66 1.98 11.72
N GLN A 30 -5.34 1.04 12.62
CA GLN A 30 -5.33 -0.37 12.19
C GLN A 30 -6.71 -0.91 11.70
N MET A 31 -7.82 -0.47 12.30
CA MET A 31 -9.17 -0.87 11.85
C MET A 31 -9.67 0.13 10.81
N LYS A 32 -9.17 1.31 10.90
CA LYS A 32 -9.48 2.43 10.02
C LYS A 32 -8.66 2.38 8.74
N SER A 33 -7.86 1.36 8.57
CA SER A 33 -6.77 1.41 7.64
C SER A 33 -7.21 1.41 6.18
N PRO A 34 -6.51 2.24 5.40
CA PRO A 34 -6.71 2.40 3.98
C PRO A 34 -6.06 1.28 3.18
N ALA A 35 -6.48 1.14 1.97
CA ALA A 35 -5.98 0.13 1.11
C ALA A 35 -5.17 0.77 0.02
N ILE A 36 -4.03 0.22 -0.23
CA ILE A 36 -3.13 0.73 -1.22
C ILE A 36 -3.07 -0.21 -2.40
N THR A 37 -3.17 0.35 -3.55
CA THR A 37 -3.20 -0.38 -4.76
C THR A 37 -2.26 0.27 -5.75
N ALA A 38 -1.53 -0.52 -6.47
CA ALA A 38 -0.60 0.01 -7.44
C ALA A 38 -0.86 -0.58 -8.81
N THR A 39 -0.59 0.20 -9.82
CA THR A 39 -0.79 -0.24 -11.16
C THR A 39 0.53 -0.70 -11.76
N LEU A 40 0.50 -1.87 -12.33
CA LEU A 40 1.64 -2.43 -12.99
C LEU A 40 1.26 -3.01 -14.35
N GLU A 41 1.89 -2.45 -15.38
CA GLU A 41 1.65 -2.84 -16.79
C GLU A 41 0.17 -2.76 -17.16
N GLY A 42 -0.50 -1.76 -16.62
CA GLY A 42 -1.90 -1.55 -16.92
C GLY A 42 -2.85 -2.40 -16.08
N LYS A 43 -2.33 -3.20 -15.18
CA LYS A 43 -3.16 -3.99 -14.29
C LYS A 43 -3.03 -3.47 -12.88
N ASN A 44 -4.12 -3.42 -12.16
CA ASN A 44 -4.08 -2.91 -10.81
C ASN A 44 -3.95 -4.04 -9.82
N ARG A 45 -2.90 -4.00 -9.05
CA ARG A 45 -2.69 -4.96 -8.00
C ARG A 45 -2.88 -4.27 -6.68
N THR A 46 -3.76 -4.76 -5.88
CA THR A 46 -3.90 -4.21 -4.60
C THR A 46 -2.84 -4.83 -3.69
N LEU A 47 -2.05 -4.00 -3.08
CA LEU A 47 -0.99 -4.47 -2.22
C LEU A 47 -1.50 -4.67 -0.83
N TYR A 48 -2.55 -3.97 -0.51
CA TYR A 48 -3.16 -4.12 0.78
C TYR A 48 -4.17 -5.27 0.73
N LEU A 49 -4.41 -5.92 1.85
CA LEU A 49 -5.41 -6.95 1.89
C LEU A 49 -6.76 -6.24 1.99
N GLN A 50 -7.30 -5.94 0.83
CA GLN A 50 -8.47 -5.12 0.69
C GLN A 50 -9.73 -5.97 0.64
N SER A 51 -9.58 -7.20 0.21
CA SER A 51 -10.70 -8.10 0.17
C SER A 51 -10.87 -8.71 1.56
N VAL A 52 -11.72 -8.12 2.34
CA VAL A 52 -11.98 -8.57 3.69
C VAL A 52 -13.35 -8.09 4.15
N THR A 53 -14.27 -9.01 4.28
CA THR A 53 -15.61 -8.66 4.68
C THR A 53 -15.78 -8.87 6.19
N SER A 54 -14.84 -9.58 6.79
CA SER A 54 -14.85 -9.84 8.22
C SER A 54 -13.42 -9.96 8.71
N ILE A 55 -12.74 -10.97 8.20
CA ILE A 55 -11.37 -11.30 8.51
C ILE A 55 -11.01 -12.52 7.68
N GLU A 56 -9.89 -12.50 6.99
CA GLU A 56 -9.55 -13.64 6.17
C GLU A 56 -9.02 -14.77 7.02
N GLU A 57 -8.35 -14.38 8.10
CA GLU A 57 -7.75 -15.27 9.10
C GLU A 57 -7.06 -16.49 8.50
N ARG A 58 -6.06 -16.22 7.72
CA ARG A 58 -5.24 -17.24 7.12
C ARG A 58 -3.80 -16.83 7.22
N THR A 59 -3.41 -15.90 6.38
CA THR A 59 -2.04 -15.47 6.31
C THR A 59 -1.93 -13.96 6.17
N ARG A 60 -2.99 -13.32 5.68
CA ARG A 60 -2.95 -11.91 5.24
C ARG A 60 -1.83 -11.83 4.19
N PRO A 61 -2.02 -12.47 3.02
CA PRO A 61 -0.94 -12.69 2.04
C PRO A 61 -0.32 -11.41 1.49
N ASN A 62 -1.14 -10.41 1.24
CA ASN A 62 -0.62 -9.16 0.71
C ASN A 62 0.15 -8.41 1.78
N LEU A 63 -0.38 -8.45 3.01
CA LEU A 63 0.23 -7.75 4.13
C LEU A 63 1.54 -8.39 4.57
N SER A 64 1.61 -9.71 4.42
CA SER A 64 2.77 -10.46 4.85
C SER A 64 3.92 -10.41 3.84
N LYS A 65 3.60 -10.18 2.59
CA LYS A 65 4.63 -10.14 1.57
C LYS A 65 5.30 -8.79 1.52
N THR A 66 6.47 -8.77 0.95
CA THR A 66 7.21 -7.56 0.88
C THR A 66 6.83 -6.76 -0.35
N LEU A 67 7.22 -5.51 -0.33
CA LEU A 67 6.98 -4.58 -1.42
C LEU A 67 7.60 -5.10 -2.72
N LYS A 68 8.75 -5.72 -2.57
CA LYS A 68 9.48 -6.28 -3.69
C LYS A 68 8.70 -7.43 -4.31
N GLU A 69 8.19 -8.30 -3.47
CA GLU A 69 7.43 -9.49 -3.90
C GLU A 69 6.12 -9.10 -4.57
N LEU A 70 5.57 -7.97 -4.18
CA LEU A 70 4.32 -7.51 -4.74
C LEU A 70 4.53 -6.89 -6.12
N GLY A 71 5.78 -6.60 -6.45
CA GLY A 71 6.10 -6.16 -7.80
C GLY A 71 6.08 -4.66 -8.00
N LEU A 72 6.17 -3.91 -6.94
CA LEU A 72 6.16 -2.48 -7.11
C LEU A 72 7.63 -2.02 -7.17
N VAL A 73 7.91 -1.02 -8.00
CA VAL A 73 9.27 -0.51 -8.16
C VAL A 73 9.33 0.99 -7.87
N ASP A 74 10.53 1.50 -7.66
CA ASP A 74 10.72 2.91 -7.29
C ASP A 74 10.20 3.82 -8.37
N GLY A 75 9.49 4.86 -7.96
CA GLY A 75 9.01 5.82 -8.92
C GLY A 75 7.56 5.58 -9.29
N GLN A 76 7.04 4.47 -8.85
CA GLN A 76 5.67 4.08 -9.11
C GLN A 76 4.70 4.77 -8.18
N GLU A 77 3.52 5.03 -8.69
CA GLU A 77 2.51 5.75 -7.96
C GLU A 77 1.65 4.75 -7.24
N LEU A 78 1.61 4.85 -5.98
CA LEU A 78 0.81 4.02 -5.16
C LEU A 78 -0.44 4.79 -4.82
N ALA A 79 -1.57 4.23 -5.10
CA ALA A 79 -2.82 4.90 -4.85
C ALA A 79 -3.45 4.34 -3.61
N VAL A 80 -3.77 5.18 -2.68
CA VAL A 80 -4.37 4.76 -1.47
C VAL A 80 -5.81 5.25 -1.38
N ALA A 81 -6.68 4.35 -1.06
CA ALA A 81 -8.06 4.65 -0.87
C ALA A 81 -8.35 4.30 0.56
N ASP A 82 -9.05 5.15 1.22
CA ASP A 82 -9.34 4.95 2.62
C ASP A 82 -10.84 4.84 2.76
N VAL A 83 -11.30 4.29 3.85
CA VAL A 83 -12.71 4.12 4.06
C VAL A 83 -13.36 5.47 4.43
N THR A 84 -12.57 6.37 4.94
CA THR A 84 -13.03 7.67 5.35
C THR A 84 -12.86 8.72 4.24
N THR A 85 -11.94 8.47 3.31
CA THR A 85 -11.67 9.44 2.28
C THR A 85 -12.32 9.05 0.95
N PRO A 86 -13.01 9.98 0.31
CA PRO A 86 -13.58 9.77 -1.02
C PRO A 86 -12.52 10.08 -2.09
N GLN A 87 -11.34 10.42 -1.62
CA GLN A 87 -10.22 10.82 -2.42
C GLN A 87 -9.12 9.78 -2.32
N THR A 88 -8.43 9.55 -3.41
CA THR A 88 -7.30 8.65 -3.44
C THR A 88 -6.02 9.46 -3.38
N VAL A 89 -5.14 9.11 -2.47
CA VAL A 89 -3.90 9.82 -2.33
C VAL A 89 -2.79 9.04 -3.03
N LEU A 90 -1.95 9.74 -3.74
CA LEU A 90 -0.86 9.13 -4.46
C LEU A 90 0.45 9.25 -3.69
N PHE A 91 1.10 8.13 -3.53
CA PHE A 91 2.39 8.07 -2.90
C PHE A 91 3.41 7.54 -3.88
N LYS A 92 4.57 8.11 -3.86
CA LYS A 92 5.66 7.65 -4.67
C LYS A 92 6.57 6.82 -3.82
N LEU A 93 6.71 5.60 -4.18
CA LEU A 93 7.46 4.65 -3.40
C LEU A 93 8.82 4.48 -3.99
N HIS A 94 9.81 4.76 -3.20
CA HIS A 94 11.18 4.70 -3.63
C HIS A 94 11.94 3.68 -2.82
N PHE A 95 12.61 2.80 -3.49
CA PHE A 95 13.32 1.74 -2.83
C PHE A 95 14.78 2.06 -2.67
N THR A 96 15.25 1.89 -1.47
CA THR A 96 16.63 2.11 -1.15
C THR A 96 17.34 0.75 -1.07
N SER A 97 18.54 0.70 -1.57
CA SER A 97 19.31 -0.51 -1.51
C SER A 97 20.27 -0.44 -0.33
N GLY A 1 -6.17 15.60 1.95
CA GLY A 1 -5.39 14.75 1.06
C GLY A 1 -4.85 15.52 -0.11
N SER A 2 -3.96 14.94 -0.84
CA SER A 2 -3.37 15.58 -1.98
C SER A 2 -3.61 14.76 -3.24
N GLN A 3 -3.88 15.43 -4.33
CA GLN A 3 -4.03 14.78 -5.61
C GLN A 3 -2.71 14.82 -6.34
N LEU A 4 -1.81 15.62 -5.80
CA LEU A 4 -0.45 15.66 -6.26
C LEU A 4 0.30 14.57 -5.51
N PRO A 5 1.16 13.81 -6.18
CA PRO A 5 1.85 12.67 -5.58
C PRO A 5 2.78 13.05 -4.44
N GLN A 6 2.75 12.23 -3.41
CA GLN A 6 3.62 12.34 -2.27
C GLN A 6 4.67 11.25 -2.36
N ASN A 7 5.88 11.54 -1.98
CA ASN A 7 6.94 10.57 -2.12
C ASN A 7 7.26 9.91 -0.79
N ILE A 8 7.45 8.61 -0.83
CA ILE A 8 7.77 7.83 0.34
C ILE A 8 8.92 6.89 0.05
N GLN A 9 9.83 6.79 0.99
CA GLN A 9 10.99 5.96 0.82
C GLN A 9 10.91 4.72 1.70
N PHE A 10 11.19 3.59 1.10
CA PHE A 10 11.21 2.28 1.76
C PHE A 10 12.39 1.45 1.31
N SER A 11 12.78 0.53 2.14
CA SER A 11 13.83 -0.39 1.82
C SER A 11 13.19 -1.63 1.15
N PRO A 12 13.76 -2.14 0.03
CA PRO A 12 13.22 -3.31 -0.73
C PRO A 12 12.77 -4.49 0.15
N SER A 13 13.48 -4.71 1.24
CA SER A 13 13.21 -5.80 2.16
C SER A 13 12.13 -5.46 3.21
N ALA A 14 11.56 -4.27 3.15
CA ALA A 14 10.47 -3.94 4.03
C ALA A 14 9.22 -4.61 3.50
N LYS A 15 8.37 -5.05 4.39
CA LYS A 15 7.16 -5.73 4.03
C LYS A 15 6.01 -4.77 4.07
N LEU A 16 4.89 -5.14 3.47
CA LEU A 16 3.72 -4.29 3.39
C LEU A 16 3.22 -3.97 4.83
N GLN A 17 3.43 -4.92 5.75
CA GLN A 17 3.08 -4.68 7.17
C GLN A 17 3.80 -3.44 7.75
N GLU A 18 5.07 -3.24 7.35
CA GLU A 18 5.80 -2.06 7.78
C GLU A 18 5.20 -0.79 7.19
N VAL A 19 4.67 -0.90 5.98
CA VAL A 19 4.00 0.22 5.31
C VAL A 19 2.73 0.59 6.10
N LEU A 20 2.05 -0.44 6.59
CA LEU A 20 0.85 -0.27 7.40
C LEU A 20 1.16 0.49 8.68
N ASP A 21 2.26 0.11 9.33
CA ASP A 21 2.70 0.77 10.56
C ASP A 21 3.10 2.20 10.28
N TYR A 22 3.75 2.37 9.15
CA TYR A 22 4.29 3.63 8.71
C TYR A 22 3.23 4.66 8.36
N LEU A 23 2.14 4.23 7.69
CA LEU A 23 1.17 5.19 7.11
C LEU A 23 0.65 6.11 8.21
N THR A 24 -0.18 5.61 9.09
CA THR A 24 -0.43 6.33 10.28
C THR A 24 -0.18 5.46 11.51
N ASN A 25 -1.12 4.56 11.74
CA ASN A 25 -1.11 3.61 12.85
C ASN A 25 -1.45 2.22 12.33
N SER A 26 -1.00 1.16 12.96
CA SER A 26 -1.38 -0.17 12.53
C SER A 26 -2.76 -0.61 13.07
N ALA A 27 -2.93 -0.59 14.39
CA ALA A 27 -4.13 -1.18 15.00
C ALA A 27 -5.29 -0.20 15.26
N SER A 28 -4.98 1.01 15.62
CA SER A 28 -6.01 1.98 15.94
C SER A 28 -6.59 2.61 14.67
N LEU A 29 -5.94 2.32 13.56
CA LEU A 29 -6.33 2.90 12.27
C LEU A 29 -7.15 1.89 11.52
N GLN A 30 -7.30 0.74 12.11
CA GLN A 30 -7.80 -0.46 11.46
C GLN A 30 -9.22 -0.28 10.85
N MET A 31 -10.10 0.45 11.52
CA MET A 31 -11.45 0.67 10.95
C MET A 31 -11.50 1.98 10.15
N LYS A 32 -10.64 2.89 10.54
CA LYS A 32 -10.51 4.21 9.95
C LYS A 32 -9.61 4.17 8.71
N SER A 33 -9.19 2.98 8.37
CA SER A 33 -8.11 2.75 7.49
C SER A 33 -8.39 3.08 6.04
N PRO A 34 -7.38 3.63 5.40
CA PRO A 34 -7.37 3.89 3.99
C PRO A 34 -7.16 2.60 3.22
N ALA A 35 -7.50 2.61 1.98
CA ALA A 35 -7.29 1.46 1.16
C ALA A 35 -6.24 1.80 0.15
N ILE A 36 -5.25 0.94 -0.01
CA ILE A 36 -4.17 1.19 -0.94
C ILE A 36 -4.13 0.10 -1.99
N THR A 37 -4.24 0.50 -3.21
CA THR A 37 -4.19 -0.40 -4.32
C THR A 37 -3.17 0.15 -5.32
N ALA A 38 -2.38 -0.71 -5.90
CA ALA A 38 -1.38 -0.27 -6.85
C ALA A 38 -1.55 -1.00 -8.14
N THR A 39 -1.29 -0.34 -9.23
CA THR A 39 -1.47 -0.95 -10.50
C THR A 39 -0.13 -1.43 -11.05
N LEU A 40 -0.08 -2.69 -11.37
CA LEU A 40 1.09 -3.33 -11.89
C LEU A 40 0.77 -3.95 -13.23
N GLU A 41 1.45 -3.49 -14.26
CA GLU A 41 1.30 -4.01 -15.63
C GLU A 41 -0.16 -3.96 -16.12
N GLY A 42 -0.84 -2.90 -15.74
CA GLY A 42 -2.21 -2.68 -16.15
C GLY A 42 -3.25 -3.39 -15.31
N LYS A 43 -2.83 -4.06 -14.28
CA LYS A 43 -3.75 -4.73 -13.38
C LYS A 43 -3.61 -4.13 -12.00
N ASN A 44 -4.72 -3.93 -11.32
CA ASN A 44 -4.66 -3.34 -9.99
C ASN A 44 -4.51 -4.44 -8.97
N ARG A 45 -3.44 -4.37 -8.22
CA ARG A 45 -3.13 -5.34 -7.22
C ARG A 45 -3.34 -4.72 -5.84
N THR A 46 -4.15 -5.36 -5.04
CA THR A 46 -4.41 -4.89 -3.71
C THR A 46 -3.25 -5.32 -2.82
N LEU A 47 -2.58 -4.36 -2.24
CA LEU A 47 -1.43 -4.65 -1.39
C LEU A 47 -1.81 -4.49 0.06
N TYR A 48 -2.58 -3.49 0.31
CA TYR A 48 -2.99 -3.15 1.63
C TYR A 48 -4.38 -3.73 1.84
N LEU A 49 -4.43 -4.85 2.54
CA LEU A 49 -5.67 -5.59 2.72
C LEU A 49 -6.38 -5.18 4.03
N GLN A 50 -5.64 -4.59 4.95
CA GLN A 50 -6.23 -4.20 6.23
C GLN A 50 -6.96 -2.87 6.11
N SER A 51 -8.15 -2.89 5.55
CA SER A 51 -8.96 -1.70 5.37
C SER A 51 -10.42 -2.02 5.65
N VAL A 52 -10.66 -3.19 6.24
CA VAL A 52 -12.02 -3.72 6.41
C VAL A 52 -12.66 -3.84 5.02
N THR A 53 -12.27 -4.86 4.31
CA THR A 53 -12.66 -5.03 2.94
C THR A 53 -13.74 -6.08 2.79
N SER A 54 -14.36 -6.09 1.65
CA SER A 54 -15.27 -7.14 1.31
C SER A 54 -14.42 -8.27 0.73
N ILE A 55 -14.61 -9.47 1.25
CA ILE A 55 -13.79 -10.64 0.91
C ILE A 55 -12.43 -10.51 1.61
N GLU A 56 -12.38 -11.03 2.80
CA GLU A 56 -11.22 -10.99 3.64
C GLU A 56 -10.48 -12.31 3.46
N GLU A 57 -9.35 -12.26 2.81
CA GLU A 57 -8.56 -13.44 2.56
C GLU A 57 -7.38 -13.48 3.50
N ARG A 58 -7.31 -14.54 4.27
CA ARG A 58 -6.27 -14.70 5.27
C ARG A 58 -5.02 -15.31 4.69
N THR A 59 -5.16 -15.93 3.57
CA THR A 59 -4.03 -16.40 2.87
C THR A 59 -3.64 -15.33 1.86
N ARG A 60 -2.74 -14.46 2.25
CA ARG A 60 -2.32 -13.41 1.39
C ARG A 60 -0.85 -13.29 1.55
N PRO A 61 -0.14 -12.93 0.51
CA PRO A 61 1.30 -12.81 0.55
C PRO A 61 1.80 -11.44 0.99
N ASN A 62 0.99 -10.42 0.78
CA ASN A 62 1.38 -9.01 0.86
C ASN A 62 2.00 -8.64 2.18
N LEU A 63 1.40 -9.06 3.26
CA LEU A 63 1.91 -8.69 4.57
C LEU A 63 3.24 -9.37 4.89
N SER A 64 3.42 -10.58 4.40
CA SER A 64 4.62 -11.34 4.72
C SER A 64 5.74 -11.18 3.68
N LYS A 65 5.40 -10.68 2.53
CA LYS A 65 6.37 -10.50 1.49
C LYS A 65 6.86 -9.08 1.48
N THR A 66 8.00 -8.88 0.90
CA THR A 66 8.61 -7.61 0.85
C THR A 66 8.08 -6.79 -0.33
N LEU A 67 8.28 -5.49 -0.29
CA LEU A 67 7.75 -4.57 -1.30
C LEU A 67 8.26 -4.85 -2.70
N LYS A 68 9.55 -5.11 -2.82
CA LYS A 68 10.13 -5.38 -4.13
C LYS A 68 9.55 -6.66 -4.72
N GLU A 69 9.49 -7.68 -3.91
CA GLU A 69 8.96 -8.99 -4.29
C GLU A 69 7.46 -8.93 -4.59
N LEU A 70 6.77 -7.94 -4.03
CA LEU A 70 5.36 -7.72 -4.31
C LEU A 70 5.16 -7.04 -5.67
N GLY A 71 6.27 -6.82 -6.37
CA GLY A 71 6.23 -6.29 -7.70
C GLY A 71 6.36 -4.80 -7.78
N LEU A 72 6.66 -4.17 -6.67
CA LEU A 72 6.82 -2.73 -6.66
C LEU A 72 8.21 -2.34 -7.14
N VAL A 73 8.27 -1.21 -7.79
CA VAL A 73 9.50 -0.67 -8.29
C VAL A 73 9.52 0.80 -7.90
N ASP A 74 10.69 1.40 -7.84
CA ASP A 74 10.80 2.79 -7.42
C ASP A 74 10.15 3.71 -8.44
N GLY A 75 9.38 4.63 -7.97
CA GLY A 75 8.72 5.58 -8.83
C GLY A 75 7.28 5.21 -9.11
N GLN A 76 6.90 4.00 -8.72
CA GLN A 76 5.54 3.49 -8.92
C GLN A 76 4.52 4.27 -8.09
N GLU A 77 3.33 4.44 -8.64
CA GLU A 77 2.28 5.18 -7.98
C GLU A 77 1.36 4.20 -7.24
N LEU A 78 1.18 4.46 -5.99
CA LEU A 78 0.23 3.74 -5.17
C LEU A 78 -0.96 4.64 -4.94
N ALA A 79 -2.14 4.12 -5.07
CA ALA A 79 -3.34 4.91 -4.90
C ALA A 79 -3.97 4.60 -3.57
N VAL A 80 -4.18 5.62 -2.78
CA VAL A 80 -4.77 5.47 -1.49
C VAL A 80 -6.03 6.31 -1.36
N ALA A 81 -7.08 5.71 -0.87
CA ALA A 81 -8.30 6.40 -0.60
C ALA A 81 -8.62 6.21 0.85
N ASP A 82 -9.16 7.21 1.50
CA ASP A 82 -9.44 7.12 2.93
C ASP A 82 -10.90 7.24 3.14
N VAL A 83 -11.36 6.82 4.29
CA VAL A 83 -12.76 6.98 4.62
C VAL A 83 -13.04 8.44 5.00
N THR A 84 -11.99 9.14 5.41
CA THR A 84 -12.07 10.51 5.80
C THR A 84 -11.70 11.47 4.65
N THR A 85 -11.10 10.93 3.61
CA THR A 85 -10.67 11.74 2.48
C THR A 85 -11.61 11.48 1.30
N PRO A 86 -12.15 12.53 0.67
CA PRO A 86 -13.04 12.38 -0.49
C PRO A 86 -12.26 12.44 -1.82
N GLN A 87 -11.00 12.09 -1.75
CA GLN A 87 -10.10 12.14 -2.90
C GLN A 87 -9.16 10.95 -2.82
N THR A 88 -8.56 10.58 -3.92
CA THR A 88 -7.59 9.53 -3.94
C THR A 88 -6.19 10.16 -4.01
N VAL A 89 -5.33 9.77 -3.09
CA VAL A 89 -3.99 10.32 -2.98
C VAL A 89 -3.00 9.34 -3.62
N LEU A 90 -2.03 9.87 -4.33
CA LEU A 90 -1.04 9.05 -4.98
C LEU A 90 0.29 9.15 -4.26
N PHE A 91 0.92 8.02 -4.07
CA PHE A 91 2.23 7.96 -3.48
C PHE A 91 3.23 7.37 -4.45
N LYS A 92 4.42 7.89 -4.41
CA LYS A 92 5.55 7.35 -5.16
C LYS A 92 6.39 6.56 -4.19
N LEU A 93 6.62 5.32 -4.52
CA LEU A 93 7.36 4.42 -3.65
C LEU A 93 8.79 4.42 -4.13
N HIS A 94 9.69 4.77 -3.26
CA HIS A 94 11.10 4.87 -3.58
C HIS A 94 11.89 3.88 -2.77
N PHE A 95 12.71 3.10 -3.41
CA PHE A 95 13.51 2.13 -2.70
C PHE A 95 14.88 2.66 -2.41
N THR A 96 15.25 2.59 -1.17
CA THR A 96 16.55 3.03 -0.73
C THR A 96 17.48 1.84 -0.54
N SER A 97 18.72 2.03 -0.87
CA SER A 97 19.72 1.02 -0.66
C SER A 97 21.03 1.72 -0.32
N GLY A 1 -7.50 18.16 0.51
CA GLY A 1 -6.24 17.42 0.65
C GLY A 1 -5.32 17.74 -0.49
N SER A 2 -4.21 17.06 -0.56
CA SER A 2 -3.25 17.27 -1.62
C SER A 2 -3.32 16.13 -2.63
N GLN A 3 -3.36 16.48 -3.91
CA GLN A 3 -3.39 15.51 -4.99
C GLN A 3 -1.97 15.24 -5.49
N LEU A 4 -1.05 16.10 -5.10
CA LEU A 4 0.34 15.92 -5.46
C LEU A 4 0.90 14.74 -4.68
N PRO A 5 1.68 13.87 -5.34
CA PRO A 5 2.21 12.66 -4.71
C PRO A 5 3.11 12.92 -3.50
N GLN A 6 2.94 12.10 -2.49
CA GLN A 6 3.76 12.13 -1.32
C GLN A 6 4.86 11.11 -1.53
N ASN A 7 6.07 11.44 -1.19
CA ASN A 7 7.14 10.50 -1.42
C ASN A 7 7.55 9.85 -0.13
N ILE A 8 7.80 8.58 -0.19
CA ILE A 8 8.23 7.82 0.94
C ILE A 8 9.36 6.89 0.54
N GLN A 9 10.39 6.83 1.34
CA GLN A 9 11.51 5.96 1.06
C GLN A 9 11.47 4.74 1.97
N PHE A 10 11.61 3.59 1.37
CA PHE A 10 11.59 2.30 2.05
C PHE A 10 12.65 1.37 1.51
N SER A 11 13.01 0.41 2.31
CA SER A 11 13.97 -0.58 1.95
C SER A 11 13.23 -1.74 1.29
N PRO A 12 13.75 -2.29 0.16
CA PRO A 12 13.11 -3.39 -0.60
C PRO A 12 12.81 -4.63 0.25
N SER A 13 13.51 -4.73 1.36
CA SER A 13 13.40 -5.82 2.28
C SER A 13 12.26 -5.61 3.30
N ALA A 14 11.67 -4.43 3.29
CA ALA A 14 10.57 -4.15 4.17
C ALA A 14 9.29 -4.80 3.68
N LYS A 15 8.49 -5.24 4.60
CA LYS A 15 7.24 -5.87 4.29
C LYS A 15 6.17 -4.85 4.08
N LEU A 16 5.20 -5.18 3.26
CA LEU A 16 4.09 -4.30 2.93
C LEU A 16 3.34 -3.92 4.21
N GLN A 17 3.25 -4.89 5.13
CA GLN A 17 2.58 -4.70 6.42
C GLN A 17 3.22 -3.54 7.19
N GLU A 18 4.55 -3.50 7.15
CA GLU A 18 5.33 -2.49 7.85
C GLU A 18 5.02 -1.11 7.31
N VAL A 19 4.89 -1.03 6.00
CA VAL A 19 4.58 0.22 5.34
C VAL A 19 3.14 0.64 5.65
N LEU A 20 2.23 -0.33 5.67
CA LEU A 20 0.82 -0.07 5.96
C LEU A 20 0.64 0.44 7.39
N ASP A 21 1.32 -0.20 8.33
CA ASP A 21 1.26 0.22 9.74
C ASP A 21 1.88 1.60 9.94
N TYR A 22 2.93 1.86 9.22
CA TYR A 22 3.66 3.13 9.28
C TYR A 22 2.87 4.30 8.66
N LEU A 23 1.90 4.00 7.78
CA LEU A 23 1.23 5.02 6.94
C LEU A 23 0.66 6.16 7.81
N THR A 24 -0.31 5.87 8.62
CA THR A 24 -0.81 6.87 9.55
C THR A 24 -0.62 6.38 10.97
N ASN A 25 -1.41 5.40 11.33
CA ASN A 25 -1.35 4.75 12.62
C ASN A 25 -1.26 3.29 12.40
N SER A 26 -0.62 2.58 13.28
CA SER A 26 -0.59 1.16 13.15
C SER A 26 -1.85 0.55 13.76
N ALA A 27 -2.09 0.82 15.02
CA ALA A 27 -3.20 0.22 15.71
C ALA A 27 -4.46 1.06 15.64
N SER A 28 -4.32 2.36 15.73
CA SER A 28 -5.48 3.24 15.75
C SER A 28 -6.11 3.35 14.35
N LEU A 29 -5.37 2.88 13.36
CA LEU A 29 -5.82 2.94 11.99
C LEU A 29 -6.40 1.59 11.56
N GLN A 30 -6.42 0.60 12.46
CA GLN A 30 -6.76 -0.78 12.07
C GLN A 30 -8.17 -0.93 11.44
N MET A 31 -9.09 -0.05 11.82
CA MET A 31 -10.46 -0.06 11.24
C MET A 31 -10.62 1.10 10.26
N LYS A 32 -9.85 2.13 10.50
CA LYS A 32 -9.86 3.35 9.69
C LYS A 32 -8.97 3.27 8.46
N SER A 33 -8.35 2.14 8.22
CA SER A 33 -7.26 2.08 7.27
C SER A 33 -7.71 2.23 5.83
N PRO A 34 -6.92 3.00 5.07
CA PRO A 34 -7.11 3.20 3.65
C PRO A 34 -6.47 2.06 2.88
N ALA A 35 -6.90 1.88 1.68
CA ALA A 35 -6.40 0.84 0.84
C ALA A 35 -5.65 1.47 -0.29
N ILE A 36 -4.48 0.94 -0.55
CA ILE A 36 -3.63 1.49 -1.57
C ILE A 36 -3.54 0.50 -2.71
N THR A 37 -3.72 1.01 -3.89
CA THR A 37 -3.83 0.20 -5.05
C THR A 37 -2.77 0.62 -6.06
N ALA A 38 -2.22 -0.36 -6.74
CA ALA A 38 -1.22 -0.13 -7.76
C ALA A 38 -1.66 -0.77 -9.04
N THR A 39 -1.29 -0.18 -10.14
CA THR A 39 -1.67 -0.71 -11.43
C THR A 39 -0.53 -1.50 -12.05
N LEU A 40 -0.79 -2.76 -12.33
CA LEU A 40 0.20 -3.60 -12.97
C LEU A 40 -0.40 -4.19 -14.21
N GLU A 41 0.17 -3.83 -15.36
CA GLU A 41 -0.25 -4.33 -16.68
C GLU A 41 -1.76 -4.10 -16.92
N GLY A 42 -2.25 -2.99 -16.43
CA GLY A 42 -3.65 -2.65 -16.59
C GLY A 42 -4.56 -3.29 -15.55
N LYS A 43 -4.00 -4.03 -14.62
CA LYS A 43 -4.80 -4.61 -13.55
C LYS A 43 -4.60 -3.76 -12.33
N ASN A 44 -5.65 -3.48 -11.62
CA ASN A 44 -5.49 -2.78 -10.37
C ASN A 44 -5.32 -3.81 -9.29
N ARG A 45 -4.20 -3.81 -8.67
CA ARG A 45 -3.93 -4.70 -7.59
C ARG A 45 -3.83 -3.92 -6.31
N THR A 46 -4.64 -4.22 -5.35
CA THR A 46 -4.49 -3.58 -4.10
C THR A 46 -3.61 -4.46 -3.22
N LEU A 47 -2.48 -3.92 -2.82
CA LEU A 47 -1.53 -4.65 -2.02
C LEU A 47 -1.73 -4.30 -0.59
N TYR A 48 -2.09 -3.06 -0.37
CA TYR A 48 -2.32 -2.58 0.96
C TYR A 48 -3.75 -2.88 1.35
N LEU A 49 -3.94 -4.04 1.89
CA LEU A 49 -5.23 -4.47 2.34
C LEU A 49 -5.29 -4.42 3.82
N GLN A 50 -6.36 -3.89 4.32
CA GLN A 50 -6.60 -3.85 5.73
C GLN A 50 -6.81 -5.29 6.20
N SER A 51 -6.15 -5.68 7.28
CA SER A 51 -6.21 -7.05 7.75
C SER A 51 -7.66 -7.47 8.07
N VAL A 52 -8.40 -6.58 8.70
CA VAL A 52 -9.80 -6.84 8.98
C VAL A 52 -10.65 -6.36 7.81
N THR A 53 -11.67 -7.13 7.48
CA THR A 53 -12.59 -6.84 6.38
C THR A 53 -11.87 -7.03 5.03
N SER A 54 -11.95 -8.22 4.48
CA SER A 54 -11.33 -8.53 3.23
C SER A 54 -12.08 -9.68 2.57
N ILE A 55 -12.26 -9.61 1.26
CA ILE A 55 -12.97 -10.65 0.54
C ILE A 55 -12.01 -11.66 -0.12
N GLU A 56 -10.72 -11.44 0.07
CA GLU A 56 -9.71 -12.32 -0.48
C GLU A 56 -9.17 -13.25 0.58
N GLU A 57 -8.58 -14.35 0.16
CA GLU A 57 -7.92 -15.26 1.08
C GLU A 57 -6.54 -14.72 1.39
N ARG A 58 -6.00 -14.02 0.43
CA ARG A 58 -4.71 -13.44 0.58
C ARG A 58 -4.80 -11.99 0.97
N THR A 59 -4.85 -11.78 2.25
CA THR A 59 -4.86 -10.47 2.81
C THR A 59 -3.52 -10.25 3.49
N ARG A 60 -3.25 -11.05 4.54
CA ARG A 60 -1.99 -10.95 5.26
C ARG A 60 -0.76 -11.48 4.47
N PRO A 61 -0.89 -12.50 3.55
CA PRO A 61 0.24 -12.92 2.70
C PRO A 61 0.84 -11.77 1.89
N ASN A 62 -0.02 -10.84 1.47
CA ASN A 62 0.43 -9.66 0.71
C ASN A 62 1.23 -8.80 1.65
N LEU A 63 0.73 -8.71 2.86
CA LEU A 63 1.30 -7.88 3.90
C LEU A 63 2.63 -8.44 4.40
N SER A 64 2.74 -9.76 4.41
CA SER A 64 3.91 -10.44 4.94
C SER A 64 5.04 -10.55 3.91
N LYS A 65 4.74 -10.19 2.69
CA LYS A 65 5.75 -10.19 1.65
C LYS A 65 6.43 -8.86 1.58
N THR A 66 7.59 -8.82 0.98
CA THR A 66 8.32 -7.61 0.89
C THR A 66 7.81 -6.81 -0.28
N LEU A 67 8.16 -5.55 -0.28
CA LEU A 67 7.80 -4.65 -1.36
C LEU A 67 8.41 -5.16 -2.66
N LYS A 68 9.60 -5.73 -2.54
CA LYS A 68 10.33 -6.29 -3.66
C LYS A 68 9.56 -7.50 -4.24
N GLU A 69 9.06 -8.38 -3.36
CA GLU A 69 8.28 -9.55 -3.80
C GLU A 69 6.99 -9.18 -4.48
N LEU A 70 6.41 -8.08 -4.10
CA LEU A 70 5.16 -7.65 -4.66
C LEU A 70 5.35 -6.99 -6.03
N GLY A 71 6.58 -6.72 -6.38
CA GLY A 71 6.88 -6.18 -7.69
C GLY A 71 6.90 -4.69 -7.70
N LEU A 72 7.03 -4.06 -6.55
CA LEU A 72 7.08 -2.62 -6.50
C LEU A 72 8.46 -2.14 -6.90
N VAL A 73 8.50 -1.02 -7.57
CA VAL A 73 9.74 -0.45 -8.06
C VAL A 73 9.85 0.98 -7.53
N ASP A 74 11.05 1.48 -7.40
CA ASP A 74 11.28 2.83 -6.93
C ASP A 74 10.74 3.84 -7.94
N GLY A 75 9.95 4.77 -7.45
CA GLY A 75 9.39 5.78 -8.30
C GLY A 75 7.96 5.47 -8.70
N GLN A 76 7.50 4.27 -8.39
CA GLN A 76 6.14 3.87 -8.72
C GLN A 76 5.10 4.63 -7.92
N GLU A 77 3.98 4.87 -8.56
CA GLU A 77 2.89 5.64 -8.00
C GLU A 77 1.85 4.70 -7.44
N LEU A 78 1.54 4.88 -6.20
CA LEU A 78 0.54 4.12 -5.52
C LEU A 78 -0.68 5.01 -5.31
N ALA A 79 -1.86 4.49 -5.56
CA ALA A 79 -3.07 5.27 -5.43
C ALA A 79 -3.78 4.87 -4.16
N VAL A 80 -4.04 5.82 -3.31
CA VAL A 80 -4.60 5.56 -2.01
C VAL A 80 -6.01 6.10 -1.93
N ALA A 81 -6.92 5.25 -1.53
CA ALA A 81 -8.29 5.61 -1.29
C ALA A 81 -8.57 5.37 0.18
N ASP A 82 -9.31 6.25 0.80
CA ASP A 82 -9.50 6.18 2.23
C ASP A 82 -10.99 5.97 2.54
N VAL A 83 -11.30 5.53 3.75
CA VAL A 83 -12.69 5.26 4.13
C VAL A 83 -13.40 6.53 4.64
N THR A 84 -12.62 7.48 5.10
CA THR A 84 -13.15 8.74 5.58
C THR A 84 -13.01 9.81 4.49
N THR A 85 -12.07 9.59 3.59
CA THR A 85 -11.80 10.54 2.57
C THR A 85 -11.94 9.90 1.17
N PRO A 86 -12.74 10.50 0.26
CA PRO A 86 -12.94 9.97 -1.10
C PRO A 86 -11.87 10.48 -2.08
N GLN A 87 -11.01 11.35 -1.59
CA GLN A 87 -9.92 11.89 -2.38
C GLN A 87 -8.86 10.84 -2.59
N THR A 88 -8.37 10.72 -3.78
CA THR A 88 -7.33 9.80 -4.05
C THR A 88 -6.00 10.51 -3.89
N VAL A 89 -5.17 9.97 -3.06
CA VAL A 89 -3.87 10.54 -2.84
C VAL A 89 -2.82 9.62 -3.41
N LEU A 90 -1.84 10.18 -4.02
CA LEU A 90 -0.80 9.41 -4.66
C LEU A 90 0.43 9.37 -3.81
N PHE A 91 0.95 8.20 -3.58
CA PHE A 91 2.18 8.04 -2.85
C PHE A 91 3.19 7.40 -3.76
N LYS A 92 4.40 7.87 -3.71
CA LYS A 92 5.45 7.27 -4.49
C LYS A 92 6.40 6.56 -3.58
N LEU A 93 6.66 5.33 -3.90
CA LEU A 93 7.47 4.45 -3.09
C LEU A 93 8.86 4.46 -3.68
N HIS A 94 9.80 4.84 -2.89
CA HIS A 94 11.17 4.96 -3.31
C HIS A 94 12.03 4.02 -2.51
N PHE A 95 12.83 3.23 -3.18
CA PHE A 95 13.65 2.26 -2.49
C PHE A 95 15.01 2.80 -2.22
N THR A 96 15.32 2.88 -0.97
CA THR A 96 16.56 3.39 -0.51
C THR A 96 17.49 2.24 -0.14
N SER A 97 18.76 2.43 -0.32
CA SER A 97 19.75 1.44 0.02
C SER A 97 21.05 2.15 0.35
N GLY A 1 -5.67 19.03 1.63
CA GLY A 1 -4.24 18.72 1.61
C GLY A 1 -3.66 18.88 0.23
N SER A 2 -2.72 18.05 -0.10
CA SER A 2 -2.08 18.11 -1.39
C SER A 2 -2.60 17.02 -2.34
N GLN A 3 -2.81 17.40 -3.59
CA GLN A 3 -3.27 16.49 -4.63
C GLN A 3 -2.07 15.95 -5.41
N LEU A 4 -0.90 16.41 -5.05
CA LEU A 4 0.33 15.95 -5.65
C LEU A 4 0.80 14.70 -4.92
N PRO A 5 1.49 13.78 -5.61
CA PRO A 5 1.98 12.53 -5.03
C PRO A 5 2.85 12.76 -3.78
N GLN A 6 2.63 11.93 -2.80
CA GLN A 6 3.31 11.96 -1.52
C GLN A 6 4.54 11.08 -1.58
N ASN A 7 5.60 11.50 -0.94
CA ASN A 7 6.83 10.73 -1.00
C ASN A 7 7.03 9.93 0.25
N ILE A 8 7.46 8.71 0.08
CA ILE A 8 7.77 7.83 1.18
C ILE A 8 8.99 7.01 0.83
N GLN A 9 9.87 6.85 1.77
CA GLN A 9 11.05 6.06 1.52
C GLN A 9 10.94 4.78 2.30
N PHE A 10 11.19 3.69 1.64
CA PHE A 10 11.09 2.39 2.24
C PHE A 10 12.22 1.49 1.83
N SER A 11 12.49 0.56 2.67
CA SER A 11 13.48 -0.42 2.43
C SER A 11 12.79 -1.61 1.75
N PRO A 12 13.38 -2.20 0.69
CA PRO A 12 12.78 -3.29 -0.11
C PRO A 12 12.20 -4.46 0.72
N SER A 13 12.78 -4.72 1.88
CA SER A 13 12.36 -5.80 2.72
C SER A 13 11.20 -5.40 3.65
N ALA A 14 10.72 -4.17 3.52
CA ALA A 14 9.58 -3.74 4.31
C ALA A 14 8.31 -4.33 3.71
N LYS A 15 7.38 -4.67 4.56
CA LYS A 15 6.14 -5.31 4.16
C LYS A 15 5.08 -4.26 3.90
N LEU A 16 4.02 -4.65 3.20
CA LEU A 16 2.91 -3.75 2.92
C LEU A 16 2.26 -3.36 4.26
N GLN A 17 2.25 -4.32 5.18
CA GLN A 17 1.73 -4.14 6.54
C GLN A 17 2.51 -3.01 7.22
N GLU A 18 3.83 -2.99 7.01
CA GLU A 18 4.72 -1.99 7.58
C GLU A 18 4.35 -0.61 7.07
N VAL A 19 4.04 -0.55 5.78
CA VAL A 19 3.65 0.69 5.14
C VAL A 19 2.35 1.23 5.74
N LEU A 20 1.37 0.35 5.95
CA LEU A 20 0.08 0.73 6.54
C LEU A 20 0.27 1.25 7.97
N ASP A 21 1.10 0.56 8.71
CA ASP A 21 1.41 0.89 10.12
C ASP A 21 2.02 2.30 10.21
N TYR A 22 2.98 2.55 9.36
CA TYR A 22 3.67 3.82 9.28
C TYR A 22 2.81 4.95 8.66
N LEU A 23 1.84 4.57 7.82
CA LEU A 23 1.11 5.52 6.95
C LEU A 23 0.46 6.65 7.74
N THR A 24 -0.51 6.34 8.55
CA THR A 24 -1.12 7.36 9.37
C THR A 24 -0.93 7.04 10.84
N ASN A 25 -1.65 6.05 11.29
CA ASN A 25 -1.62 5.63 12.68
C ASN A 25 -1.35 4.14 12.72
N SER A 26 -0.54 3.73 13.65
CA SER A 26 0.02 2.41 13.64
C SER A 26 -0.86 1.26 14.20
N ALA A 27 -1.28 1.31 15.45
CA ALA A 27 -1.88 0.10 16.00
C ALA A 27 -3.39 0.04 15.95
N SER A 28 -4.04 1.12 16.25
CA SER A 28 -5.48 1.12 16.27
C SER A 28 -6.09 1.43 14.91
N LEU A 29 -5.39 2.22 14.13
CA LEU A 29 -5.91 2.71 12.86
C LEU A 29 -5.40 1.88 11.67
N GLN A 30 -4.76 0.76 11.93
CA GLN A 30 -4.13 -0.01 10.86
C GLN A 30 -5.06 -0.61 9.81
N MET A 31 -6.35 -0.55 10.04
CA MET A 31 -7.30 -1.02 9.07
C MET A 31 -8.04 0.15 8.43
N LYS A 32 -8.24 1.23 9.21
CA LYS A 32 -8.96 2.40 8.73
C LYS A 32 -8.05 3.34 7.96
N SER A 33 -6.78 3.00 7.89
CA SER A 33 -5.84 3.78 7.14
C SER A 33 -6.08 3.51 5.65
N PRO A 34 -5.60 4.39 4.76
CA PRO A 34 -5.75 4.22 3.33
C PRO A 34 -5.37 2.81 2.85
N ALA A 35 -5.91 2.45 1.73
CA ALA A 35 -5.72 1.16 1.19
C ALA A 35 -4.87 1.32 -0.02
N ILE A 36 -3.97 0.42 -0.19
CA ILE A 36 -2.97 0.55 -1.19
C ILE A 36 -3.26 -0.40 -2.32
N THR A 37 -3.37 0.15 -3.48
CA THR A 37 -3.66 -0.58 -4.65
C THR A 37 -2.57 -0.27 -5.69
N ALA A 38 -2.30 -1.22 -6.53
CA ALA A 38 -1.29 -1.04 -7.55
C ALA A 38 -1.90 -1.30 -8.91
N THR A 39 -1.43 -0.61 -9.88
CA THR A 39 -1.95 -0.75 -11.21
C THR A 39 -1.02 -1.62 -12.03
N LEU A 40 -1.56 -2.69 -12.54
CA LEU A 40 -0.83 -3.62 -13.35
C LEU A 40 -1.65 -3.93 -14.58
N GLU A 41 -1.10 -3.61 -15.74
CA GLU A 41 -1.75 -3.82 -17.04
C GLU A 41 -3.12 -3.11 -17.11
N GLY A 42 -3.20 -1.97 -16.46
CA GLY A 42 -4.43 -1.17 -16.48
C GLY A 42 -5.51 -1.69 -15.54
N LYS A 43 -5.22 -2.77 -14.85
CA LYS A 43 -6.17 -3.38 -13.95
C LYS A 43 -5.57 -3.30 -12.55
N ASN A 44 -6.40 -3.17 -11.55
CA ASN A 44 -5.92 -2.92 -10.21
C ASN A 44 -5.61 -4.20 -9.45
N ARG A 45 -4.46 -4.21 -8.83
CA ARG A 45 -4.02 -5.27 -7.97
C ARG A 45 -4.08 -4.72 -6.56
N THR A 46 -4.83 -5.35 -5.72
CA THR A 46 -4.98 -4.87 -4.38
C THR A 46 -3.83 -5.37 -3.49
N LEU A 47 -3.09 -4.46 -2.93
CA LEU A 47 -2.01 -4.80 -2.04
C LEU A 47 -2.52 -4.75 -0.61
N TYR A 48 -3.54 -3.95 -0.42
CA TYR A 48 -4.20 -3.84 0.86
C TYR A 48 -4.88 -5.16 1.22
N LEU A 49 -4.29 -5.85 2.19
CA LEU A 49 -4.83 -7.10 2.73
C LEU A 49 -4.77 -8.25 1.69
N GLN A 50 -5.79 -8.31 0.85
CA GLN A 50 -5.96 -9.31 -0.22
C GLN A 50 -7.32 -9.05 -0.87
N SER A 51 -7.37 -9.03 -2.19
CA SER A 51 -8.60 -8.69 -2.90
C SER A 51 -9.66 -9.78 -2.72
N VAL A 52 -9.23 -11.05 -2.85
CA VAL A 52 -10.13 -12.19 -2.73
C VAL A 52 -10.91 -12.17 -1.40
N THR A 53 -10.25 -11.67 -0.35
CA THR A 53 -10.82 -11.54 0.98
C THR A 53 -11.24 -12.91 1.55
N SER A 54 -10.39 -13.49 2.35
CA SER A 54 -10.68 -14.77 2.93
C SER A 54 -10.43 -14.71 4.42
N ILE A 55 -11.50 -14.60 5.17
CA ILE A 55 -11.43 -14.50 6.61
C ILE A 55 -11.19 -15.85 7.27
N GLU A 56 -11.52 -16.93 6.55
CA GLU A 56 -11.28 -18.27 7.06
C GLU A 56 -9.80 -18.61 6.95
N GLU A 57 -9.22 -18.37 5.79
CA GLU A 57 -7.80 -18.65 5.58
C GLU A 57 -6.97 -17.66 6.37
N ARG A 58 -7.25 -16.37 6.16
CA ARG A 58 -6.59 -15.26 6.86
C ARG A 58 -5.06 -15.37 6.73
N THR A 59 -4.61 -15.56 5.52
CA THR A 59 -3.21 -15.67 5.26
C THR A 59 -2.60 -14.28 5.15
N ARG A 60 -3.39 -13.34 4.56
CA ARG A 60 -2.96 -11.96 4.35
C ARG A 60 -1.61 -11.92 3.62
N PRO A 61 -1.56 -12.48 2.38
CA PRO A 61 -0.29 -12.67 1.66
C PRO A 61 0.42 -11.38 1.30
N ASN A 62 -0.34 -10.36 0.95
CA ASN A 62 0.23 -9.08 0.51
C ASN A 62 0.86 -8.37 1.68
N LEU A 63 0.22 -8.51 2.84
CA LEU A 63 0.70 -7.88 4.05
C LEU A 63 1.97 -8.56 4.55
N SER A 64 2.06 -9.85 4.31
CA SER A 64 3.21 -10.63 4.75
C SER A 64 4.39 -10.44 3.78
N LYS A 65 4.09 -10.13 2.54
CA LYS A 65 5.11 -9.92 1.53
C LYS A 65 5.74 -8.55 1.64
N THR A 66 6.92 -8.44 1.10
CA THR A 66 7.63 -7.21 1.11
C THR A 66 7.27 -6.44 -0.14
N LEU A 67 7.61 -5.17 -0.16
CA LEU A 67 7.39 -4.35 -1.32
C LEU A 67 8.15 -4.91 -2.51
N LYS A 68 9.32 -5.48 -2.24
CA LYS A 68 10.13 -6.14 -3.25
C LYS A 68 9.38 -7.36 -3.81
N GLU A 69 8.76 -8.14 -2.93
CA GLU A 69 7.97 -9.31 -3.34
C GLU A 69 6.73 -8.89 -4.12
N LEU A 70 6.22 -7.72 -3.80
CA LEU A 70 5.03 -7.19 -4.46
C LEU A 70 5.38 -6.51 -5.78
N GLY A 71 6.67 -6.37 -6.06
CA GLY A 71 7.10 -5.85 -7.33
C GLY A 71 7.31 -4.35 -7.37
N LEU A 72 7.46 -3.74 -6.22
CA LEU A 72 7.67 -2.30 -6.18
C LEU A 72 9.12 -1.93 -6.41
N VAL A 73 9.30 -0.83 -7.10
CA VAL A 73 10.61 -0.29 -7.38
C VAL A 73 10.57 1.23 -7.11
N ASP A 74 11.74 1.85 -6.97
CA ASP A 74 11.80 3.27 -6.68
C ASP A 74 11.29 4.09 -7.86
N GLY A 75 10.45 5.06 -7.58
CA GLY A 75 9.90 5.91 -8.63
C GLY A 75 8.52 5.46 -9.05
N GLN A 76 8.15 4.30 -8.58
CA GLN A 76 6.87 3.72 -8.87
C GLN A 76 5.84 4.28 -7.89
N GLU A 77 4.62 4.47 -8.35
CA GLU A 77 3.63 5.10 -7.53
C GLU A 77 2.50 4.14 -7.19
N LEU A 78 2.11 4.18 -5.95
CA LEU A 78 1.02 3.42 -5.43
C LEU A 78 -0.18 4.31 -5.19
N ALA A 79 -1.34 3.81 -5.50
CA ALA A 79 -2.55 4.56 -5.37
C ALA A 79 -3.27 4.12 -4.13
N VAL A 80 -3.51 5.07 -3.26
CA VAL A 80 -4.18 4.78 -2.04
C VAL A 80 -5.54 5.43 -1.99
N ALA A 81 -6.49 4.69 -1.56
CA ALA A 81 -7.84 5.17 -1.41
C ALA A 81 -8.13 5.11 0.06
N ASP A 82 -8.94 5.99 0.55
CA ASP A 82 -9.16 6.07 1.98
C ASP A 82 -10.61 5.74 2.26
N VAL A 83 -10.87 5.18 3.41
CA VAL A 83 -12.22 4.75 3.75
C VAL A 83 -13.09 5.92 4.23
N THR A 84 -12.47 6.94 4.77
CA THR A 84 -13.20 8.07 5.26
C THR A 84 -13.19 9.20 4.22
N THR A 85 -12.20 9.20 3.36
CA THR A 85 -12.08 10.21 2.35
C THR A 85 -12.03 9.55 0.96
N PRO A 86 -12.88 9.99 0.03
CA PRO A 86 -12.97 9.41 -1.32
C PRO A 86 -11.90 9.94 -2.29
N GLN A 87 -10.85 10.50 -1.74
CA GLN A 87 -9.78 11.03 -2.54
C GLN A 87 -8.69 10.00 -2.71
N THR A 88 -8.24 9.83 -3.93
CA THR A 88 -7.16 8.93 -4.21
C THR A 88 -5.85 9.69 -4.03
N VAL A 89 -5.00 9.17 -3.21
CA VAL A 89 -3.73 9.80 -2.96
C VAL A 89 -2.64 8.93 -3.55
N LEU A 90 -1.68 9.53 -4.20
CA LEU A 90 -0.62 8.80 -4.82
C LEU A 90 0.64 8.89 -4.00
N PHE A 91 1.31 7.79 -3.86
CA PHE A 91 2.55 7.74 -3.13
C PHE A 91 3.67 7.23 -3.99
N LYS A 92 4.81 7.86 -3.87
CA LYS A 92 6.01 7.43 -4.57
C LYS A 92 6.87 6.64 -3.63
N LEU A 93 7.29 5.51 -4.08
CA LEU A 93 8.09 4.61 -3.31
C LEU A 93 9.52 4.82 -3.66
N HIS A 94 10.29 5.15 -2.68
CA HIS A 94 11.70 5.37 -2.85
C HIS A 94 12.43 4.36 -2.02
N PHE A 95 13.19 3.51 -2.65
CA PHE A 95 13.86 2.43 -1.95
C PHE A 95 15.28 2.73 -1.63
N THR A 96 15.65 2.35 -0.44
CA THR A 96 16.98 2.51 0.03
C THR A 96 17.74 1.21 -0.11
N SER A 97 18.97 1.31 -0.51
CA SER A 97 19.82 0.16 -0.69
C SER A 97 21.26 0.63 -0.74
N GLY A 1 -4.79 16.71 2.23
CA GLY A 1 -5.08 17.47 1.01
C GLY A 1 -3.87 17.57 0.12
N SER A 2 -3.64 16.54 -0.66
CA SER A 2 -2.52 16.52 -1.57
C SER A 2 -2.98 16.12 -2.97
N GLN A 3 -2.56 16.86 -3.97
CA GLN A 3 -2.93 16.55 -5.34
C GLN A 3 -1.71 16.02 -6.09
N LEU A 4 -0.55 16.28 -5.56
CA LEU A 4 0.67 15.72 -6.07
C LEU A 4 0.95 14.44 -5.34
N PRO A 5 1.55 13.43 -6.01
CA PRO A 5 1.88 12.19 -5.36
C PRO A 5 2.85 12.42 -4.20
N GLN A 6 2.59 11.74 -3.13
CA GLN A 6 3.38 11.85 -1.92
C GLN A 6 4.48 10.84 -1.95
N ASN A 7 5.63 11.21 -1.48
CA ASN A 7 6.75 10.31 -1.53
C ASN A 7 7.02 9.73 -0.16
N ILE A 8 7.29 8.45 -0.16
CA ILE A 8 7.60 7.72 1.03
C ILE A 8 8.81 6.85 0.80
N GLN A 9 9.70 6.85 1.76
CA GLN A 9 10.89 6.02 1.69
C GLN A 9 10.64 4.73 2.42
N PHE A 10 10.98 3.65 1.78
CA PHE A 10 10.95 2.35 2.36
C PHE A 10 12.14 1.55 1.98
N SER A 11 12.49 0.65 2.81
CA SER A 11 13.57 -0.24 2.60
C SER A 11 13.01 -1.54 2.02
N PRO A 12 13.66 -2.12 0.99
CA PRO A 12 13.18 -3.36 0.30
C PRO A 12 12.74 -4.53 1.22
N SER A 13 13.19 -4.53 2.47
CA SER A 13 12.84 -5.59 3.41
C SER A 13 11.55 -5.25 4.19
N ALA A 14 10.95 -4.12 3.88
CA ALA A 14 9.72 -3.72 4.53
C ALA A 14 8.54 -4.50 3.96
N LYS A 15 7.59 -4.80 4.83
CA LYS A 15 6.39 -5.48 4.41
C LYS A 15 5.28 -4.48 4.17
N LEU A 16 4.27 -4.89 3.42
CA LEU A 16 3.17 -4.01 3.02
C LEU A 16 2.41 -3.53 4.27
N GLN A 17 2.32 -4.39 5.27
CA GLN A 17 1.62 -4.06 6.50
C GLN A 17 2.29 -2.89 7.20
N GLU A 18 3.62 -2.88 7.18
CA GLU A 18 4.41 -1.86 7.84
C GLU A 18 4.18 -0.51 7.18
N VAL A 19 3.98 -0.55 5.86
CA VAL A 19 3.68 0.63 5.07
C VAL A 19 2.36 1.27 5.51
N LEU A 20 1.39 0.43 5.84
CA LEU A 20 0.07 0.89 6.27
C LEU A 20 0.15 1.65 7.58
N ASP A 21 0.93 1.12 8.52
CA ASP A 21 1.13 1.74 9.83
C ASP A 21 1.81 3.09 9.68
N TYR A 22 2.82 3.12 8.84
CA TYR A 22 3.59 4.31 8.58
C TYR A 22 2.80 5.37 7.79
N LEU A 23 1.78 4.91 7.06
CA LEU A 23 1.03 5.77 6.15
C LEU A 23 0.37 6.92 6.91
N THR A 24 -0.57 6.62 7.77
CA THR A 24 -1.17 7.64 8.58
C THR A 24 -0.95 7.37 10.07
N ASN A 25 -1.65 6.38 10.57
CA ASN A 25 -1.59 6.00 11.98
C ASN A 25 -1.31 4.52 12.10
N SER A 26 -0.55 4.12 13.07
CA SER A 26 -0.27 2.72 13.24
C SER A 26 -1.33 1.94 14.05
N ALA A 27 -1.60 2.36 15.28
CA ALA A 27 -2.40 1.53 16.18
C ALA A 27 -3.91 1.69 16.03
N SER A 28 -4.38 2.88 15.82
CA SER A 28 -5.82 3.13 15.73
C SER A 28 -6.35 2.89 14.32
N LEU A 29 -5.45 2.80 13.38
CA LEU A 29 -5.79 2.70 11.98
C LEU A 29 -5.76 1.24 11.47
N GLN A 30 -5.66 0.24 12.35
CA GLN A 30 -5.43 -1.16 11.88
C GLN A 30 -6.52 -1.68 10.91
N MET A 31 -7.79 -1.35 11.15
CA MET A 31 -8.84 -1.79 10.22
C MET A 31 -9.41 -0.61 9.46
N LYS A 32 -9.10 0.56 9.94
CA LYS A 32 -9.49 1.83 9.33
C LYS A 32 -8.50 2.19 8.24
N SER A 33 -7.53 1.33 8.03
CA SER A 33 -6.42 1.61 7.16
C SER A 33 -6.81 1.62 5.71
N PRO A 34 -6.21 2.57 4.96
CA PRO A 34 -6.42 2.72 3.53
C PRO A 34 -6.14 1.46 2.75
N ALA A 35 -6.71 1.38 1.61
CA ALA A 35 -6.51 0.26 0.76
C ALA A 35 -5.76 0.73 -0.43
N ILE A 36 -4.74 0.02 -0.78
CA ILE A 36 -3.86 0.44 -1.84
C ILE A 36 -3.80 -0.58 -2.95
N THR A 37 -3.84 -0.07 -4.15
CA THR A 37 -3.79 -0.87 -5.33
C THR A 37 -2.86 -0.15 -6.33
N ALA A 38 -2.19 -0.88 -7.16
CA ALA A 38 -1.34 -0.29 -8.15
C ALA A 38 -1.73 -0.81 -9.50
N THR A 39 -1.77 0.05 -10.48
CA THR A 39 -2.12 -0.38 -11.79
C THR A 39 -0.87 -0.55 -12.63
N LEU A 40 -0.66 -1.76 -13.09
CA LEU A 40 0.50 -2.08 -13.87
C LEU A 40 0.05 -2.90 -15.06
N GLU A 41 0.54 -2.53 -16.25
CA GLU A 41 0.21 -3.22 -17.50
C GLU A 41 -1.35 -3.21 -17.71
N GLY A 42 -1.98 -2.11 -17.29
CA GLY A 42 -3.42 -1.96 -17.43
C GLY A 42 -4.23 -2.78 -16.42
N LYS A 43 -3.55 -3.57 -15.63
CA LYS A 43 -4.15 -4.47 -14.69
C LYS A 43 -3.94 -3.99 -13.26
N ASN A 44 -4.86 -4.30 -12.39
CA ASN A 44 -4.72 -3.92 -11.00
C ASN A 44 -3.97 -5.02 -10.30
N ARG A 45 -2.87 -4.67 -9.71
CA ARG A 45 -2.03 -5.59 -9.00
C ARG A 45 -2.24 -5.40 -7.51
N THR A 46 -2.42 -6.49 -6.80
CA THR A 46 -2.78 -6.43 -5.40
C THR A 46 -1.58 -6.09 -4.52
N LEU A 47 -1.71 -5.00 -3.81
CA LEU A 47 -0.83 -4.65 -2.73
C LEU A 47 -1.59 -4.87 -1.45
N TYR A 48 -2.84 -4.50 -1.49
CA TYR A 48 -3.73 -4.70 -0.39
C TYR A 48 -5.08 -5.11 -0.95
N LEU A 49 -5.59 -4.29 -1.85
CA LEU A 49 -6.89 -4.49 -2.44
C LEU A 49 -6.74 -4.76 -3.94
N GLN A 50 -7.79 -5.29 -4.52
CA GLN A 50 -7.92 -5.57 -5.95
C GLN A 50 -9.37 -5.91 -6.18
N SER A 51 -9.91 -6.58 -5.20
CA SER A 51 -11.30 -6.95 -5.11
C SER A 51 -11.74 -6.75 -3.68
N VAL A 52 -13.04 -6.76 -3.41
CA VAL A 52 -13.54 -6.58 -2.06
C VAL A 52 -14.40 -7.76 -1.59
N THR A 53 -13.77 -8.64 -0.87
CA THR A 53 -14.44 -9.75 -0.24
C THR A 53 -14.03 -9.81 1.27
N SER A 54 -13.03 -8.97 1.63
CA SER A 54 -12.50 -8.88 3.00
C SER A 54 -11.68 -10.14 3.39
N ILE A 55 -12.36 -11.26 3.53
CA ILE A 55 -11.70 -12.51 3.80
C ILE A 55 -11.49 -13.20 2.47
N GLU A 56 -10.33 -13.00 1.91
CA GLU A 56 -10.05 -13.48 0.58
C GLU A 56 -8.56 -13.74 0.39
N GLU A 57 -8.18 -14.02 -0.85
CA GLU A 57 -6.79 -14.30 -1.20
C GLU A 57 -5.98 -13.00 -1.23
N ARG A 58 -6.68 -11.87 -1.27
CA ARG A 58 -6.07 -10.55 -1.20
C ARG A 58 -5.70 -10.19 0.24
N THR A 59 -4.97 -9.11 0.37
CA THR A 59 -4.58 -8.54 1.64
C THR A 59 -3.55 -9.38 2.45
N ARG A 60 -4.00 -10.36 3.23
CA ARG A 60 -3.13 -11.04 4.22
C ARG A 60 -1.76 -11.53 3.71
N PRO A 61 -1.70 -12.26 2.59
CA PRO A 61 -0.42 -12.70 2.03
C PRO A 61 0.49 -11.54 1.60
N ASN A 62 -0.11 -10.42 1.17
CA ASN A 62 0.65 -9.31 0.63
C ASN A 62 1.34 -8.62 1.75
N LEU A 63 0.64 -8.53 2.84
CA LEU A 63 1.11 -7.94 4.06
C LEU A 63 2.22 -8.74 4.69
N SER A 64 2.26 -10.01 4.38
CA SER A 64 3.24 -10.89 4.92
C SER A 64 4.51 -10.91 4.05
N LYS A 65 4.40 -10.43 2.83
CA LYS A 65 5.51 -10.41 1.88
C LYS A 65 6.16 -9.05 1.89
N THR A 66 7.39 -8.96 1.39
CA THR A 66 8.03 -7.68 1.34
C THR A 66 7.58 -6.91 0.10
N LEU A 67 7.84 -5.62 0.07
CA LEU A 67 7.38 -4.74 -0.99
C LEU A 67 7.90 -5.12 -2.37
N LYS A 68 9.18 -5.50 -2.47
CA LYS A 68 9.73 -5.88 -3.77
C LYS A 68 9.10 -7.13 -4.29
N GLU A 69 8.80 -8.04 -3.38
CA GLU A 69 8.20 -9.28 -3.74
C GLU A 69 6.81 -9.08 -4.34
N LEU A 70 6.18 -7.98 -3.96
CA LEU A 70 4.86 -7.63 -4.45
C LEU A 70 4.94 -6.96 -5.81
N GLY A 71 6.16 -6.82 -6.31
CA GLY A 71 6.37 -6.25 -7.61
C GLY A 71 6.60 -4.77 -7.57
N LEU A 72 6.86 -4.24 -6.40
CA LEU A 72 7.06 -2.83 -6.26
C LEU A 72 8.51 -2.45 -6.47
N VAL A 73 8.70 -1.31 -7.09
CA VAL A 73 10.00 -0.74 -7.35
C VAL A 73 9.95 0.72 -6.96
N ASP A 74 11.10 1.34 -6.84
CA ASP A 74 11.14 2.74 -6.49
C ASP A 74 10.57 3.59 -7.60
N GLY A 75 9.76 4.54 -7.21
CA GLY A 75 9.21 5.46 -8.17
C GLY A 75 7.81 5.07 -8.58
N GLN A 76 7.39 3.87 -8.20
CA GLN A 76 6.08 3.38 -8.54
C GLN A 76 5.02 4.19 -7.82
N GLU A 77 3.98 4.58 -8.56
CA GLU A 77 2.92 5.37 -8.03
C GLU A 77 1.75 4.47 -7.64
N LEU A 78 1.42 4.51 -6.40
CA LEU A 78 0.42 3.70 -5.79
C LEU A 78 -0.85 4.50 -5.58
N ALA A 79 -1.98 3.89 -5.79
CA ALA A 79 -3.23 4.58 -5.62
C ALA A 79 -3.80 4.18 -4.27
N VAL A 80 -3.93 5.17 -3.41
CA VAL A 80 -4.33 4.96 -2.06
C VAL A 80 -5.71 5.57 -1.82
N ALA A 81 -6.61 4.76 -1.34
CA ALA A 81 -7.93 5.22 -1.01
C ALA A 81 -8.12 5.00 0.46
N ASP A 82 -8.66 5.97 1.13
CA ASP A 82 -8.76 5.95 2.57
C ASP A 82 -10.16 6.24 3.04
N VAL A 83 -10.51 5.70 4.20
CA VAL A 83 -11.82 5.85 4.75
C VAL A 83 -11.94 7.12 5.61
N THR A 84 -10.84 7.51 6.27
CA THR A 84 -10.89 8.68 7.12
C THR A 84 -10.60 9.97 6.34
N THR A 85 -9.91 9.84 5.22
CA THR A 85 -9.68 10.96 4.35
C THR A 85 -10.63 10.82 3.14
N PRO A 86 -11.40 11.87 2.82
CA PRO A 86 -12.33 11.86 1.69
C PRO A 86 -11.65 12.26 0.37
N GLN A 87 -10.39 11.90 0.24
CA GLN A 87 -9.62 12.21 -0.94
C GLN A 87 -8.81 10.98 -1.33
N THR A 88 -8.74 10.71 -2.61
CA THR A 88 -7.91 9.66 -3.11
C THR A 88 -6.52 10.24 -3.31
N VAL A 89 -5.54 9.62 -2.73
CA VAL A 89 -4.20 10.13 -2.73
C VAL A 89 -3.21 9.18 -3.36
N LEU A 90 -2.30 9.72 -4.13
CA LEU A 90 -1.29 8.92 -4.78
C LEU A 90 0.02 8.97 -4.00
N PHE A 91 0.59 7.83 -3.78
CA PHE A 91 1.87 7.72 -3.10
C PHE A 91 2.88 7.06 -3.97
N LYS A 92 4.07 7.56 -3.96
CA LYS A 92 5.15 6.97 -4.68
C LYS A 92 6.06 6.29 -3.69
N LEU A 93 6.36 5.06 -3.94
CA LEU A 93 7.12 4.23 -3.04
C LEU A 93 8.56 4.27 -3.50
N HIS A 94 9.44 4.71 -2.65
CA HIS A 94 10.83 4.83 -3.02
C HIS A 94 11.70 3.95 -2.15
N PHE A 95 12.43 3.06 -2.76
CA PHE A 95 13.33 2.17 -2.05
C PHE A 95 14.72 2.71 -2.09
N THR A 96 15.33 2.89 -0.96
CA THR A 96 16.72 3.15 -0.96
C THR A 96 17.44 1.87 -0.56
N SER A 97 18.51 1.59 -1.21
CA SER A 97 19.29 0.43 -0.94
C SER A 97 20.71 0.64 -1.39
N GLY A 1 -3.38 16.52 2.85
CA GLY A 1 -3.97 17.39 1.84
C GLY A 1 -2.97 17.89 0.87
N SER A 2 -2.55 17.04 -0.02
CA SER A 2 -1.62 17.39 -1.02
C SER A 2 -2.16 16.94 -2.38
N GLN A 3 -2.00 17.79 -3.38
CA GLN A 3 -2.42 17.44 -4.73
C GLN A 3 -1.24 16.84 -5.45
N LEU A 4 -0.08 17.05 -4.86
CA LEU A 4 1.15 16.49 -5.31
C LEU A 4 1.26 15.13 -4.62
N PRO A 5 1.77 14.10 -5.31
CA PRO A 5 1.96 12.79 -4.69
C PRO A 5 2.94 12.86 -3.52
N GLN A 6 2.61 12.17 -2.48
CA GLN A 6 3.42 12.12 -1.30
C GLN A 6 4.49 11.06 -1.47
N ASN A 7 5.67 11.33 -0.99
CA ASN A 7 6.76 10.40 -1.17
C ASN A 7 7.03 9.65 0.11
N ILE A 8 7.26 8.36 -0.04
CA ILE A 8 7.58 7.48 1.04
C ILE A 8 8.71 6.58 0.62
N GLN A 9 9.63 6.32 1.50
CA GLN A 9 10.77 5.53 1.17
C GLN A 9 10.81 4.29 2.06
N PHE A 10 11.05 3.17 1.45
CA PHE A 10 11.10 1.90 2.12
C PHE A 10 12.23 1.04 1.61
N SER A 11 12.64 0.14 2.43
CA SER A 11 13.63 -0.83 2.07
C SER A 11 12.87 -2.02 1.48
N PRO A 12 13.36 -2.62 0.37
CA PRO A 12 12.67 -3.73 -0.34
C PRO A 12 12.15 -4.87 0.58
N SER A 13 12.77 -5.02 1.74
CA SER A 13 12.41 -6.04 2.69
C SER A 13 11.24 -5.60 3.61
N ALA A 14 10.76 -4.38 3.42
CA ALA A 14 9.64 -3.87 4.19
C ALA A 14 8.34 -4.47 3.71
N LYS A 15 7.43 -4.70 4.62
CA LYS A 15 6.15 -5.27 4.30
C LYS A 15 5.13 -4.20 3.98
N LEU A 16 4.09 -4.56 3.26
CA LEU A 16 3.03 -3.65 2.90
C LEU A 16 2.33 -3.18 4.18
N GLN A 17 2.18 -4.08 5.13
CA GLN A 17 1.60 -3.73 6.43
C GLN A 17 2.39 -2.64 7.15
N GLU A 18 3.73 -2.68 7.02
CA GLU A 18 4.61 -1.67 7.60
C GLU A 18 4.34 -0.32 6.98
N VAL A 19 3.99 -0.33 5.70
CA VAL A 19 3.67 0.88 4.96
C VAL A 19 2.47 1.60 5.58
N LEU A 20 1.44 0.84 5.96
CA LEU A 20 0.25 1.44 6.62
C LEU A 20 0.61 2.03 7.96
N ASP A 21 1.39 1.31 8.71
CA ASP A 21 1.81 1.70 10.04
C ASP A 21 2.57 3.04 9.98
N TYR A 22 3.49 3.12 9.03
CA TYR A 22 4.31 4.30 8.80
C TYR A 22 3.51 5.46 8.20
N LEU A 23 2.49 5.13 7.39
CA LEU A 23 1.75 6.10 6.56
C LEU A 23 1.19 7.24 7.40
N THR A 24 0.25 6.94 8.26
CA THR A 24 -0.29 7.95 9.11
C THR A 24 -0.05 7.61 10.57
N ASN A 25 -0.77 6.62 11.02
CA ASN A 25 -0.78 6.21 12.42
C ASN A 25 -0.50 4.75 12.50
N SER A 26 0.13 4.32 13.57
CA SER A 26 0.43 2.92 13.71
C SER A 26 -0.74 2.13 14.26
N ALA A 27 -1.22 2.51 15.42
CA ALA A 27 -2.23 1.72 16.09
C ALA A 27 -3.63 2.16 15.73
N SER A 28 -3.82 3.45 15.57
CA SER A 28 -5.13 3.98 15.27
C SER A 28 -5.53 3.62 13.84
N LEU A 29 -4.54 3.37 13.01
CA LEU A 29 -4.79 3.11 11.63
C LEU A 29 -4.82 1.61 11.33
N GLN A 30 -4.79 0.74 12.34
CA GLN A 30 -4.73 -0.69 12.05
C GLN A 30 -5.98 -1.23 11.34
N MET A 31 -7.16 -0.75 11.71
CA MET A 31 -8.38 -1.17 11.01
C MET A 31 -8.94 -0.05 10.15
N LYS A 32 -8.49 1.15 10.43
CA LYS A 32 -8.91 2.36 9.70
C LYS A 32 -8.11 2.53 8.42
N SER A 33 -7.25 1.60 8.12
CA SER A 33 -6.26 1.79 7.11
C SER A 33 -6.82 1.80 5.68
N PRO A 34 -6.25 2.73 4.87
CA PRO A 34 -6.54 2.92 3.45
C PRO A 34 -6.20 1.69 2.64
N ALA A 35 -6.72 1.61 1.46
CA ALA A 35 -6.52 0.49 0.62
C ALA A 35 -5.62 0.91 -0.50
N ILE A 36 -4.61 0.10 -0.73
CA ILE A 36 -3.57 0.36 -1.67
C ILE A 36 -3.70 -0.57 -2.85
N THR A 37 -3.75 -0.01 -4.00
CA THR A 37 -3.75 -0.76 -5.20
C THR A 37 -2.78 -0.09 -6.15
N ALA A 38 -2.03 -0.88 -6.86
CA ALA A 38 -1.07 -0.31 -7.79
C ALA A 38 -1.30 -0.85 -9.17
N THR A 39 -1.23 0.01 -10.13
CA THR A 39 -1.42 -0.34 -11.48
C THR A 39 -0.08 -0.31 -12.21
N LEU A 40 0.28 -1.41 -12.77
CA LEU A 40 1.49 -1.55 -13.48
C LEU A 40 1.18 -2.11 -14.85
N GLU A 41 1.56 -1.38 -15.89
CA GLU A 41 1.35 -1.75 -17.30
C GLU A 41 -0.15 -2.00 -17.58
N GLY A 42 -1.02 -1.22 -16.94
CA GLY A 42 -2.45 -1.34 -17.16
C GLY A 42 -3.07 -2.49 -16.40
N LYS A 43 -2.28 -3.14 -15.57
CA LYS A 43 -2.75 -4.24 -14.76
C LYS A 43 -2.77 -3.79 -13.31
N ASN A 44 -3.83 -4.11 -12.60
CA ASN A 44 -3.95 -3.68 -11.23
C ASN A 44 -3.67 -4.79 -10.25
N ARG A 45 -2.69 -4.60 -9.42
CA ARG A 45 -2.47 -5.50 -8.34
C ARG A 45 -2.82 -4.79 -7.05
N THR A 46 -3.71 -5.36 -6.30
CA THR A 46 -4.03 -4.80 -5.04
C THR A 46 -2.95 -5.22 -4.06
N LEU A 47 -2.49 -4.27 -3.29
CA LEU A 47 -1.41 -4.52 -2.39
C LEU A 47 -1.94 -4.60 -0.97
N TYR A 48 -3.02 -3.89 -0.73
CA TYR A 48 -3.61 -3.90 0.61
C TYR A 48 -4.57 -5.05 0.79
N LEU A 49 -5.41 -5.26 -0.19
CA LEU A 49 -6.39 -6.32 -0.13
C LEU A 49 -5.66 -7.65 -0.26
N GLN A 50 -5.87 -8.53 0.71
CA GLN A 50 -5.21 -9.83 0.74
C GLN A 50 -5.52 -10.66 -0.52
N SER A 51 -6.78 -10.79 -0.79
CA SER A 51 -7.32 -11.55 -1.90
C SER A 51 -8.70 -10.98 -2.11
N VAL A 52 -9.41 -11.35 -3.19
CA VAL A 52 -10.76 -10.80 -3.44
C VAL A 52 -11.69 -11.02 -2.24
N THR A 53 -11.49 -12.15 -1.57
CA THR A 53 -12.14 -12.50 -0.32
C THR A 53 -13.69 -12.49 -0.40
N SER A 54 -14.24 -13.58 -0.85
CA SER A 54 -15.66 -13.76 -0.84
C SER A 54 -16.07 -14.66 0.33
N ILE A 55 -15.50 -15.85 0.39
CA ILE A 55 -15.74 -16.79 1.48
C ILE A 55 -14.39 -17.36 1.94
N GLU A 56 -13.33 -16.70 1.51
CA GLU A 56 -11.98 -17.16 1.79
C GLU A 56 -11.47 -16.50 3.06
N GLU A 57 -10.59 -17.16 3.74
CA GLU A 57 -10.02 -16.63 4.94
C GLU A 57 -8.50 -16.85 4.82
N ARG A 58 -7.78 -15.79 4.53
CA ARG A 58 -6.35 -15.91 4.23
C ARG A 58 -5.52 -15.25 5.31
N THR A 59 -4.24 -15.62 5.35
CA THR A 59 -3.31 -15.10 6.36
C THR A 59 -2.74 -13.72 5.91
N ARG A 60 -3.51 -13.02 5.07
CA ARG A 60 -3.14 -11.70 4.52
C ARG A 60 -1.80 -11.77 3.80
N PRO A 61 -1.76 -12.40 2.62
CA PRO A 61 -0.50 -12.67 1.92
C PRO A 61 0.19 -11.44 1.40
N ASN A 62 -0.59 -10.49 0.91
CA ASN A 62 0.01 -9.25 0.39
C ASN A 62 0.61 -8.45 1.51
N LEU A 63 -0.06 -8.49 2.65
CA LEU A 63 0.42 -7.80 3.83
C LEU A 63 1.64 -8.51 4.41
N SER A 64 1.69 -9.83 4.29
CA SER A 64 2.78 -10.61 4.86
C SER A 64 3.99 -10.65 3.94
N LYS A 65 3.81 -10.22 2.71
CA LYS A 65 4.89 -10.17 1.76
C LYS A 65 5.53 -8.83 1.80
N THR A 66 6.73 -8.75 1.31
CA THR A 66 7.41 -7.51 1.27
C THR A 66 7.09 -6.81 -0.03
N LEU A 67 7.42 -5.55 -0.08
CA LEU A 67 7.16 -4.73 -1.25
C LEU A 67 7.87 -5.31 -2.48
N LYS A 68 9.05 -5.88 -2.25
CA LYS A 68 9.81 -6.52 -3.32
C LYS A 68 9.07 -7.75 -3.82
N GLU A 69 8.54 -8.54 -2.89
CA GLU A 69 7.79 -9.76 -3.21
C GLU A 69 6.49 -9.45 -3.94
N LEU A 70 5.96 -8.27 -3.71
CA LEU A 70 4.73 -7.84 -4.36
C LEU A 70 5.01 -7.38 -5.78
N GLY A 71 6.29 -7.24 -6.10
CA GLY A 71 6.67 -6.84 -7.43
C GLY A 71 6.63 -5.34 -7.59
N LEU A 72 6.63 -4.63 -6.49
CA LEU A 72 6.59 -3.20 -6.50
C LEU A 72 8.02 -2.71 -6.69
N VAL A 73 8.20 -1.63 -7.43
CA VAL A 73 9.52 -1.09 -7.70
C VAL A 73 9.56 0.41 -7.45
N ASP A 74 10.74 0.93 -7.19
CA ASP A 74 10.96 2.36 -6.94
C ASP A 74 10.45 3.22 -8.09
N GLY A 75 9.74 4.26 -7.74
CA GLY A 75 9.17 5.15 -8.73
C GLY A 75 7.71 4.84 -8.99
N GLN A 76 7.24 3.73 -8.45
CA GLN A 76 5.85 3.33 -8.58
C GLN A 76 4.99 4.29 -7.80
N GLU A 77 3.92 4.74 -8.39
CA GLU A 77 2.99 5.57 -7.72
C GLU A 77 1.78 4.74 -7.35
N LEU A 78 1.44 4.78 -6.12
CA LEU A 78 0.37 4.00 -5.56
C LEU A 78 -0.87 4.87 -5.39
N ALA A 79 -2.01 4.32 -5.72
CA ALA A 79 -3.25 5.02 -5.55
C ALA A 79 -3.93 4.45 -4.34
N VAL A 80 -4.11 5.27 -3.34
CA VAL A 80 -4.71 4.81 -2.11
C VAL A 80 -6.04 5.49 -1.86
N ALA A 81 -7.00 4.71 -1.47
CA ALA A 81 -8.31 5.23 -1.14
C ALA A 81 -8.53 4.96 0.33
N ASP A 82 -9.23 5.83 0.98
CA ASP A 82 -9.36 5.75 2.42
C ASP A 82 -10.82 5.53 2.80
N VAL A 83 -11.05 4.90 3.94
CA VAL A 83 -12.40 4.57 4.37
C VAL A 83 -13.08 5.71 5.14
N THR A 84 -12.29 6.58 5.73
CA THR A 84 -12.82 7.68 6.51
C THR A 84 -12.81 8.95 5.67
N THR A 85 -11.97 8.98 4.68
CA THR A 85 -11.87 10.08 3.79
C THR A 85 -12.11 9.59 2.36
N PRO A 86 -13.03 10.23 1.62
CA PRO A 86 -13.41 9.79 0.25
C PRO A 86 -12.44 10.27 -0.83
N GLN A 87 -11.23 10.60 -0.44
CA GLN A 87 -10.25 11.10 -1.37
C GLN A 87 -9.28 10.00 -1.76
N THR A 88 -8.72 10.14 -2.92
CA THR A 88 -7.72 9.24 -3.41
C THR A 88 -6.38 9.95 -3.26
N VAL A 89 -5.45 9.34 -2.60
CA VAL A 89 -4.17 9.96 -2.36
C VAL A 89 -3.09 9.21 -3.13
N LEU A 90 -2.17 9.94 -3.71
CA LEU A 90 -1.10 9.33 -4.47
C LEU A 90 0.19 9.33 -3.69
N PHE A 91 0.81 8.19 -3.61
CA PHE A 91 2.09 8.04 -2.95
C PHE A 91 3.08 7.40 -3.87
N LYS A 92 4.28 7.87 -3.89
CA LYS A 92 5.33 7.19 -4.61
C LYS A 92 6.19 6.43 -3.65
N LEU A 93 6.48 5.21 -4.01
CA LEU A 93 7.23 4.31 -3.19
C LEU A 93 8.64 4.31 -3.71
N HIS A 94 9.54 4.62 -2.85
CA HIS A 94 10.92 4.74 -3.19
C HIS A 94 11.72 3.73 -2.41
N PHE A 95 12.52 2.97 -3.08
CA PHE A 95 13.33 1.98 -2.41
C PHE A 95 14.71 2.48 -2.16
N THR A 96 15.13 2.38 -0.94
CA THR A 96 16.44 2.77 -0.57
C THR A 96 17.30 1.50 -0.46
N SER A 97 18.56 1.63 -0.75
CA SER A 97 19.46 0.54 -0.70
C SER A 97 20.18 0.56 0.66
N GLY A 1 -6.65 16.75 -0.24
CA GLY A 1 -6.47 16.35 -1.63
C GLY A 1 -5.18 16.87 -2.17
N SER A 2 -4.42 16.02 -2.80
CA SER A 2 -3.17 16.38 -3.38
C SER A 2 -3.12 15.91 -4.83
N GLN A 3 -2.61 16.73 -5.73
CA GLN A 3 -2.50 16.33 -7.10
C GLN A 3 -1.06 16.00 -7.44
N LEU A 4 -0.14 16.44 -6.59
CA LEU A 4 1.25 16.04 -6.70
C LEU A 4 1.40 14.80 -5.86
N PRO A 5 2.08 13.77 -6.34
CA PRO A 5 2.23 12.54 -5.59
C PRO A 5 3.16 12.72 -4.39
N GLN A 6 2.79 12.12 -3.28
CA GLN A 6 3.60 12.13 -2.09
C GLN A 6 4.70 11.12 -2.22
N ASN A 7 5.85 11.45 -1.74
CA ASN A 7 6.97 10.55 -1.86
C ASN A 7 7.22 9.86 -0.54
N ILE A 8 7.46 8.58 -0.62
CA ILE A 8 7.74 7.75 0.55
C ILE A 8 8.86 6.78 0.20
N GLN A 9 9.80 6.63 1.11
CA GLN A 9 10.91 5.74 0.86
C GLN A 9 10.88 4.58 1.85
N PHE A 10 11.06 3.40 1.32
CA PHE A 10 11.08 2.16 2.06
C PHE A 10 12.18 1.25 1.57
N SER A 11 12.58 0.35 2.41
CA SER A 11 13.61 -0.59 2.08
C SER A 11 12.94 -1.80 1.43
N PRO A 12 13.53 -2.34 0.32
CA PRO A 12 12.95 -3.50 -0.43
C PRO A 12 12.55 -4.68 0.47
N SER A 13 13.20 -4.78 1.62
CA SER A 13 12.96 -5.84 2.56
C SER A 13 11.79 -5.53 3.50
N ALA A 14 11.23 -4.33 3.40
CA ALA A 14 10.10 -3.95 4.23
C ALA A 14 8.82 -4.58 3.73
N LYS A 15 7.96 -4.94 4.65
CA LYS A 15 6.69 -5.52 4.33
C LYS A 15 5.66 -4.45 4.10
N LEU A 16 4.59 -4.79 3.41
CA LEU A 16 3.51 -3.86 3.14
C LEU A 16 2.87 -3.43 4.47
N GLN A 17 2.77 -4.37 5.40
CA GLN A 17 2.25 -4.10 6.74
C GLN A 17 3.08 -3.00 7.43
N GLU A 18 4.39 -3.05 7.23
CA GLU A 18 5.29 -2.07 7.81
C GLU A 18 5.06 -0.68 7.19
N VAL A 19 4.72 -0.67 5.91
CA VAL A 19 4.39 0.57 5.21
C VAL A 19 3.16 1.23 5.87
N LEU A 20 2.18 0.40 6.21
CA LEU A 20 0.97 0.87 6.88
C LEU A 20 1.30 1.40 8.27
N ASP A 21 2.15 0.68 8.99
CA ASP A 21 2.56 1.08 10.34
C ASP A 21 3.23 2.44 10.30
N TYR A 22 4.11 2.60 9.34
CA TYR A 22 4.83 3.84 9.16
C TYR A 22 3.94 4.98 8.62
N LEU A 23 2.83 4.63 7.93
CA LEU A 23 2.03 5.64 7.25
C LEU A 23 1.48 6.61 8.28
N THR A 24 0.55 6.19 9.10
CA THR A 24 0.20 6.97 10.23
C THR A 24 0.34 6.19 11.52
N ASN A 25 -0.63 5.32 11.74
CA ASN A 25 -0.69 4.48 12.90
C ASN A 25 -1.02 3.05 12.51
N SER A 26 -0.47 2.07 13.19
CA SER A 26 -0.81 0.70 12.90
C SER A 26 -2.08 0.13 13.59
N ALA A 27 -2.12 0.16 14.92
CA ALA A 27 -3.17 -0.57 15.65
C ALA A 27 -4.42 0.26 15.96
N SER A 28 -4.25 1.50 16.26
CA SER A 28 -5.39 2.34 16.61
C SER A 28 -6.11 2.82 15.36
N LEU A 29 -5.45 2.73 14.24
CA LEU A 29 -5.97 3.22 13.00
C LEU A 29 -6.61 2.10 12.17
N GLN A 30 -6.69 0.89 12.70
CA GLN A 30 -7.11 -0.27 11.88
C GLN A 30 -8.50 -0.21 11.22
N MET A 31 -9.47 0.46 11.83
CA MET A 31 -10.79 0.57 11.20
C MET A 31 -10.82 1.76 10.26
N LYS A 32 -10.05 2.74 10.61
CA LYS A 32 -9.91 3.98 9.86
C LYS A 32 -8.87 3.82 8.75
N SER A 33 -8.33 2.64 8.64
CA SER A 33 -7.14 2.41 7.84
C SER A 33 -7.43 2.54 6.36
N PRO A 34 -6.49 3.17 5.67
CA PRO A 34 -6.55 3.37 4.24
C PRO A 34 -6.19 2.11 3.47
N ALA A 35 -6.63 2.06 2.25
CA ALA A 35 -6.33 0.99 1.37
C ALA A 35 -5.52 1.54 0.22
N ILE A 36 -4.45 0.90 -0.10
CA ILE A 36 -3.60 1.33 -1.17
C ILE A 36 -3.66 0.28 -2.27
N THR A 37 -3.90 0.72 -3.45
CA THR A 37 -3.96 -0.14 -4.58
C THR A 37 -3.25 0.54 -5.74
N ALA A 38 -2.62 -0.22 -6.60
CA ALA A 38 -1.89 0.36 -7.69
C ALA A 38 -2.17 -0.34 -8.99
N THR A 39 -2.14 0.40 -10.05
CA THR A 39 -2.30 -0.14 -11.36
C THR A 39 -0.96 -0.18 -12.05
N LEU A 40 -0.54 -1.35 -12.46
CA LEU A 40 0.76 -1.51 -13.02
C LEU A 40 0.65 -2.32 -14.32
N GLU A 41 1.07 -1.70 -15.42
CA GLU A 41 1.04 -2.27 -16.79
C GLU A 41 -0.37 -2.72 -17.21
N GLY A 42 -1.37 -1.96 -16.80
CA GLY A 42 -2.75 -2.22 -17.17
C GLY A 42 -3.43 -3.26 -16.31
N LYS A 43 -2.74 -3.73 -15.30
CA LYS A 43 -3.31 -4.71 -14.41
C LYS A 43 -3.35 -4.13 -13.00
N ASN A 44 -4.34 -4.53 -12.23
CA ASN A 44 -4.50 -4.02 -10.88
C ASN A 44 -3.69 -4.87 -9.93
N ARG A 45 -2.85 -4.23 -9.16
CA ARG A 45 -1.99 -4.91 -8.23
C ARG A 45 -2.50 -4.69 -6.82
N THR A 46 -2.68 -5.76 -6.11
CA THR A 46 -3.17 -5.73 -4.77
C THR A 46 -2.04 -5.46 -3.78
N LEU A 47 -2.13 -4.37 -3.05
CA LEU A 47 -1.19 -4.10 -1.98
C LEU A 47 -1.92 -4.30 -0.67
N TYR A 48 -3.14 -3.85 -0.64
CA TYR A 48 -4.02 -4.04 0.49
C TYR A 48 -5.11 -4.99 0.09
N LEU A 49 -5.51 -5.84 1.01
CA LEU A 49 -6.46 -6.90 0.72
C LEU A 49 -7.81 -6.37 0.22
N GLN A 50 -8.06 -6.61 -1.04
CA GLN A 50 -9.28 -6.18 -1.67
C GLN A 50 -10.26 -7.36 -1.75
N SER A 51 -11.53 -7.05 -1.82
CA SER A 51 -12.60 -8.04 -1.81
C SER A 51 -12.79 -8.76 -3.18
N VAL A 52 -11.70 -9.08 -3.82
CA VAL A 52 -11.72 -9.78 -5.08
C VAL A 52 -11.28 -11.21 -4.89
N THR A 53 -12.19 -12.11 -5.05
CA THR A 53 -11.94 -13.51 -4.86
C THR A 53 -11.26 -14.08 -6.11
N SER A 54 -9.94 -14.07 -6.11
CA SER A 54 -9.15 -14.59 -7.22
C SER A 54 -7.68 -14.81 -6.76
N ILE A 55 -7.48 -14.83 -5.45
CA ILE A 55 -6.14 -14.93 -4.90
C ILE A 55 -5.86 -16.37 -4.40
N GLU A 56 -6.88 -17.24 -4.56
CA GLU A 56 -6.85 -18.65 -4.17
C GLU A 56 -6.84 -18.81 -2.65
N GLU A 57 -5.72 -18.57 -2.05
CA GLU A 57 -5.60 -18.62 -0.62
C GLU A 57 -5.51 -17.17 -0.17
N ARG A 58 -6.47 -16.72 0.60
CA ARG A 58 -6.51 -15.34 0.97
C ARG A 58 -5.73 -15.06 2.25
N THR A 59 -6.40 -15.06 3.37
CA THR A 59 -5.80 -14.73 4.67
C THR A 59 -5.24 -13.27 4.71
N ARG A 60 -3.97 -13.05 4.27
CA ARG A 60 -3.32 -11.70 4.30
C ARG A 60 -1.87 -11.73 3.71
N PRO A 61 -1.63 -12.42 2.57
CA PRO A 61 -0.25 -12.69 2.12
C PRO A 61 0.47 -11.45 1.64
N ASN A 62 -0.25 -10.57 0.97
CA ASN A 62 0.35 -9.37 0.40
C ASN A 62 0.84 -8.43 1.48
N LEU A 63 0.14 -8.42 2.60
CA LEU A 63 0.49 -7.58 3.73
C LEU A 63 1.78 -8.10 4.38
N SER A 64 1.94 -9.41 4.34
CA SER A 64 3.05 -10.09 4.98
C SER A 64 4.28 -10.17 4.07
N LYS A 65 4.13 -9.79 2.84
CA LYS A 65 5.21 -9.84 1.88
C LYS A 65 5.90 -8.52 1.75
N THR A 66 7.11 -8.55 1.22
CA THR A 66 7.86 -7.36 1.06
C THR A 66 7.46 -6.64 -0.21
N LEU A 67 7.85 -5.40 -0.33
CA LEU A 67 7.53 -4.58 -1.48
C LEU A 67 8.13 -5.16 -2.76
N LYS A 68 9.32 -5.74 -2.64
CA LYS A 68 9.97 -6.38 -3.78
C LYS A 68 9.17 -7.62 -4.22
N GLU A 69 8.68 -8.38 -3.24
CA GLU A 69 7.83 -9.53 -3.52
C GLU A 69 6.49 -9.13 -4.13
N LEU A 70 6.07 -7.92 -3.84
CA LEU A 70 4.84 -7.39 -4.39
C LEU A 70 5.02 -6.88 -5.81
N GLY A 71 6.25 -6.91 -6.29
CA GLY A 71 6.51 -6.51 -7.66
C GLY A 71 6.68 -5.02 -7.80
N LEU A 72 6.95 -4.36 -6.71
CA LEU A 72 7.12 -2.93 -6.75
C LEU A 72 8.56 -2.56 -7.02
N VAL A 73 8.74 -1.50 -7.75
CA VAL A 73 10.04 -0.99 -8.09
C VAL A 73 10.00 0.53 -7.86
N ASP A 74 11.14 1.17 -7.77
CA ASP A 74 11.16 2.61 -7.47
C ASP A 74 10.54 3.39 -8.61
N GLY A 75 9.73 4.35 -8.23
CA GLY A 75 9.06 5.18 -9.21
C GLY A 75 7.63 4.73 -9.47
N GLN A 76 7.28 3.56 -8.94
CA GLN A 76 5.91 3.07 -9.04
C GLN A 76 4.98 3.90 -8.20
N GLU A 77 3.79 4.10 -8.68
CA GLU A 77 2.84 4.98 -8.06
C GLU A 77 1.64 4.22 -7.52
N LEU A 78 1.43 4.37 -6.24
CA LEU A 78 0.38 3.68 -5.51
C LEU A 78 -0.68 4.67 -5.07
N ALA A 79 -1.93 4.29 -5.18
CA ALA A 79 -3.03 5.17 -4.81
C ALA A 79 -3.62 4.76 -3.46
N VAL A 80 -3.72 5.71 -2.56
CA VAL A 80 -4.25 5.46 -1.23
C VAL A 80 -5.60 6.16 -1.07
N ALA A 81 -6.53 5.43 -0.56
CA ALA A 81 -7.86 5.93 -0.28
C ALA A 81 -8.22 5.52 1.12
N ASP A 82 -9.03 6.29 1.79
CA ASP A 82 -9.35 5.99 3.18
C ASP A 82 -10.79 5.65 3.25
N VAL A 83 -11.19 5.00 4.31
CA VAL A 83 -12.59 4.71 4.52
C VAL A 83 -13.35 5.99 4.83
N THR A 84 -12.61 6.97 5.31
CA THR A 84 -13.15 8.24 5.68
C THR A 84 -12.94 9.29 4.56
N THR A 85 -12.15 8.96 3.54
CA THR A 85 -11.86 9.89 2.46
C THR A 85 -12.25 9.26 1.10
N PRO A 86 -13.05 9.96 0.28
CA PRO A 86 -13.42 9.47 -1.06
C PRO A 86 -12.30 9.70 -2.09
N GLN A 87 -11.51 10.74 -1.85
CA GLN A 87 -10.43 11.12 -2.74
C GLN A 87 -9.22 10.26 -2.49
N THR A 88 -8.52 9.93 -3.54
CA THR A 88 -7.36 9.11 -3.42
C THR A 88 -6.08 9.95 -3.57
N VAL A 89 -5.13 9.69 -2.71
CA VAL A 89 -3.84 10.37 -2.72
C VAL A 89 -2.83 9.45 -3.40
N LEU A 90 -1.98 10.00 -4.21
CA LEU A 90 -1.02 9.18 -4.94
C LEU A 90 0.35 9.23 -4.25
N PHE A 91 0.98 8.09 -4.15
CA PHE A 91 2.31 7.99 -3.59
C PHE A 91 3.28 7.49 -4.63
N LYS A 92 4.47 8.00 -4.58
CA LYS A 92 5.55 7.50 -5.38
C LYS A 92 6.35 6.61 -4.43
N LEU A 93 6.67 5.42 -4.85
CA LEU A 93 7.33 4.48 -3.98
C LEU A 93 8.81 4.53 -4.28
N HIS A 94 9.58 4.83 -3.29
CA HIS A 94 11.01 4.98 -3.41
C HIS A 94 11.71 3.97 -2.55
N PHE A 95 12.65 3.29 -3.12
CA PHE A 95 13.40 2.31 -2.38
C PHE A 95 14.70 2.89 -1.89
N THR A 96 15.08 2.53 -0.69
CA THR A 96 16.27 3.04 -0.08
C THR A 96 17.48 2.31 -0.65
N SER A 97 18.53 3.04 -0.90
CA SER A 97 19.73 2.51 -1.45
C SER A 97 20.88 3.33 -0.87
N GLY A 1 -5.80 14.46 4.01
CA GLY A 1 -5.87 14.00 2.62
C GLY A 1 -5.16 14.93 1.67
N SER A 2 -4.17 14.42 1.00
CA SER A 2 -3.42 15.20 0.06
C SER A 2 -3.84 14.84 -1.36
N GLN A 3 -4.00 15.84 -2.19
CA GLN A 3 -4.35 15.59 -3.56
C GLN A 3 -3.10 15.50 -4.41
N LEU A 4 -2.01 15.97 -3.85
CA LEU A 4 -0.71 15.85 -4.48
C LEU A 4 -0.08 14.52 -4.07
N PRO A 5 0.74 13.90 -4.93
CA PRO A 5 1.41 12.67 -4.58
C PRO A 5 2.54 12.92 -3.57
N GLN A 6 2.63 12.04 -2.63
CA GLN A 6 3.67 12.10 -1.62
C GLN A 6 4.70 11.03 -1.90
N ASN A 7 5.94 11.36 -1.72
CA ASN A 7 7.00 10.42 -2.01
C ASN A 7 7.56 9.85 -0.72
N ILE A 8 7.77 8.56 -0.73
CA ILE A 8 8.26 7.85 0.44
C ILE A 8 9.38 6.89 0.06
N GLN A 9 10.33 6.74 0.94
CA GLN A 9 11.45 5.85 0.72
C GLN A 9 11.41 4.69 1.70
N PHE A 10 11.54 3.51 1.17
CA PHE A 10 11.54 2.27 1.93
C PHE A 10 12.59 1.32 1.40
N SER A 11 13.03 0.44 2.23
CA SER A 11 13.95 -0.57 1.85
C SER A 11 13.15 -1.79 1.36
N PRO A 12 13.56 -2.42 0.23
CA PRO A 12 12.84 -3.53 -0.44
C PRO A 12 12.38 -4.67 0.49
N SER A 13 13.03 -4.82 1.62
CA SER A 13 12.74 -5.87 2.56
C SER A 13 11.61 -5.50 3.55
N ALA A 14 11.08 -4.30 3.45
CA ALA A 14 9.98 -3.88 4.32
C ALA A 14 8.67 -4.50 3.85
N LYS A 15 7.82 -4.85 4.79
CA LYS A 15 6.54 -5.46 4.49
C LYS A 15 5.43 -4.42 4.42
N LEU A 16 4.38 -4.75 3.68
CA LEU A 16 3.28 -3.84 3.40
C LEU A 16 2.59 -3.37 4.71
N GLN A 17 2.41 -4.28 5.65
CA GLN A 17 1.78 -3.97 6.95
C GLN A 17 2.61 -2.93 7.70
N GLU A 18 3.93 -3.06 7.63
CA GLU A 18 4.84 -2.15 8.35
C GLU A 18 4.69 -0.74 7.81
N VAL A 19 4.46 -0.66 6.51
CA VAL A 19 4.28 0.61 5.83
C VAL A 19 3.02 1.32 6.34
N LEU A 20 1.94 0.58 6.51
CA LEU A 20 0.69 1.18 6.99
C LEU A 20 0.76 1.64 8.43
N ASP A 21 1.36 0.81 9.29
CA ASP A 21 1.54 1.19 10.69
C ASP A 21 2.41 2.43 10.80
N TYR A 22 3.41 2.48 9.94
CA TYR A 22 4.35 3.59 9.90
C TYR A 22 3.72 4.86 9.37
N LEU A 23 2.79 4.70 8.43
CA LEU A 23 2.24 5.80 7.65
C LEU A 23 1.65 6.89 8.53
N THR A 24 0.60 6.59 9.21
CA THR A 24 0.03 7.56 10.10
C THR A 24 0.01 7.03 11.53
N ASN A 25 -0.86 6.09 11.78
CA ASN A 25 -1.03 5.51 13.11
C ASN A 25 -0.96 4.03 12.99
N SER A 26 -0.44 3.39 13.99
CA SER A 26 -0.35 1.97 14.00
C SER A 26 -1.65 1.30 14.47
N ALA A 27 -2.08 1.64 15.67
CA ALA A 27 -3.22 0.98 16.29
C ALA A 27 -4.52 1.75 16.08
N SER A 28 -4.43 3.04 15.97
CA SER A 28 -5.62 3.84 15.81
C SER A 28 -6.18 3.69 14.41
N LEU A 29 -5.31 3.39 13.48
CA LEU A 29 -5.66 3.33 12.09
C LEU A 29 -5.91 1.86 11.65
N GLN A 30 -6.00 0.93 12.59
CA GLN A 30 -6.02 -0.50 12.24
C GLN A 30 -7.18 -0.94 11.33
N MET A 31 -8.33 -0.33 11.49
CA MET A 31 -9.49 -0.66 10.66
C MET A 31 -9.79 0.46 9.68
N LYS A 32 -9.48 1.66 10.09
CA LYS A 32 -9.73 2.86 9.32
C LYS A 32 -8.65 3.15 8.29
N SER A 33 -7.69 2.28 8.18
CA SER A 33 -6.55 2.50 7.33
C SER A 33 -6.94 2.43 5.87
N PRO A 34 -6.36 3.33 5.07
CA PRO A 34 -6.54 3.37 3.64
C PRO A 34 -5.97 2.12 2.96
N ALA A 35 -6.42 1.85 1.77
CA ALA A 35 -6.01 0.69 1.04
C ALA A 35 -5.19 1.12 -0.13
N ILE A 36 -4.16 0.35 -0.41
CA ILE A 36 -3.23 0.71 -1.45
C ILE A 36 -3.38 -0.24 -2.63
N THR A 37 -3.56 0.32 -3.78
CA THR A 37 -3.67 -0.42 -4.99
C THR A 37 -2.75 0.23 -6.02
N ALA A 38 -2.11 -0.57 -6.81
CA ALA A 38 -1.24 -0.04 -7.85
C ALA A 38 -1.64 -0.55 -9.21
N THR A 39 -1.52 0.30 -10.19
CA THR A 39 -1.85 -0.05 -11.54
C THR A 39 -0.56 -0.36 -12.28
N LEU A 40 -0.47 -1.55 -12.81
CA LEU A 40 0.68 -1.96 -13.55
C LEU A 40 0.24 -2.65 -14.83
N GLU A 41 0.67 -2.13 -15.96
CA GLU A 41 0.35 -2.64 -17.30
C GLU A 41 -1.20 -2.69 -17.47
N GLY A 42 -1.85 -1.71 -16.89
CA GLY A 42 -3.29 -1.60 -16.99
C GLY A 42 -4.04 -2.53 -16.03
N LYS A 43 -3.32 -3.31 -15.26
CA LYS A 43 -3.94 -4.21 -14.30
C LYS A 43 -3.78 -3.66 -12.90
N ASN A 44 -4.77 -3.82 -12.09
CA ASN A 44 -4.70 -3.38 -10.73
C ASN A 44 -4.18 -4.48 -9.84
N ARG A 45 -3.10 -4.19 -9.18
CA ARG A 45 -2.59 -5.04 -8.16
C ARG A 45 -2.94 -4.41 -6.86
N THR A 46 -3.63 -5.10 -6.04
CA THR A 46 -3.93 -4.55 -4.78
C THR A 46 -2.79 -4.92 -3.83
N LEU A 47 -2.31 -3.95 -3.12
CA LEU A 47 -1.26 -4.17 -2.17
C LEU A 47 -1.83 -4.38 -0.83
N TYR A 48 -3.00 -3.83 -0.61
CA TYR A 48 -3.59 -3.97 0.72
C TYR A 48 -4.86 -4.79 0.77
N LEU A 49 -5.82 -4.48 -0.06
CA LEU A 49 -7.12 -5.10 0.09
C LEU A 49 -7.22 -6.46 -0.58
N GLN A 50 -6.66 -7.43 0.09
CA GLN A 50 -6.71 -8.80 -0.32
C GLN A 50 -6.55 -9.61 0.95
N SER A 51 -7.64 -10.00 1.53
CA SER A 51 -7.58 -10.67 2.80
C SER A 51 -7.95 -12.14 2.71
N VAL A 52 -8.48 -12.56 1.58
CA VAL A 52 -8.90 -13.94 1.46
C VAL A 52 -7.75 -14.82 1.00
N THR A 53 -7.71 -16.00 1.53
CA THR A 53 -6.69 -16.93 1.18
C THR A 53 -7.13 -17.67 -0.08
N SER A 54 -6.56 -17.30 -1.20
CA SER A 54 -6.95 -17.87 -2.44
C SER A 54 -6.06 -19.05 -2.82
N ILE A 55 -4.77 -18.83 -2.87
CA ILE A 55 -3.86 -19.86 -3.30
C ILE A 55 -2.83 -20.26 -2.23
N GLU A 56 -2.13 -19.29 -1.66
CA GLU A 56 -1.04 -19.59 -0.73
C GLU A 56 -1.14 -18.70 0.50
N GLU A 57 -0.11 -18.81 1.37
CA GLU A 57 0.06 -18.00 2.58
C GLU A 57 -0.91 -18.37 3.69
N ARG A 58 -0.75 -17.72 4.86
CA ARG A 58 -1.58 -18.01 6.01
C ARG A 58 -3.02 -17.58 5.76
N THR A 59 -3.23 -16.28 5.85
CA THR A 59 -4.52 -15.71 5.67
C THR A 59 -4.47 -14.57 4.68
N ARG A 60 -3.51 -13.70 4.89
CA ARG A 60 -3.38 -12.49 4.11
C ARG A 60 -1.97 -12.39 3.57
N PRO A 61 -1.78 -12.64 2.27
CA PRO A 61 -0.45 -12.73 1.66
C PRO A 61 0.27 -11.39 1.48
N ASN A 62 -0.45 -10.34 1.12
CA ASN A 62 0.19 -9.04 0.84
C ASN A 62 0.86 -8.44 2.05
N LEU A 63 0.25 -8.64 3.21
CA LEU A 63 0.79 -8.11 4.45
C LEU A 63 2.05 -8.84 4.86
N SER A 64 2.17 -10.06 4.41
CA SER A 64 3.30 -10.90 4.78
C SER A 64 4.44 -10.75 3.77
N LYS A 65 4.16 -10.15 2.64
CA LYS A 65 5.17 -9.98 1.64
C LYS A 65 5.77 -8.61 1.69
N THR A 66 6.94 -8.49 1.14
CA THR A 66 7.62 -7.24 1.11
C THR A 66 7.19 -6.44 -0.10
N LEU A 67 7.52 -5.16 -0.08
CA LEU A 67 7.20 -4.25 -1.16
C LEU A 67 7.82 -4.74 -2.48
N LYS A 68 9.04 -5.26 -2.39
CA LYS A 68 9.73 -5.77 -3.57
C LYS A 68 9.00 -6.99 -4.11
N GLU A 69 8.58 -7.86 -3.22
CA GLU A 69 7.87 -9.09 -3.56
C GLU A 69 6.49 -8.84 -4.16
N LEU A 70 5.93 -7.69 -3.87
CA LEU A 70 4.61 -7.33 -4.41
C LEU A 70 4.74 -6.89 -5.87
N GLY A 71 5.97 -6.80 -6.36
CA GLY A 71 6.19 -6.47 -7.74
C GLY A 71 6.38 -4.99 -7.95
N LEU A 72 6.71 -4.29 -6.90
CA LEU A 72 6.90 -2.86 -7.00
C LEU A 72 8.31 -2.53 -7.45
N VAL A 73 8.45 -1.39 -8.07
CA VAL A 73 9.73 -0.89 -8.50
C VAL A 73 9.89 0.51 -7.96
N ASP A 74 11.11 0.99 -7.89
CA ASP A 74 11.38 2.33 -7.39
C ASP A 74 10.79 3.38 -8.32
N GLY A 75 10.05 4.30 -7.76
CA GLY A 75 9.47 5.34 -8.56
C GLY A 75 8.01 5.06 -8.88
N GLN A 76 7.55 3.87 -8.56
CA GLN A 76 6.19 3.46 -8.88
C GLN A 76 5.18 4.29 -8.08
N GLU A 77 4.09 4.64 -8.74
CA GLU A 77 3.06 5.46 -8.15
C GLU A 77 1.93 4.56 -7.65
N LEU A 78 1.70 4.63 -6.38
CA LEU A 78 0.70 3.82 -5.72
C LEU A 78 -0.55 4.66 -5.52
N ALA A 79 -1.70 4.09 -5.76
CA ALA A 79 -2.94 4.79 -5.56
C ALA A 79 -3.58 4.30 -4.30
N VAL A 80 -3.72 5.18 -3.37
CA VAL A 80 -4.24 4.81 -2.08
C VAL A 80 -5.59 5.46 -1.88
N ALA A 81 -6.54 4.68 -1.49
CA ALA A 81 -7.89 5.14 -1.26
C ALA A 81 -8.20 4.98 0.19
N ASP A 82 -9.01 5.85 0.73
CA ASP A 82 -9.26 5.83 2.15
C ASP A 82 -10.73 5.50 2.40
N VAL A 83 -11.02 4.91 3.55
CA VAL A 83 -12.37 4.45 3.85
C VAL A 83 -13.27 5.55 4.40
N THR A 84 -12.69 6.58 4.99
CA THR A 84 -13.47 7.67 5.53
C THR A 84 -13.53 8.84 4.55
N THR A 85 -12.53 8.92 3.70
CA THR A 85 -12.45 9.94 2.71
C THR A 85 -12.32 9.34 1.32
N PRO A 86 -13.16 9.78 0.37
CA PRO A 86 -13.15 9.25 -1.01
C PRO A 86 -11.95 9.76 -1.83
N GLN A 87 -11.14 10.61 -1.22
CA GLN A 87 -9.97 11.16 -1.86
C GLN A 87 -8.94 10.07 -2.01
N THR A 88 -8.35 9.98 -3.17
CA THR A 88 -7.30 9.05 -3.35
C THR A 88 -5.96 9.80 -3.26
N VAL A 89 -5.12 9.34 -2.40
CA VAL A 89 -3.83 9.92 -2.21
C VAL A 89 -2.81 9.08 -2.95
N LEU A 90 -1.88 9.70 -3.59
CA LEU A 90 -0.91 8.98 -4.35
C LEU A 90 0.42 8.99 -3.63
N PHE A 91 1.06 7.87 -3.61
CA PHE A 91 2.36 7.75 -3.02
C PHE A 91 3.33 7.16 -4.00
N LYS A 92 4.49 7.69 -4.03
CA LYS A 92 5.53 7.14 -4.85
C LYS A 92 6.49 6.42 -3.96
N LEU A 93 6.69 5.17 -4.26
CA LEU A 93 7.49 4.32 -3.44
C LEU A 93 8.87 4.28 -4.04
N HIS A 94 9.82 4.67 -3.27
CA HIS A 94 11.18 4.72 -3.70
C HIS A 94 11.97 3.79 -2.84
N PHE A 95 12.73 2.93 -3.45
CA PHE A 95 13.46 1.93 -2.70
C PHE A 95 14.86 2.41 -2.45
N THR A 96 15.21 2.44 -1.20
CA THR A 96 16.53 2.77 -0.80
C THR A 96 17.24 1.46 -0.47
N SER A 97 18.46 1.35 -0.87
CA SER A 97 19.20 0.15 -0.71
C SER A 97 20.52 0.49 -0.02
N GLY A 1 -3.14 18.01 1.51
CA GLY A 1 -3.97 17.55 0.40
C GLY A 1 -3.28 17.75 -0.90
N SER A 2 -2.68 16.73 -1.40
CA SER A 2 -2.00 16.77 -2.65
C SER A 2 -2.55 15.71 -3.59
N GLN A 3 -2.75 16.08 -4.85
CA GLN A 3 -3.25 15.15 -5.85
C GLN A 3 -2.07 14.54 -6.59
N LEU A 4 -0.91 15.17 -6.40
CA LEU A 4 0.31 14.66 -6.94
C LEU A 4 0.88 13.69 -5.92
N PRO A 5 1.41 12.56 -6.37
CA PRO A 5 1.88 11.50 -5.48
C PRO A 5 2.89 11.97 -4.45
N GLN A 6 2.73 11.48 -3.25
CA GLN A 6 3.62 11.77 -2.18
C GLN A 6 4.78 10.81 -2.29
N ASN A 7 5.96 11.25 -2.03
CA ASN A 7 7.10 10.39 -2.20
C ASN A 7 7.53 9.88 -0.86
N ILE A 8 7.84 8.62 -0.83
CA ILE A 8 8.25 7.94 0.37
C ILE A 8 9.41 7.01 0.07
N GLN A 9 10.18 6.71 1.06
CA GLN A 9 11.32 5.85 0.89
C GLN A 9 11.32 4.72 1.92
N PHE A 10 11.52 3.53 1.43
CA PHE A 10 11.53 2.32 2.24
C PHE A 10 12.62 1.38 1.82
N SER A 11 13.05 0.56 2.72
CA SER A 11 14.02 -0.46 2.43
C SER A 11 13.28 -1.76 2.01
N PRO A 12 13.77 -2.44 0.94
CA PRO A 12 13.12 -3.64 0.32
C PRO A 12 12.60 -4.72 1.29
N SER A 13 13.17 -4.82 2.50
CA SER A 13 12.74 -5.84 3.46
C SER A 13 11.53 -5.39 4.29
N ALA A 14 11.05 -4.19 4.05
CA ALA A 14 9.84 -3.74 4.69
C ALA A 14 8.64 -4.38 4.00
N LYS A 15 7.62 -4.68 4.75
CA LYS A 15 6.42 -5.27 4.20
C LYS A 15 5.42 -4.20 3.90
N LEU A 16 4.41 -4.55 3.10
CA LEU A 16 3.36 -3.64 2.72
C LEU A 16 2.62 -3.21 4.01
N GLN A 17 2.60 -4.13 4.97
CA GLN A 17 2.00 -3.89 6.28
C GLN A 17 2.63 -2.68 6.98
N GLU A 18 3.97 -2.54 6.89
CA GLU A 18 4.68 -1.41 7.51
C GLU A 18 4.24 -0.11 6.89
N VAL A 19 3.93 -0.17 5.63
CA VAL A 19 3.46 0.97 4.90
C VAL A 19 2.16 1.51 5.53
N LEU A 20 1.26 0.59 5.95
CA LEU A 20 0.00 1.00 6.62
C LEU A 20 0.27 1.74 7.91
N ASP A 21 1.19 1.19 8.71
CA ASP A 21 1.55 1.78 10.00
C ASP A 21 2.17 3.16 9.83
N TYR A 22 2.96 3.29 8.80
CA TYR A 22 3.69 4.51 8.49
C TYR A 22 2.78 5.65 7.99
N LEU A 23 1.67 5.33 7.32
CA LEU A 23 0.86 6.36 6.65
C LEU A 23 0.35 7.45 7.58
N THR A 24 -0.52 7.12 8.51
CA THR A 24 -0.99 8.13 9.45
C THR A 24 -0.64 7.75 10.89
N ASN A 25 -1.32 6.75 11.39
CA ASN A 25 -1.15 6.25 12.74
C ASN A 25 -0.91 4.77 12.63
N SER A 26 -0.21 4.19 13.54
CA SER A 26 -0.01 2.78 13.45
C SER A 26 -1.17 1.94 14.05
N ALA A 27 -1.49 2.13 15.34
CA ALA A 27 -2.44 1.21 15.98
C ALA A 27 -3.91 1.53 15.72
N SER A 28 -4.25 2.78 15.68
CA SER A 28 -5.63 3.18 15.49
C SER A 28 -6.02 3.06 14.02
N LEU A 29 -5.02 3.10 13.17
CA LEU A 29 -5.25 3.05 11.76
C LEU A 29 -5.32 1.61 11.29
N GLN A 30 -5.05 0.65 12.17
CA GLN A 30 -5.09 -0.76 11.76
C GLN A 30 -6.49 -1.18 11.25
N MET A 31 -7.53 -0.53 11.74
CA MET A 31 -8.89 -0.79 11.26
C MET A 31 -9.35 0.31 10.31
N LYS A 32 -8.85 1.50 10.54
CA LYS A 32 -9.22 2.70 9.76
C LYS A 32 -8.42 2.82 8.47
N SER A 33 -7.57 1.86 8.21
CA SER A 33 -6.58 2.01 7.18
C SER A 33 -7.15 1.98 5.80
N PRO A 34 -6.60 2.86 4.95
CA PRO A 34 -6.88 2.89 3.55
C PRO A 34 -6.34 1.64 2.90
N ALA A 35 -6.82 1.34 1.75
CA ALA A 35 -6.42 0.18 1.07
C ALA A 35 -5.56 0.62 -0.07
N ILE A 36 -4.51 -0.10 -0.30
CA ILE A 36 -3.52 0.30 -1.22
C ILE A 36 -3.58 -0.58 -2.45
N THR A 37 -3.74 0.06 -3.55
CA THR A 37 -3.83 -0.57 -4.81
C THR A 37 -2.78 0.06 -5.73
N ALA A 38 -2.19 -0.73 -6.57
CA ALA A 38 -1.19 -0.20 -7.47
C ALA A 38 -1.58 -0.54 -8.88
N THR A 39 -1.30 0.33 -9.80
CA THR A 39 -1.66 0.10 -11.16
C THR A 39 -0.44 -0.39 -11.92
N LEU A 40 -0.56 -1.56 -12.47
CA LEU A 40 0.50 -2.23 -13.16
C LEU A 40 -0.03 -2.70 -14.51
N GLU A 41 0.62 -2.23 -15.57
CA GLU A 41 0.25 -2.51 -16.97
C GLU A 41 -1.22 -2.07 -17.21
N GLY A 42 -1.60 -0.98 -16.57
CA GLY A 42 -2.93 -0.43 -16.73
C GLY A 42 -3.99 -1.15 -15.90
N LYS A 43 -3.60 -2.20 -15.24
CA LYS A 43 -4.52 -2.98 -14.43
C LYS A 43 -4.29 -2.62 -12.98
N ASN A 44 -5.34 -2.44 -12.22
CA ASN A 44 -5.16 -2.12 -10.81
C ASN A 44 -5.08 -3.40 -9.99
N ARG A 45 -3.99 -3.56 -9.30
CA ARG A 45 -3.80 -4.68 -8.43
C ARG A 45 -3.89 -4.18 -7.02
N THR A 46 -4.78 -4.70 -6.25
CA THR A 46 -4.87 -4.29 -4.90
C THR A 46 -3.83 -5.05 -4.09
N LEU A 47 -2.94 -4.31 -3.46
CA LEU A 47 -1.83 -4.92 -2.74
C LEU A 47 -2.29 -5.26 -1.34
N TYR A 48 -3.25 -4.49 -0.90
CA TYR A 48 -3.83 -4.61 0.43
C TYR A 48 -4.53 -5.95 0.62
N LEU A 49 -5.27 -6.37 -0.39
CA LEU A 49 -6.03 -7.58 -0.33
C LEU A 49 -6.35 -7.97 -1.77
N GLN A 50 -6.49 -9.28 -2.03
CA GLN A 50 -6.80 -9.83 -3.37
C GLN A 50 -5.56 -9.66 -4.28
N SER A 51 -4.42 -9.56 -3.64
CA SER A 51 -3.18 -9.41 -4.33
C SER A 51 -2.68 -10.72 -4.94
N VAL A 52 -3.23 -11.02 -6.12
CA VAL A 52 -2.94 -12.23 -6.88
C VAL A 52 -3.27 -13.50 -6.08
N THR A 53 -4.52 -13.84 -6.09
CA THR A 53 -5.03 -14.99 -5.41
C THR A 53 -5.16 -16.17 -6.38
N SER A 54 -5.85 -15.90 -7.50
CA SER A 54 -6.14 -16.89 -8.52
C SER A 54 -7.02 -18.03 -7.95
N ILE A 55 -6.38 -19.09 -7.50
CA ILE A 55 -7.08 -20.22 -6.90
C ILE A 55 -6.33 -20.71 -5.67
N GLU A 56 -5.29 -19.99 -5.31
CA GLU A 56 -4.46 -20.35 -4.18
C GLU A 56 -4.95 -19.59 -2.96
N GLU A 57 -4.77 -20.14 -1.79
CA GLU A 57 -5.20 -19.47 -0.58
C GLU A 57 -4.17 -18.39 -0.25
N ARG A 58 -4.38 -17.23 -0.83
CA ARG A 58 -3.56 -16.09 -0.62
C ARG A 58 -4.33 -14.81 -0.94
N THR A 59 -5.05 -14.34 0.04
CA THR A 59 -5.86 -13.16 -0.11
C THR A 59 -5.13 -11.95 0.48
N ARG A 60 -4.16 -12.23 1.35
CA ARG A 60 -3.38 -11.18 2.00
C ARG A 60 -1.83 -11.43 1.88
N PRO A 61 -1.29 -12.00 0.76
CA PRO A 61 0.12 -12.40 0.72
C PRO A 61 1.05 -11.20 0.70
N ASN A 62 0.66 -10.15 0.02
CA ASN A 62 1.46 -8.95 -0.11
C ASN A 62 1.65 -8.25 1.22
N LEU A 63 0.66 -8.34 2.09
CA LEU A 63 0.77 -7.73 3.43
C LEU A 63 1.87 -8.43 4.23
N SER A 64 2.03 -9.72 4.00
CA SER A 64 3.00 -10.50 4.73
C SER A 64 4.36 -10.55 3.99
N LYS A 65 4.35 -10.22 2.74
CA LYS A 65 5.56 -10.24 1.95
C LYS A 65 6.21 -8.89 1.96
N THR A 66 7.46 -8.87 1.63
CA THR A 66 8.18 -7.65 1.61
C THR A 66 7.93 -6.93 0.29
N LEU A 67 8.25 -5.65 0.26
CA LEU A 67 7.96 -4.81 -0.89
C LEU A 67 8.61 -5.33 -2.17
N LYS A 68 9.85 -5.75 -2.09
CA LYS A 68 10.54 -6.25 -3.25
C LYS A 68 9.93 -7.56 -3.75
N GLU A 69 9.66 -8.47 -2.81
CA GLU A 69 9.10 -9.78 -3.14
C GLU A 69 7.68 -9.68 -3.68
N LEU A 70 6.93 -8.69 -3.25
CA LEU A 70 5.56 -8.54 -3.72
C LEU A 70 5.51 -7.89 -5.11
N GLY A 71 6.67 -7.53 -5.66
CA GLY A 71 6.70 -6.98 -7.00
C GLY A 71 6.64 -5.47 -7.06
N LEU A 72 6.95 -4.81 -5.96
CA LEU A 72 6.92 -3.36 -5.94
C LEU A 72 8.28 -2.88 -6.46
N VAL A 73 8.29 -1.80 -7.19
CA VAL A 73 9.51 -1.29 -7.76
C VAL A 73 9.59 0.21 -7.46
N ASP A 74 10.80 0.73 -7.42
CA ASP A 74 11.00 2.14 -7.10
C ASP A 74 10.42 3.03 -8.18
N GLY A 75 9.68 4.01 -7.74
CA GLY A 75 9.09 4.95 -8.65
C GLY A 75 7.67 4.63 -8.98
N GLN A 76 7.26 3.41 -8.64
CA GLN A 76 5.90 2.99 -8.88
C GLN A 76 4.95 3.73 -7.96
N GLU A 77 3.81 4.06 -8.48
CA GLU A 77 2.84 4.83 -7.78
C GLU A 77 1.75 3.93 -7.22
N LEU A 78 1.53 4.04 -5.96
CA LEU A 78 0.53 3.31 -5.24
C LEU A 78 -0.66 4.24 -5.00
N ALA A 79 -1.83 3.73 -5.19
CA ALA A 79 -3.03 4.51 -5.02
C ALA A 79 -3.78 4.01 -3.80
N VAL A 80 -4.12 4.89 -2.92
CA VAL A 80 -4.82 4.49 -1.73
C VAL A 80 -6.23 5.02 -1.71
N ALA A 81 -7.14 4.17 -1.34
CA ALA A 81 -8.52 4.55 -1.18
C ALA A 81 -8.83 4.37 0.27
N ASP A 82 -9.51 5.31 0.86
CA ASP A 82 -9.67 5.33 2.30
C ASP A 82 -11.14 5.22 2.67
N VAL A 83 -11.42 4.82 3.89
CA VAL A 83 -12.78 4.63 4.35
C VAL A 83 -13.41 5.92 4.90
N THR A 84 -12.63 6.71 5.60
CA THR A 84 -13.11 7.93 6.20
C THR A 84 -12.74 9.15 5.35
N THR A 85 -11.70 9.02 4.56
CA THR A 85 -11.21 10.10 3.75
C THR A 85 -11.73 9.92 2.31
N PRO A 86 -12.35 10.98 1.74
CA PRO A 86 -12.95 10.92 0.41
C PRO A 86 -11.93 10.95 -0.74
N GLN A 87 -10.81 11.59 -0.52
CA GLN A 87 -9.80 11.73 -1.55
C GLN A 87 -8.87 10.53 -1.58
N THR A 88 -8.45 10.18 -2.77
CA THR A 88 -7.50 9.14 -2.97
C THR A 88 -6.10 9.78 -3.02
N VAL A 89 -5.16 9.17 -2.35
CA VAL A 89 -3.82 9.71 -2.30
C VAL A 89 -2.89 8.78 -3.08
N LEU A 90 -1.99 9.36 -3.83
CA LEU A 90 -1.04 8.61 -4.61
C LEU A 90 0.31 8.66 -3.91
N PHE A 91 1.01 7.56 -3.88
CA PHE A 91 2.33 7.49 -3.27
C PHE A 91 3.33 6.89 -4.22
N LYS A 92 4.51 7.40 -4.22
CA LYS A 92 5.60 6.82 -4.96
C LYS A 92 6.59 6.20 -3.99
N LEU A 93 6.83 4.94 -4.17
CA LEU A 93 7.66 4.18 -3.27
C LEU A 93 9.05 4.12 -3.86
N HIS A 94 9.99 4.59 -3.12
CA HIS A 94 11.38 4.63 -3.53
C HIS A 94 12.20 3.79 -2.58
N PHE A 95 13.03 2.90 -3.09
CA PHE A 95 13.74 2.00 -2.22
C PHE A 95 15.10 2.52 -1.87
N THR A 96 15.27 2.79 -0.62
CA THR A 96 16.50 3.24 -0.06
C THR A 96 17.16 2.06 0.67
N SER A 97 18.46 1.94 0.56
CA SER A 97 19.17 0.88 1.24
C SER A 97 20.56 1.38 1.65
N GLY A 1 -4.81 15.72 2.13
CA GLY A 1 -5.29 15.24 0.85
C GLY A 1 -4.58 15.94 -0.27
N SER A 2 -3.66 15.25 -0.90
CA SER A 2 -2.89 15.82 -1.97
C SER A 2 -3.22 15.07 -3.25
N GLN A 3 -3.48 15.81 -4.31
CA GLN A 3 -3.73 15.19 -5.59
C GLN A 3 -2.44 15.13 -6.35
N LEU A 4 -1.48 15.89 -5.88
CA LEU A 4 -0.14 15.81 -6.36
C LEU A 4 0.57 14.77 -5.53
N PRO A 5 1.33 13.88 -6.16
CA PRO A 5 1.97 12.75 -5.48
C PRO A 5 2.96 13.14 -4.38
N GLN A 6 2.90 12.41 -3.30
CA GLN A 6 3.79 12.55 -2.17
C GLN A 6 4.78 11.41 -2.20
N ASN A 7 6.01 11.67 -1.86
CA ASN A 7 7.02 10.64 -1.97
C ASN A 7 7.34 10.02 -0.63
N ILE A 8 7.48 8.73 -0.65
CA ILE A 8 7.82 7.95 0.52
C ILE A 8 8.90 6.94 0.17
N GLN A 9 9.81 6.71 1.09
CA GLN A 9 10.91 5.82 0.83
C GLN A 9 10.81 4.58 1.70
N PHE A 10 11.03 3.45 1.09
CA PHE A 10 11.04 2.16 1.77
C PHE A 10 12.19 1.31 1.33
N SER A 11 12.57 0.43 2.18
CA SER A 11 13.56 -0.55 1.89
C SER A 11 12.81 -1.77 1.34
N PRO A 12 13.33 -2.41 0.27
CA PRO A 12 12.67 -3.58 -0.40
C PRO A 12 12.28 -4.72 0.58
N SER A 13 12.81 -4.68 1.78
CA SER A 13 12.54 -5.67 2.79
C SER A 13 11.25 -5.36 3.58
N ALA A 14 10.64 -4.20 3.31
CA ALA A 14 9.42 -3.79 3.99
C ALA A 14 8.23 -4.55 3.43
N LYS A 15 7.30 -4.89 4.29
CA LYS A 15 6.12 -5.62 3.90
C LYS A 15 4.98 -4.65 3.79
N LEU A 16 3.93 -5.04 3.09
CA LEU A 16 2.81 -4.14 2.84
C LEU A 16 2.18 -3.69 4.17
N GLN A 17 2.07 -4.62 5.12
CA GLN A 17 1.49 -4.28 6.41
C GLN A 17 2.33 -3.22 7.14
N GLU A 18 3.65 -3.32 7.02
CA GLU A 18 4.60 -2.43 7.70
C GLU A 18 4.38 -1.00 7.19
N VAL A 19 4.04 -0.91 5.91
CA VAL A 19 3.73 0.34 5.23
C VAL A 19 2.51 1.03 5.87
N LEU A 20 1.53 0.22 6.28
CA LEU A 20 0.30 0.73 6.89
C LEU A 20 0.61 1.44 8.22
N ASP A 21 1.50 0.82 9.01
CA ASP A 21 1.92 1.38 10.31
C ASP A 21 2.64 2.70 10.10
N TYR A 22 3.43 2.71 9.05
CA TYR A 22 4.23 3.86 8.67
C TYR A 22 3.36 5.03 8.21
N LEU A 23 2.21 4.72 7.62
CA LEU A 23 1.40 5.74 6.96
C LEU A 23 0.91 6.80 7.93
N THR A 24 0.03 6.43 8.81
CA THR A 24 -0.43 7.37 9.79
C THR A 24 -0.17 6.88 11.21
N ASN A 25 -0.94 5.87 11.60
CA ASN A 25 -0.86 5.26 12.94
C ASN A 25 -0.76 3.76 12.84
N SER A 26 -0.10 3.13 13.79
CA SER A 26 -0.04 1.69 13.81
C SER A 26 -1.27 1.08 14.49
N ALA A 27 -1.51 1.45 15.73
CA ALA A 27 -2.52 0.80 16.54
C ALA A 27 -3.90 1.45 16.42
N SER A 28 -3.93 2.73 16.18
CA SER A 28 -5.18 3.44 16.10
C SER A 28 -5.80 3.30 14.71
N LEU A 29 -4.99 2.96 13.74
CA LEU A 29 -5.42 2.89 12.36
C LEU A 29 -5.76 1.44 11.94
N GLN A 30 -5.79 0.50 12.89
CA GLN A 30 -5.87 -0.94 12.56
C GLN A 30 -7.10 -1.38 11.74
N MET A 31 -8.21 -0.73 11.95
CA MET A 31 -9.40 -1.02 11.19
C MET A 31 -9.68 0.13 10.23
N LYS A 32 -9.27 1.30 10.65
CA LYS A 32 -9.44 2.57 9.95
C LYS A 32 -8.51 2.74 8.75
N SER A 33 -7.72 1.73 8.42
CA SER A 33 -6.69 1.92 7.41
C SER A 33 -7.31 2.08 6.00
N PRO A 34 -6.73 3.03 5.24
CA PRO A 34 -7.06 3.29 3.85
C PRO A 34 -6.75 2.09 2.96
N ALA A 35 -7.31 2.08 1.79
CA ALA A 35 -7.14 1.00 0.87
C ALA A 35 -6.32 1.51 -0.29
N ILE A 36 -5.33 0.75 -0.65
CA ILE A 36 -4.38 1.14 -1.66
C ILE A 36 -4.41 0.20 -2.84
N THR A 37 -4.37 0.76 -4.01
CA THR A 37 -4.39 -0.01 -5.21
C THR A 37 -3.40 0.57 -6.20
N ALA A 38 -2.70 -0.28 -6.88
CA ALA A 38 -1.71 0.16 -7.84
C ALA A 38 -1.85 -0.58 -9.15
N THR A 39 -1.52 0.08 -10.21
CA THR A 39 -1.46 -0.56 -11.48
C THR A 39 0.01 -0.86 -11.73
N LEU A 40 0.31 -2.10 -11.90
CA LEU A 40 1.67 -2.54 -11.96
C LEU A 40 1.87 -3.46 -13.15
N GLU A 41 2.73 -3.03 -14.07
CA GLU A 41 3.10 -3.78 -15.28
C GLU A 41 1.83 -4.16 -16.10
N GLY A 42 0.86 -3.27 -16.08
CA GLY A 42 -0.37 -3.47 -16.82
C GLY A 42 -1.39 -4.33 -16.07
N LYS A 43 -1.03 -4.79 -14.90
CA LYS A 43 -1.94 -5.56 -14.08
C LYS A 43 -2.47 -4.70 -12.98
N ASN A 44 -3.69 -4.92 -12.57
CA ASN A 44 -4.21 -4.17 -11.46
C ASN A 44 -3.80 -4.91 -10.22
N ARG A 45 -3.04 -4.29 -9.40
CA ARG A 45 -2.51 -4.93 -8.24
C ARG A 45 -3.19 -4.36 -7.02
N THR A 46 -3.82 -5.19 -6.27
CA THR A 46 -4.38 -4.73 -5.04
C THR A 46 -3.37 -5.07 -3.97
N LEU A 47 -2.88 -4.07 -3.29
CA LEU A 47 -1.88 -4.30 -2.27
C LEU A 47 -2.54 -4.46 -0.94
N TYR A 48 -3.53 -3.66 -0.71
CA TYR A 48 -4.29 -3.75 0.53
C TYR A 48 -5.63 -3.10 0.34
N LEU A 49 -6.67 -3.82 0.65
CA LEU A 49 -7.99 -3.29 0.53
C LEU A 49 -8.84 -3.96 1.61
N GLN A 50 -8.95 -3.28 2.76
CA GLN A 50 -9.70 -3.76 3.93
C GLN A 50 -9.06 -5.00 4.57
N SER A 51 -9.50 -5.33 5.74
CA SER A 51 -9.04 -6.51 6.43
C SER A 51 -9.83 -7.70 5.90
N VAL A 52 -9.15 -8.60 5.24
CA VAL A 52 -9.79 -9.74 4.61
C VAL A 52 -9.10 -11.04 4.98
N THR A 53 -9.75 -12.15 4.65
CA THR A 53 -9.19 -13.46 4.88
C THR A 53 -8.32 -13.86 3.66
N SER A 54 -8.49 -13.08 2.58
CA SER A 54 -7.76 -13.23 1.31
C SER A 54 -8.19 -14.48 0.53
N ILE A 55 -7.93 -14.47 -0.74
CA ILE A 55 -8.20 -15.61 -1.59
C ILE A 55 -6.90 -16.04 -2.27
N GLU A 56 -6.56 -17.32 -2.11
CA GLU A 56 -5.29 -17.91 -2.56
C GLU A 56 -4.15 -17.48 -1.64
N GLU A 57 -3.36 -18.46 -1.17
CA GLU A 57 -2.26 -18.28 -0.19
C GLU A 57 -2.82 -18.14 1.23
N ARG A 58 -2.01 -18.49 2.21
CA ARG A 58 -2.47 -18.57 3.57
C ARG A 58 -2.64 -17.20 4.24
N THR A 59 -3.88 -16.89 4.59
CA THR A 59 -4.24 -15.75 5.43
C THR A 59 -4.00 -14.35 4.81
N ARG A 60 -2.77 -13.93 4.70
CA ARG A 60 -2.47 -12.60 4.23
C ARG A 60 -1.18 -12.57 3.40
N PRO A 61 -1.26 -12.99 2.14
CA PRO A 61 -0.09 -13.03 1.27
C PRO A 61 0.49 -11.64 0.98
N ASN A 62 -0.35 -10.63 0.81
CA ASN A 62 0.16 -9.29 0.47
C ASN A 62 0.85 -8.67 1.64
N LEU A 63 0.23 -8.82 2.77
CA LEU A 63 0.70 -8.25 4.00
C LEU A 63 1.97 -8.93 4.49
N SER A 64 2.16 -10.18 4.09
CA SER A 64 3.32 -10.92 4.54
C SER A 64 4.52 -10.73 3.63
N LYS A 65 4.27 -10.36 2.40
CA LYS A 65 5.33 -10.21 1.43
C LYS A 65 5.85 -8.80 1.42
N THR A 66 7.03 -8.64 0.90
CA THR A 66 7.63 -7.36 0.81
C THR A 66 7.13 -6.64 -0.42
N LEU A 67 7.36 -5.35 -0.47
CA LEU A 67 7.01 -4.55 -1.65
C LEU A 67 7.77 -5.07 -2.86
N LYS A 68 8.99 -5.53 -2.60
CA LYS A 68 9.85 -6.12 -3.61
C LYS A 68 9.22 -7.42 -4.15
N GLU A 69 8.76 -8.27 -3.25
CA GLU A 69 8.08 -9.51 -3.63
C GLU A 69 6.73 -9.26 -4.30
N LEU A 70 6.12 -8.12 -4.00
CA LEU A 70 4.88 -7.73 -4.65
C LEU A 70 5.15 -7.16 -6.05
N GLY A 71 6.42 -6.99 -6.38
CA GLY A 71 6.81 -6.55 -7.70
C GLY A 71 6.74 -5.05 -7.87
N LEU A 72 6.68 -4.34 -6.78
CA LEU A 72 6.56 -2.91 -6.82
C LEU A 72 7.98 -2.35 -7.11
N VAL A 73 8.07 -1.30 -7.88
CA VAL A 73 9.35 -0.75 -8.28
C VAL A 73 9.43 0.74 -7.91
N ASP A 74 10.62 1.28 -7.80
CA ASP A 74 10.82 2.68 -7.44
C ASP A 74 10.32 3.59 -8.54
N GLY A 75 9.60 4.62 -8.14
CA GLY A 75 9.07 5.55 -9.09
C GLY A 75 7.63 5.26 -9.41
N GLN A 76 7.15 4.13 -8.94
CA GLN A 76 5.80 3.69 -9.21
C GLN A 76 4.89 4.41 -8.20
N GLU A 77 3.70 4.77 -8.62
CA GLU A 77 2.78 5.51 -7.79
C GLU A 77 1.64 4.64 -7.27
N LEU A 78 1.34 4.80 -6.03
CA LEU A 78 0.29 4.07 -5.39
C LEU A 78 -0.88 5.01 -5.14
N ALA A 79 -2.07 4.55 -5.37
CA ALA A 79 -3.25 5.35 -5.14
C ALA A 79 -3.92 4.88 -3.87
N VAL A 80 -4.13 5.79 -2.96
CA VAL A 80 -4.75 5.46 -1.70
C VAL A 80 -6.14 6.10 -1.57
N ALA A 81 -7.09 5.30 -1.17
CA ALA A 81 -8.43 5.74 -0.91
C ALA A 81 -8.68 5.51 0.55
N ASP A 82 -9.33 6.42 1.21
CA ASP A 82 -9.45 6.34 2.66
C ASP A 82 -10.90 6.19 3.12
N VAL A 83 -11.07 5.67 4.33
CA VAL A 83 -12.37 5.42 4.88
C VAL A 83 -12.96 6.66 5.56
N THR A 84 -12.11 7.57 6.01
CA THR A 84 -12.64 8.77 6.65
C THR A 84 -12.68 9.94 5.66
N THR A 85 -11.84 9.88 4.66
CA THR A 85 -11.78 10.86 3.61
C THR A 85 -11.92 10.19 2.24
N PRO A 86 -12.82 10.68 1.38
CA PRO A 86 -12.99 10.13 0.04
C PRO A 86 -11.91 10.65 -0.94
N GLN A 87 -10.99 11.42 -0.40
CA GLN A 87 -9.91 12.02 -1.16
C GLN A 87 -8.79 11.00 -1.40
N THR A 88 -8.60 10.65 -2.64
CA THR A 88 -7.53 9.78 -3.01
C THR A 88 -6.23 10.54 -3.10
N VAL A 89 -5.18 9.98 -2.57
CA VAL A 89 -3.88 10.60 -2.57
C VAL A 89 -2.90 9.69 -3.30
N LEU A 90 -2.04 10.28 -4.10
CA LEU A 90 -1.04 9.53 -4.83
C LEU A 90 0.30 9.55 -4.10
N PHE A 91 0.89 8.41 -3.93
CA PHE A 91 2.19 8.28 -3.30
C PHE A 91 3.20 7.62 -4.22
N LYS A 92 4.41 8.11 -4.20
CA LYS A 92 5.49 7.53 -4.96
C LYS A 92 6.35 6.69 -4.05
N LEU A 93 6.65 5.50 -4.48
CA LEU A 93 7.45 4.57 -3.71
C LEU A 93 8.87 4.63 -4.18
N HIS A 94 9.73 4.93 -3.27
CA HIS A 94 11.13 5.04 -3.56
C HIS A 94 11.86 4.01 -2.73
N PHE A 95 12.66 3.21 -3.36
CA PHE A 95 13.35 2.16 -2.66
C PHE A 95 14.80 2.48 -2.44
N THR A 96 15.22 2.39 -1.22
CA THR A 96 16.61 2.59 -0.90
C THR A 96 17.32 1.24 -0.90
N SER A 97 18.52 1.21 -1.42
CA SER A 97 19.29 -0.01 -1.47
C SER A 97 20.77 0.34 -1.45
N GLY A 1 -6.83 15.19 2.12
CA GLY A 1 -6.04 14.30 1.26
C GLY A 1 -5.10 15.11 0.43
N SER A 2 -4.20 14.44 -0.25
CA SER A 2 -3.27 15.13 -1.09
C SER A 2 -3.47 14.73 -2.55
N GLN A 3 -3.54 15.71 -3.43
CA GLN A 3 -3.66 15.41 -4.84
C GLN A 3 -2.28 15.47 -5.48
N LEU A 4 -1.35 16.05 -4.75
CA LEU A 4 0.03 15.97 -5.11
C LEU A 4 0.56 14.73 -4.44
N PRO A 5 1.34 13.91 -5.14
CA PRO A 5 1.82 12.65 -4.60
C PRO A 5 2.73 12.86 -3.39
N GLN A 6 2.53 12.05 -2.41
CA GLN A 6 3.34 12.05 -1.24
C GLN A 6 4.38 10.98 -1.40
N ASN A 7 5.58 11.27 -1.07
CA ASN A 7 6.62 10.28 -1.25
C ASN A 7 7.06 9.70 0.06
N ILE A 8 7.32 8.44 0.02
CA ILE A 8 7.75 7.68 1.17
C ILE A 8 8.86 6.73 0.78
N GLN A 9 9.86 6.60 1.62
CA GLN A 9 10.94 5.70 1.33
C GLN A 9 10.94 4.52 2.28
N PHE A 10 11.11 3.36 1.71
CA PHE A 10 11.09 2.10 2.41
C PHE A 10 12.19 1.19 1.90
N SER A 11 12.57 0.27 2.72
CA SER A 11 13.54 -0.71 2.36
C SER A 11 12.77 -1.88 1.75
N PRO A 12 13.27 -2.45 0.62
CA PRO A 12 12.58 -3.53 -0.14
C PRO A 12 12.08 -4.72 0.72
N SER A 13 12.72 -4.91 1.86
CA SER A 13 12.40 -5.96 2.78
C SER A 13 11.29 -5.56 3.79
N ALA A 14 10.77 -4.35 3.66
CA ALA A 14 9.66 -3.92 4.49
C ALA A 14 8.36 -4.51 3.97
N LYS A 15 7.45 -4.84 4.85
CA LYS A 15 6.19 -5.41 4.47
C LYS A 15 5.17 -4.33 4.19
N LEU A 16 4.24 -4.66 3.32
CA LEU A 16 3.20 -3.74 2.87
C LEU A 16 2.39 -3.24 4.07
N GLN A 17 2.07 -4.13 4.97
CA GLN A 17 1.27 -3.81 6.15
C GLN A 17 1.95 -2.77 7.02
N GLU A 18 3.30 -2.85 7.13
CA GLU A 18 4.10 -1.91 7.92
C GLU A 18 3.95 -0.51 7.34
N VAL A 19 3.81 -0.46 6.04
CA VAL A 19 3.66 0.78 5.33
C VAL A 19 2.39 1.53 5.79
N LEU A 20 1.32 0.81 6.08
CA LEU A 20 0.06 1.44 6.46
C LEU A 20 0.11 2.09 7.84
N ASP A 21 0.63 1.38 8.82
CA ASP A 21 0.73 1.93 10.18
C ASP A 21 1.71 3.11 10.25
N TYR A 22 2.78 3.00 9.49
CA TYR A 22 3.77 4.06 9.39
C TYR A 22 3.21 5.29 8.67
N LEU A 23 2.32 5.04 7.71
CA LEU A 23 1.84 6.05 6.78
C LEU A 23 1.23 7.27 7.47
N THR A 24 0.13 7.08 8.13
CA THR A 24 -0.53 8.17 8.78
C THR A 24 -0.61 7.97 10.29
N ASN A 25 -1.37 6.99 10.69
CA ASN A 25 -1.60 6.70 12.09
C ASN A 25 -1.28 5.24 12.34
N SER A 26 -0.57 4.97 13.40
CA SER A 26 -0.13 3.63 13.68
C SER A 26 -1.17 2.77 14.41
N ALA A 27 -1.64 3.22 15.56
CA ALA A 27 -2.46 2.37 16.39
C ALA A 27 -3.94 2.40 16.06
N SER A 28 -4.45 3.55 15.71
CA SER A 28 -5.88 3.67 15.46
C SER A 28 -6.20 3.29 14.03
N LEU A 29 -5.21 3.35 13.18
CA LEU A 29 -5.41 3.13 11.76
C LEU A 29 -5.03 1.72 11.41
N GLN A 30 -4.68 0.99 12.42
CA GLN A 30 -4.05 -0.30 12.29
C GLN A 30 -5.00 -1.31 11.60
N MET A 31 -6.28 -1.22 11.89
CA MET A 31 -7.26 -2.09 11.24
C MET A 31 -8.03 -1.28 10.18
N LYS A 32 -8.02 0.00 10.38
CA LYS A 32 -8.70 1.01 9.57
C LYS A 32 -7.93 1.36 8.30
N SER A 33 -6.84 0.66 8.03
CA SER A 33 -5.87 1.14 7.07
C SER A 33 -6.41 1.18 5.63
N PRO A 34 -6.00 2.26 4.92
CA PRO A 34 -6.31 2.51 3.52
C PRO A 34 -5.89 1.37 2.61
N ALA A 35 -6.46 1.33 1.44
CA ALA A 35 -6.19 0.28 0.52
C ALA A 35 -5.42 0.84 -0.64
N ILE A 36 -4.36 0.16 -0.99
CA ILE A 36 -3.45 0.61 -2.00
C ILE A 36 -3.58 -0.27 -3.22
N THR A 37 -3.68 0.35 -4.38
CA THR A 37 -3.76 -0.37 -5.62
C THR A 37 -2.69 0.17 -6.59
N ALA A 38 -2.05 -0.72 -7.32
CA ALA A 38 -1.08 -0.34 -8.32
C ALA A 38 -1.43 -1.02 -9.62
N THR A 39 -1.33 -0.33 -10.71
CA THR A 39 -1.66 -0.96 -11.95
C THR A 39 -0.39 -1.38 -12.70
N LEU A 40 -0.41 -2.61 -13.13
CA LEU A 40 0.69 -3.21 -13.82
C LEU A 40 0.14 -3.87 -15.06
N GLU A 41 0.73 -3.56 -16.21
CA GLU A 41 0.32 -4.12 -17.52
C GLU A 41 -1.18 -3.81 -17.79
N GLY A 42 -1.62 -2.64 -17.34
CA GLY A 42 -2.98 -2.19 -17.56
C GLY A 42 -3.97 -2.92 -16.67
N LYS A 43 -3.46 -3.72 -15.76
CA LYS A 43 -4.25 -4.51 -14.86
C LYS A 43 -4.05 -3.98 -13.47
N ASN A 44 -5.04 -4.06 -12.65
CA ASN A 44 -4.93 -3.55 -11.29
C ASN A 44 -4.42 -4.63 -10.41
N ARG A 45 -3.30 -4.40 -9.78
CA ARG A 45 -2.80 -5.35 -8.86
C ARG A 45 -3.04 -4.86 -7.47
N THR A 46 -3.72 -5.66 -6.72
CA THR A 46 -4.04 -5.34 -5.38
C THR A 46 -2.82 -5.64 -4.50
N LEU A 47 -2.32 -4.62 -3.83
CA LEU A 47 -1.22 -4.80 -2.91
C LEU A 47 -1.69 -4.75 -1.49
N TYR A 48 -2.79 -4.07 -1.25
CA TYR A 48 -3.37 -4.14 0.08
C TYR A 48 -4.62 -5.04 0.02
N LEU A 49 -5.76 -4.41 -0.15
CA LEU A 49 -7.06 -5.04 -0.33
C LEU A 49 -7.85 -4.10 -1.20
N GLN A 50 -9.07 -4.43 -1.47
CA GLN A 50 -9.97 -3.57 -2.24
C GLN A 50 -11.21 -3.38 -1.42
N SER A 51 -11.89 -4.47 -1.20
CA SER A 51 -13.09 -4.51 -0.43
C SER A 51 -13.41 -5.98 -0.22
N VAL A 52 -13.19 -6.47 0.97
CA VAL A 52 -13.41 -7.86 1.25
C VAL A 52 -14.68 -8.07 2.08
N THR A 53 -15.70 -8.57 1.40
CA THR A 53 -17.01 -8.78 1.97
C THR A 53 -16.94 -9.70 3.20
N SER A 54 -17.31 -9.13 4.36
CA SER A 54 -17.37 -9.83 5.64
C SER A 54 -15.95 -10.25 6.11
N ILE A 55 -14.91 -9.75 5.43
CA ILE A 55 -13.52 -10.12 5.68
C ILE A 55 -13.39 -11.66 5.68
N GLU A 56 -13.58 -12.25 4.54
CA GLU A 56 -13.54 -13.67 4.39
C GLU A 56 -12.12 -14.15 4.16
N GLU A 57 -11.44 -13.50 3.24
CA GLU A 57 -10.08 -13.82 2.94
C GLU A 57 -9.22 -13.20 4.06
N ARG A 58 -8.69 -14.05 4.90
CA ARG A 58 -7.97 -13.63 6.09
C ARG A 58 -6.53 -14.07 6.07
N THR A 59 -6.13 -14.65 4.99
CA THR A 59 -4.79 -15.12 4.83
C THR A 59 -3.92 -13.90 4.56
N ARG A 60 -4.39 -13.08 3.63
CA ARG A 60 -3.78 -11.83 3.23
C ARG A 60 -2.28 -11.93 3.04
N PRO A 61 -1.85 -12.49 1.88
CA PRO A 61 -0.44 -12.69 1.59
C PRO A 61 0.29 -11.38 1.33
N ASN A 62 -0.42 -10.41 0.81
CA ASN A 62 0.17 -9.11 0.45
C ASN A 62 0.76 -8.43 1.67
N LEU A 63 0.05 -8.52 2.77
CA LEU A 63 0.46 -7.93 4.03
C LEU A 63 1.68 -8.63 4.60
N SER A 64 1.81 -9.91 4.31
CA SER A 64 2.89 -10.70 4.86
C SER A 64 4.11 -10.73 3.95
N LYS A 65 3.96 -10.25 2.77
CA LYS A 65 5.02 -10.17 1.81
C LYS A 65 5.63 -8.80 1.83
N THR A 66 6.81 -8.69 1.31
CA THR A 66 7.48 -7.45 1.29
C THR A 66 7.15 -6.69 0.02
N LEU A 67 7.45 -5.42 0.02
CA LEU A 67 7.19 -4.54 -1.11
C LEU A 67 7.86 -5.04 -2.37
N LYS A 68 9.05 -5.60 -2.21
CA LYS A 68 9.81 -6.13 -3.33
C LYS A 68 9.08 -7.35 -3.92
N GLU A 69 8.52 -8.18 -3.07
CA GLU A 69 7.77 -9.36 -3.49
C GLU A 69 6.50 -9.00 -4.23
N LEU A 70 5.99 -7.82 -3.96
CA LEU A 70 4.77 -7.34 -4.59
C LEU A 70 5.04 -6.77 -5.99
N GLY A 71 6.31 -6.73 -6.37
CA GLY A 71 6.65 -6.29 -7.72
C GLY A 71 6.78 -4.79 -7.83
N LEU A 72 6.95 -4.14 -6.71
CA LEU A 72 7.05 -2.70 -6.68
C LEU A 72 8.48 -2.25 -6.96
N VAL A 73 8.60 -1.11 -7.61
CA VAL A 73 9.89 -0.54 -7.93
C VAL A 73 9.98 0.86 -7.33
N ASP A 74 11.19 1.37 -7.17
CA ASP A 74 11.38 2.69 -6.58
C ASP A 74 10.84 3.77 -7.49
N GLY A 75 10.07 4.67 -6.93
CA GLY A 75 9.54 5.76 -7.70
C GLY A 75 8.12 5.51 -8.12
N GLN A 76 7.65 4.30 -7.90
CA GLN A 76 6.35 3.86 -8.36
C GLN A 76 5.24 4.62 -7.64
N GLU A 77 4.22 4.99 -8.41
CA GLU A 77 3.10 5.73 -7.89
C GLU A 77 1.97 4.75 -7.57
N LEU A 78 1.51 4.84 -6.37
CA LEU A 78 0.49 3.99 -5.84
C LEU A 78 -0.76 4.81 -5.61
N ALA A 79 -1.90 4.26 -5.91
CA ALA A 79 -3.15 4.94 -5.70
C ALA A 79 -3.77 4.37 -4.45
N VAL A 80 -3.92 5.21 -3.48
CA VAL A 80 -4.38 4.79 -2.19
C VAL A 80 -5.75 5.37 -1.90
N ALA A 81 -6.64 4.53 -1.44
CA ALA A 81 -7.98 4.92 -1.10
C ALA A 81 -8.13 4.71 0.38
N ASP A 82 -8.72 5.66 1.04
CA ASP A 82 -8.74 5.64 2.48
C ASP A 82 -10.18 5.65 3.00
N VAL A 83 -10.40 5.12 4.17
CA VAL A 83 -11.74 5.06 4.75
C VAL A 83 -12.07 6.35 5.53
N THR A 84 -11.06 6.99 6.06
CA THR A 84 -11.24 8.19 6.87
C THR A 84 -11.15 9.44 6.00
N THR A 85 -10.47 9.30 4.89
CA THR A 85 -10.32 10.37 3.93
C THR A 85 -11.06 9.98 2.62
N PRO A 86 -11.93 10.86 2.09
CA PRO A 86 -12.74 10.56 0.90
C PRO A 86 -12.04 10.91 -0.43
N GLN A 87 -10.74 10.98 -0.42
CA GLN A 87 -10.00 11.32 -1.60
C GLN A 87 -8.89 10.32 -1.83
N THR A 88 -8.66 9.97 -3.08
CA THR A 88 -7.60 9.06 -3.42
C THR A 88 -6.30 9.82 -3.39
N VAL A 89 -5.36 9.34 -2.63
CA VAL A 89 -4.11 10.00 -2.49
C VAL A 89 -3.06 9.22 -3.25
N LEU A 90 -2.21 9.92 -3.94
CA LEU A 90 -1.16 9.30 -4.69
C LEU A 90 0.10 9.26 -3.85
N PHE A 91 0.68 8.11 -3.73
CA PHE A 91 1.92 7.95 -3.00
C PHE A 91 2.98 7.38 -3.90
N LYS A 92 4.16 7.89 -3.77
CA LYS A 92 5.29 7.38 -4.49
C LYS A 92 6.18 6.63 -3.52
N LEU A 93 6.42 5.39 -3.83
CA LEU A 93 7.15 4.49 -2.97
C LEU A 93 8.58 4.47 -3.48
N HIS A 94 9.49 4.82 -2.65
CA HIS A 94 10.88 4.91 -2.99
C HIS A 94 11.67 3.94 -2.15
N PHE A 95 12.50 3.15 -2.77
CA PHE A 95 13.26 2.18 -2.03
C PHE A 95 14.62 2.71 -1.72
N THR A 96 14.97 2.65 -0.48
CA THR A 96 16.25 3.08 -0.04
C THR A 96 17.14 1.85 0.19
N SER A 97 18.39 1.96 -0.19
CA SER A 97 19.31 0.87 -0.05
C SER A 97 20.67 1.38 0.43
N GLY A 1 -5.62 18.33 2.25
CA GLY A 1 -5.40 17.12 1.48
C GLY A 1 -4.37 17.34 0.42
N SER A 2 -3.85 16.28 -0.13
CA SER A 2 -2.87 16.39 -1.17
C SER A 2 -3.38 15.65 -2.40
N GLN A 3 -3.30 16.29 -3.55
CA GLN A 3 -3.72 15.67 -4.79
C GLN A 3 -2.49 15.30 -5.59
N LEU A 4 -1.38 15.90 -5.23
CA LEU A 4 -0.11 15.58 -5.83
C LEU A 4 0.52 14.44 -5.05
N PRO A 5 1.29 13.58 -5.72
CA PRO A 5 1.90 12.43 -5.09
C PRO A 5 2.92 12.76 -4.00
N GLN A 6 2.87 12.00 -2.94
CA GLN A 6 3.84 12.11 -1.88
C GLN A 6 4.85 11.01 -2.09
N ASN A 7 6.09 11.29 -1.85
CA ASN A 7 7.10 10.30 -2.07
C ASN A 7 7.56 9.71 -0.77
N ILE A 8 7.71 8.42 -0.78
CA ILE A 8 8.14 7.66 0.37
C ILE A 8 9.20 6.66 -0.06
N GLN A 9 10.14 6.39 0.81
CA GLN A 9 11.21 5.50 0.48
C GLN A 9 11.36 4.40 1.50
N PHE A 10 11.50 3.20 1.00
CA PHE A 10 11.59 2.00 1.79
C PHE A 10 12.64 1.06 1.24
N SER A 11 13.14 0.22 2.07
CA SER A 11 14.07 -0.81 1.67
C SER A 11 13.24 -2.04 1.30
N PRO A 12 13.59 -2.73 0.17
CA PRO A 12 12.85 -3.91 -0.38
C PRO A 12 12.31 -4.94 0.65
N SER A 13 12.97 -5.04 1.79
CA SER A 13 12.60 -5.98 2.83
C SER A 13 11.51 -5.44 3.78
N ALA A 14 11.04 -4.23 3.53
CA ALA A 14 9.97 -3.64 4.30
C ALA A 14 8.64 -4.26 3.90
N LYS A 15 7.76 -4.42 4.86
CA LYS A 15 6.48 -5.06 4.63
C LYS A 15 5.42 -4.05 4.25
N LEU A 16 4.44 -4.52 3.53
CA LEU A 16 3.35 -3.70 3.07
C LEU A 16 2.56 -3.15 4.26
N GLN A 17 2.45 -3.95 5.32
CA GLN A 17 1.76 -3.55 6.55
C GLN A 17 2.47 -2.31 7.12
N GLU A 18 3.81 -2.31 7.04
CA GLU A 18 4.62 -1.21 7.55
C GLU A 18 4.29 0.09 6.81
N VAL A 19 3.98 -0.05 5.53
CA VAL A 19 3.59 1.09 4.70
C VAL A 19 2.28 1.72 5.23
N LEU A 20 1.32 0.88 5.60
CA LEU A 20 0.04 1.33 6.18
C LEU A 20 0.27 1.96 7.54
N ASP A 21 1.10 1.29 8.32
CA ASP A 21 1.47 1.70 9.66
C ASP A 21 2.12 3.10 9.62
N TYR A 22 3.04 3.25 8.68
CA TYR A 22 3.79 4.46 8.46
C TYR A 22 2.93 5.59 7.84
N LEU A 23 1.84 5.22 7.16
CA LEU A 23 1.06 6.18 6.38
C LEU A 23 0.47 7.25 7.29
N THR A 24 -0.46 6.87 8.14
CA THR A 24 -1.01 7.81 9.07
C THR A 24 -0.74 7.37 10.51
N ASN A 25 -1.46 6.35 10.94
CA ASN A 25 -1.38 5.90 12.32
C ASN A 25 -1.11 4.42 12.36
N SER A 26 -0.38 3.98 13.35
CA SER A 26 -0.01 2.60 13.44
C SER A 26 -1.09 1.68 14.08
N ALA A 27 -1.48 1.97 15.32
CA ALA A 27 -2.31 1.01 16.05
C ALA A 27 -3.80 1.26 15.97
N SER A 28 -4.21 2.50 15.99
CA SER A 28 -5.62 2.82 16.00
C SER A 28 -6.18 2.76 14.58
N LEU A 29 -5.30 2.74 13.61
CA LEU A 29 -5.68 2.70 12.22
C LEU A 29 -5.63 1.26 11.67
N GLN A 30 -5.35 0.25 12.52
CA GLN A 30 -5.11 -1.13 12.03
C GLN A 30 -6.27 -1.77 11.22
N MET A 31 -7.49 -1.49 11.59
CA MET A 31 -8.62 -2.04 10.84
C MET A 31 -9.17 -1.01 9.88
N LYS A 32 -8.91 0.22 10.22
CA LYS A 32 -9.30 1.40 9.47
C LYS A 32 -8.35 1.75 8.33
N SER A 33 -7.34 0.92 8.09
CA SER A 33 -6.25 1.30 7.20
C SER A 33 -6.71 1.43 5.75
N PRO A 34 -6.21 2.49 5.06
CA PRO A 34 -6.48 2.77 3.65
C PRO A 34 -6.08 1.63 2.75
N ALA A 35 -6.65 1.60 1.58
CA ALA A 35 -6.38 0.53 0.68
C ALA A 35 -5.59 1.08 -0.47
N ILE A 36 -4.52 0.40 -0.78
CA ILE A 36 -3.61 0.80 -1.80
C ILE A 36 -3.53 -0.19 -2.94
N THR A 37 -3.69 0.33 -4.09
CA THR A 37 -3.62 -0.42 -5.30
C THR A 37 -2.65 0.30 -6.23
N ALA A 38 -1.85 -0.42 -6.94
CA ALA A 38 -0.90 0.19 -7.84
C ALA A 38 -1.08 -0.36 -9.23
N THR A 39 -0.88 0.47 -10.20
CA THR A 39 -1.03 0.06 -11.55
C THR A 39 0.34 -0.20 -12.13
N LEU A 40 0.56 -1.41 -12.57
CA LEU A 40 1.81 -1.80 -13.13
C LEU A 40 1.56 -2.37 -14.50
N GLU A 41 2.11 -1.70 -15.51
CA GLU A 41 1.98 -2.10 -16.91
C GLU A 41 0.51 -2.24 -17.33
N GLY A 42 -0.32 -1.35 -16.81
CA GLY A 42 -1.73 -1.33 -17.18
C GLY A 42 -2.57 -2.30 -16.39
N LYS A 43 -1.95 -3.09 -15.55
CA LYS A 43 -2.69 -4.02 -14.72
C LYS A 43 -2.69 -3.51 -13.30
N ASN A 44 -3.81 -3.59 -12.64
CA ASN A 44 -3.92 -3.14 -11.27
C ASN A 44 -3.57 -4.26 -10.34
N ARG A 45 -2.58 -4.03 -9.55
CA ARG A 45 -2.17 -4.97 -8.56
C ARG A 45 -2.53 -4.38 -7.23
N THR A 46 -3.33 -5.05 -6.46
CA THR A 46 -3.70 -4.51 -5.20
C THR A 46 -2.71 -4.96 -4.14
N LEU A 47 -2.05 -4.02 -3.52
CA LEU A 47 -1.06 -4.32 -2.51
C LEU A 47 -1.72 -4.47 -1.17
N TYR A 48 -2.85 -3.82 -0.99
CA TYR A 48 -3.58 -3.88 0.29
C TYR A 48 -3.96 -5.32 0.62
N LEU A 49 -4.82 -5.89 -0.20
CA LEU A 49 -5.29 -7.24 -0.02
C LEU A 49 -5.96 -7.67 -1.30
N GLN A 50 -6.03 -8.96 -1.52
CA GLN A 50 -6.75 -9.46 -2.66
C GLN A 50 -8.24 -9.31 -2.43
N SER A 51 -8.74 -8.17 -2.80
CA SER A 51 -10.13 -7.84 -2.70
C SER A 51 -10.59 -7.15 -3.98
N VAL A 52 -9.95 -6.02 -4.29
CA VAL A 52 -10.18 -5.29 -5.53
C VAL A 52 -9.84 -6.21 -6.70
N THR A 53 -8.65 -6.74 -6.63
CA THR A 53 -8.22 -7.72 -7.58
C THR A 53 -8.04 -9.05 -6.87
N SER A 54 -9.00 -9.93 -7.05
CA SER A 54 -8.95 -11.20 -6.41
C SER A 54 -9.47 -12.32 -7.30
N ILE A 55 -8.58 -12.89 -8.10
CA ILE A 55 -8.91 -14.04 -8.92
C ILE A 55 -8.59 -15.29 -8.08
N GLU A 56 -7.85 -15.05 -7.03
CA GLU A 56 -7.51 -16.01 -6.05
C GLU A 56 -7.81 -15.38 -4.71
N GLU A 57 -8.51 -16.09 -3.87
CA GLU A 57 -8.89 -15.54 -2.60
C GLU A 57 -7.81 -15.82 -1.59
N ARG A 58 -7.31 -14.77 -0.99
CA ARG A 58 -6.23 -14.86 -0.03
C ARG A 58 -6.70 -14.29 1.29
N THR A 59 -6.06 -14.69 2.36
CA THR A 59 -6.45 -14.24 3.69
C THR A 59 -5.85 -12.88 4.05
N ARG A 60 -4.54 -12.82 4.23
CA ARG A 60 -3.85 -11.60 4.62
C ARG A 60 -2.35 -11.61 4.17
N PRO A 61 -1.99 -12.17 2.98
CA PRO A 61 -0.58 -12.40 2.66
C PRO A 61 0.20 -11.13 2.38
N ASN A 62 -0.44 -10.15 1.73
CA ASN A 62 0.25 -8.91 1.33
C ASN A 62 0.81 -8.17 2.52
N LEU A 63 0.06 -8.19 3.60
CA LEU A 63 0.44 -7.51 4.82
C LEU A 63 1.69 -8.14 5.42
N SER A 64 1.84 -9.44 5.23
CA SER A 64 2.97 -10.15 5.75
C SER A 64 4.11 -10.20 4.73
N LYS A 65 3.83 -9.77 3.53
CA LYS A 65 4.81 -9.78 2.45
C LYS A 65 5.53 -8.48 2.37
N THR A 66 6.70 -8.55 1.82
CA THR A 66 7.49 -7.41 1.62
C THR A 66 7.10 -6.73 0.31
N LEU A 67 7.50 -5.50 0.15
CA LEU A 67 7.22 -4.73 -1.05
C LEU A 67 7.84 -5.40 -2.27
N LYS A 68 9.01 -5.99 -2.05
CA LYS A 68 9.72 -6.72 -3.08
C LYS A 68 8.89 -7.90 -3.60
N GLU A 69 8.31 -8.65 -2.67
CA GLU A 69 7.49 -9.83 -3.00
C GLU A 69 6.23 -9.43 -3.73
N LEU A 70 5.78 -8.22 -3.54
CA LEU A 70 4.59 -7.75 -4.21
C LEU A 70 4.89 -7.31 -5.63
N GLY A 71 6.15 -7.16 -5.96
CA GLY A 71 6.52 -6.81 -7.33
C GLY A 71 6.43 -5.33 -7.61
N LEU A 72 6.43 -4.54 -6.57
CA LEU A 72 6.32 -3.11 -6.71
C LEU A 72 7.71 -2.56 -7.11
N VAL A 73 7.72 -1.53 -7.95
CA VAL A 73 8.96 -0.97 -8.43
C VAL A 73 9.11 0.52 -8.02
N ASP A 74 10.34 0.97 -7.89
CA ASP A 74 10.67 2.34 -7.49
C ASP A 74 10.12 3.40 -8.44
N GLY A 75 9.40 4.34 -7.87
CA GLY A 75 8.86 5.45 -8.63
C GLY A 75 7.43 5.26 -9.02
N GLN A 76 6.91 4.07 -8.81
CA GLN A 76 5.54 3.78 -9.15
C GLN A 76 4.64 4.37 -8.06
N GLU A 77 3.52 4.93 -8.46
CA GLU A 77 2.58 5.46 -7.51
C GLU A 77 1.47 4.52 -7.16
N LEU A 78 1.20 4.47 -5.90
CA LEU A 78 0.16 3.71 -5.30
C LEU A 78 -1.02 4.61 -5.07
N ALA A 79 -2.20 4.12 -5.31
CA ALA A 79 -3.41 4.88 -5.14
C ALA A 79 -4.07 4.49 -3.84
N VAL A 80 -4.38 5.47 -3.05
CA VAL A 80 -4.90 5.27 -1.72
C VAL A 80 -6.36 5.68 -1.65
N ALA A 81 -7.18 4.76 -1.21
CA ALA A 81 -8.57 5.01 -0.96
C ALA A 81 -8.81 4.75 0.51
N ASP A 82 -9.54 5.61 1.17
CA ASP A 82 -9.73 5.46 2.60
C ASP A 82 -11.23 5.45 3.00
N VAL A 83 -11.53 4.86 4.15
CA VAL A 83 -12.90 4.73 4.62
C VAL A 83 -13.39 5.96 5.39
N THR A 84 -12.49 6.67 6.03
CA THR A 84 -12.86 7.82 6.81
C THR A 84 -12.64 9.12 6.01
N THR A 85 -11.76 9.04 5.04
CA THR A 85 -11.51 10.11 4.13
C THR A 85 -11.71 9.67 2.67
N PRO A 86 -12.50 10.42 1.87
CA PRO A 86 -12.76 10.10 0.45
C PRO A 86 -11.64 10.63 -0.46
N GLN A 87 -10.49 10.83 0.13
CA GLN A 87 -9.35 11.39 -0.53
C GLN A 87 -8.54 10.32 -1.21
N THR A 88 -8.25 10.50 -2.46
CA THR A 88 -7.35 9.60 -3.12
C THR A 88 -6.00 10.25 -3.09
N VAL A 89 -5.04 9.57 -2.57
CA VAL A 89 -3.72 10.11 -2.47
C VAL A 89 -2.80 9.21 -3.23
N LEU A 90 -1.88 9.79 -3.95
CA LEU A 90 -0.92 9.03 -4.68
C LEU A 90 0.39 9.04 -3.94
N PHE A 91 0.96 7.90 -3.73
CA PHE A 91 2.26 7.81 -3.11
C PHE A 91 3.22 7.14 -4.06
N LYS A 92 4.40 7.67 -4.14
CA LYS A 92 5.44 7.07 -4.94
C LYS A 92 6.36 6.32 -4.02
N LEU A 93 6.53 5.06 -4.29
CA LEU A 93 7.32 4.20 -3.46
C LEU A 93 8.68 4.11 -4.09
N HIS A 94 9.67 4.44 -3.32
CA HIS A 94 11.03 4.46 -3.76
C HIS A 94 11.83 3.49 -2.95
N PHE A 95 12.56 2.65 -3.62
CA PHE A 95 13.36 1.65 -2.93
C PHE A 95 14.78 2.12 -2.78
N THR A 96 15.26 2.08 -1.58
CA THR A 96 16.62 2.41 -1.34
C THR A 96 17.46 1.14 -1.40
N SER A 97 18.61 1.24 -2.00
CA SER A 97 19.47 0.12 -2.17
C SER A 97 20.71 0.31 -1.32
N GLY A 1 -7.44 17.32 0.58
CA GLY A 1 -6.26 16.51 0.82
C GLY A 1 -5.05 17.11 0.18
N SER A 2 -4.15 16.29 -0.29
CA SER A 2 -2.98 16.78 -0.97
C SER A 2 -3.16 16.58 -2.48
N GLN A 3 -2.87 17.61 -3.26
CA GLN A 3 -2.99 17.51 -4.71
C GLN A 3 -1.66 17.15 -5.32
N LEU A 4 -0.64 17.30 -4.53
CA LEU A 4 0.69 16.92 -4.92
C LEU A 4 0.94 15.46 -4.57
N PRO A 5 1.75 14.76 -5.34
CA PRO A 5 2.09 13.39 -5.02
C PRO A 5 3.01 13.34 -3.80
N GLN A 6 2.76 12.41 -2.93
CA GLN A 6 3.52 12.28 -1.71
C GLN A 6 4.69 11.36 -1.92
N ASN A 7 5.82 11.68 -1.37
CA ASN A 7 6.98 10.83 -1.54
C ASN A 7 7.30 10.10 -0.26
N ILE A 8 7.62 8.84 -0.39
CA ILE A 8 7.98 7.98 0.72
C ILE A 8 9.12 7.06 0.29
N GLN A 9 10.03 6.77 1.21
CA GLN A 9 11.13 5.89 0.89
C GLN A 9 11.13 4.67 1.81
N PHE A 10 11.34 3.53 1.24
CA PHE A 10 11.34 2.25 1.95
C PHE A 10 12.47 1.38 1.48
N SER A 11 12.89 0.48 2.32
CA SER A 11 13.89 -0.48 1.98
C SER A 11 13.18 -1.72 1.40
N PRO A 12 13.68 -2.28 0.28
CA PRO A 12 13.07 -3.42 -0.46
C PRO A 12 12.53 -4.60 0.42
N SER A 13 13.11 -4.80 1.58
CA SER A 13 12.68 -5.90 2.45
C SER A 13 11.49 -5.51 3.36
N ALA A 14 11.01 -4.27 3.25
CA ALA A 14 9.89 -3.81 4.06
C ALA A 14 8.59 -4.41 3.55
N LYS A 15 7.69 -4.70 4.47
CA LYS A 15 6.41 -5.32 4.13
C LYS A 15 5.33 -4.28 4.02
N LEU A 16 4.24 -4.65 3.39
CA LEU A 16 3.14 -3.74 3.15
C LEU A 16 2.53 -3.30 4.50
N GLN A 17 2.47 -4.22 5.46
CA GLN A 17 1.91 -3.87 6.78
C GLN A 17 2.72 -2.76 7.44
N GLU A 18 4.04 -2.82 7.26
CA GLU A 18 4.97 -1.86 7.85
C GLU A 18 4.66 -0.47 7.31
N VAL A 19 4.24 -0.43 6.05
CA VAL A 19 3.85 0.80 5.38
C VAL A 19 2.66 1.46 6.10
N LEU A 20 1.74 0.64 6.59
CA LEU A 20 0.58 1.14 7.33
C LEU A 20 0.99 1.67 8.69
N ASP A 21 1.93 0.98 9.34
CA ASP A 21 2.48 1.44 10.63
C ASP A 21 3.10 2.79 10.45
N TYR A 22 3.83 2.93 9.37
CA TYR A 22 4.53 4.14 9.04
C TYR A 22 3.59 5.27 8.63
N LEU A 23 2.47 4.93 7.98
CA LEU A 23 1.64 5.95 7.37
C LEU A 23 1.05 6.86 8.45
N THR A 24 0.14 6.36 9.24
CA THR A 24 -0.33 7.16 10.33
C THR A 24 -0.16 6.46 11.69
N ASN A 25 -1.03 5.49 11.91
CA ASN A 25 -1.14 4.78 13.19
C ASN A 25 -1.12 3.27 12.99
N SER A 26 -0.57 2.54 13.93
CA SER A 26 -0.53 1.11 13.83
C SER A 26 -1.82 0.38 14.32
N ALA A 27 -2.21 0.58 15.58
CA ALA A 27 -3.26 -0.26 16.17
C ALA A 27 -4.67 0.32 16.10
N SER A 28 -4.81 1.59 16.27
CA SER A 28 -6.14 2.20 16.25
C SER A 28 -6.63 2.36 14.81
N LEU A 29 -5.71 2.23 13.89
CA LEU A 29 -5.98 2.41 12.49
C LEU A 29 -6.21 1.06 11.80
N GLN A 30 -6.19 -0.03 12.56
CA GLN A 30 -6.17 -1.39 11.95
C GLN A 30 -7.37 -1.71 11.02
N MET A 31 -8.54 -1.22 11.33
CA MET A 31 -9.69 -1.42 10.42
C MET A 31 -9.91 -0.18 9.56
N LYS A 32 -9.39 0.90 10.05
CA LYS A 32 -9.48 2.22 9.44
C LYS A 32 -8.42 2.47 8.38
N SER A 33 -7.59 1.48 8.10
CA SER A 33 -6.45 1.69 7.24
C SER A 33 -6.86 1.89 5.78
N PRO A 34 -6.19 2.81 5.10
CA PRO A 34 -6.39 3.10 3.69
C PRO A 34 -5.93 1.92 2.81
N ALA A 35 -6.44 1.87 1.60
CA ALA A 35 -6.11 0.80 0.71
C ALA A 35 -5.32 1.33 -0.44
N ILE A 36 -4.27 0.64 -0.77
CA ILE A 36 -3.39 1.06 -1.81
C ILE A 36 -3.55 0.13 -2.98
N THR A 37 -3.78 0.68 -4.13
CA THR A 37 -3.97 -0.09 -5.32
C THR A 37 -2.97 0.39 -6.40
N ALA A 38 -2.41 -0.55 -7.12
CA ALA A 38 -1.46 -0.23 -8.16
C ALA A 38 -1.85 -0.99 -9.42
N THR A 39 -1.56 -0.42 -10.55
CA THR A 39 -1.87 -1.06 -11.79
C THR A 39 -0.57 -1.39 -12.50
N LEU A 40 -0.37 -2.65 -12.79
CA LEU A 40 0.83 -3.08 -13.43
C LEU A 40 0.50 -3.83 -14.69
N GLU A 41 0.93 -3.29 -15.82
CA GLU A 41 0.72 -3.85 -17.16
C GLU A 41 -0.80 -4.09 -17.42
N GLY A 42 -1.61 -3.16 -16.92
CA GLY A 42 -3.05 -3.23 -17.10
C GLY A 42 -3.74 -4.16 -16.14
N LYS A 43 -2.96 -4.84 -15.32
CA LYS A 43 -3.51 -5.75 -14.36
C LYS A 43 -3.47 -5.05 -13.02
N ASN A 44 -4.45 -5.28 -12.20
CA ASN A 44 -4.53 -4.59 -10.93
C ASN A 44 -3.76 -5.38 -9.91
N ARG A 45 -2.80 -4.75 -9.31
CA ARG A 45 -1.96 -5.39 -8.33
C ARG A 45 -2.48 -5.02 -6.96
N THR A 46 -2.84 -6.01 -6.18
CA THR A 46 -3.36 -5.76 -4.88
C THR A 46 -2.20 -5.50 -3.93
N LEU A 47 -2.18 -4.33 -3.35
CA LEU A 47 -1.20 -4.03 -2.36
C LEU A 47 -1.86 -4.09 -1.02
N TYR A 48 -3.07 -3.57 -0.95
CA TYR A 48 -3.83 -3.67 0.26
C TYR A 48 -5.27 -3.91 -0.06
N LEU A 49 -5.71 -5.06 0.31
CA LEU A 49 -7.10 -5.39 0.27
C LEU A 49 -7.49 -5.37 1.74
N GLN A 50 -8.75 -5.41 2.06
CA GLN A 50 -9.11 -5.28 3.46
C GLN A 50 -8.64 -6.50 4.27
N SER A 51 -7.61 -6.29 5.05
CA SER A 51 -6.97 -7.33 5.80
C SER A 51 -7.59 -7.56 7.17
N VAL A 52 -8.50 -6.68 7.59
CA VAL A 52 -9.14 -6.87 8.89
C VAL A 52 -10.25 -7.94 8.78
N THR A 53 -10.56 -8.32 7.56
CA THR A 53 -11.54 -9.32 7.29
C THR A 53 -10.86 -10.45 6.50
N SER A 54 -11.52 -11.58 6.40
CA SER A 54 -10.99 -12.69 5.67
C SER A 54 -11.40 -12.59 4.21
N ILE A 55 -10.49 -12.90 3.31
CA ILE A 55 -10.79 -12.79 1.90
C ILE A 55 -11.34 -14.10 1.40
N GLU A 56 -10.50 -15.10 1.38
CA GLU A 56 -10.89 -16.45 0.99
C GLU A 56 -9.78 -17.40 1.37
N GLU A 57 -8.71 -17.38 0.60
CA GLU A 57 -7.59 -18.24 0.87
C GLU A 57 -6.89 -17.76 2.12
N ARG A 58 -6.65 -16.48 2.15
CA ARG A 58 -5.93 -15.84 3.21
C ARG A 58 -6.78 -14.69 3.76
N THR A 59 -6.36 -14.14 4.86
CA THR A 59 -7.00 -12.97 5.41
C THR A 59 -6.10 -11.76 5.25
N ARG A 60 -4.79 -12.00 5.21
CA ARG A 60 -3.81 -10.95 5.01
C ARG A 60 -2.50 -11.48 4.40
N PRO A 61 -2.47 -11.75 3.10
CA PRO A 61 -1.27 -12.26 2.43
C PRO A 61 -0.32 -11.13 2.04
N ASN A 62 -0.89 -10.02 1.64
CA ASN A 62 -0.17 -8.82 1.18
C ASN A 62 0.70 -8.26 2.29
N LEU A 63 0.21 -8.36 3.50
CA LEU A 63 0.90 -7.85 4.66
C LEU A 63 2.15 -8.65 4.95
N SER A 64 2.18 -9.88 4.49
CA SER A 64 3.30 -10.75 4.76
C SER A 64 4.38 -10.61 3.67
N LYS A 65 4.00 -10.11 2.50
CA LYS A 65 4.96 -9.93 1.43
C LYS A 65 5.64 -8.59 1.53
N THR A 66 6.81 -8.50 0.96
CA THR A 66 7.52 -7.27 0.93
C THR A 66 7.02 -6.45 -0.23
N LEU A 67 7.36 -5.18 -0.24
CA LEU A 67 7.03 -4.30 -1.34
C LEU A 67 7.67 -4.83 -2.63
N LYS A 68 8.85 -5.41 -2.49
CA LYS A 68 9.59 -5.99 -3.60
C LYS A 68 8.81 -7.18 -4.19
N GLU A 69 8.31 -8.07 -3.34
CA GLU A 69 7.48 -9.20 -3.79
C GLU A 69 6.14 -8.76 -4.36
N LEU A 70 5.68 -7.60 -3.94
CA LEU A 70 4.42 -7.07 -4.43
C LEU A 70 4.57 -6.45 -5.82
N GLY A 71 5.78 -6.41 -6.34
CA GLY A 71 5.99 -5.93 -7.68
C GLY A 71 6.24 -4.45 -7.76
N LEU A 72 6.59 -3.86 -6.63
CA LEU A 72 6.81 -2.44 -6.59
C LEU A 72 8.27 -2.13 -6.88
N VAL A 73 8.49 -1.02 -7.55
CA VAL A 73 9.82 -0.57 -7.89
C VAL A 73 9.97 0.87 -7.47
N ASP A 74 11.18 1.36 -7.45
CA ASP A 74 11.44 2.74 -7.09
C ASP A 74 10.86 3.67 -8.16
N GLY A 75 10.11 4.67 -7.75
CA GLY A 75 9.52 5.58 -8.72
C GLY A 75 8.07 5.24 -9.00
N GLN A 76 7.62 4.11 -8.47
CA GLN A 76 6.27 3.58 -8.68
C GLN A 76 5.26 4.49 -8.01
N GLU A 77 4.18 4.78 -8.71
CA GLU A 77 3.12 5.58 -8.15
C GLU A 77 2.02 4.67 -7.64
N LEU A 78 1.64 4.91 -6.44
CA LEU A 78 0.64 4.15 -5.77
C LEU A 78 -0.58 5.01 -5.57
N ALA A 79 -1.73 4.45 -5.81
CA ALA A 79 -2.96 5.15 -5.60
C ALA A 79 -3.59 4.64 -4.34
N VAL A 80 -3.72 5.50 -3.36
CA VAL A 80 -4.27 5.09 -2.09
C VAL A 80 -5.62 5.76 -1.85
N ALA A 81 -6.55 4.97 -1.42
CA ALA A 81 -7.87 5.44 -1.11
C ALA A 81 -8.09 5.23 0.36
N ASP A 82 -8.72 6.16 1.00
CA ASP A 82 -8.85 6.12 2.44
C ASP A 82 -10.32 6.01 2.82
N VAL A 83 -10.60 5.49 3.99
CA VAL A 83 -11.98 5.29 4.41
C VAL A 83 -12.57 6.54 5.09
N THR A 84 -11.70 7.37 5.64
CA THR A 84 -12.14 8.58 6.33
C THR A 84 -12.02 9.80 5.43
N THR A 85 -11.17 9.70 4.43
CA THR A 85 -11.01 10.76 3.48
C THR A 85 -11.57 10.30 2.13
N PRO A 86 -12.46 11.10 1.51
CA PRO A 86 -13.17 10.72 0.27
C PRO A 86 -12.36 10.88 -1.02
N GLN A 87 -11.05 10.90 -0.92
CA GLN A 87 -10.24 11.07 -2.10
C GLN A 87 -9.09 10.09 -2.15
N THR A 88 -8.53 9.97 -3.31
CA THR A 88 -7.39 9.14 -3.56
C THR A 88 -6.13 10.03 -3.51
N VAL A 89 -5.11 9.56 -2.85
CA VAL A 89 -3.86 10.31 -2.76
C VAL A 89 -2.78 9.56 -3.55
N LEU A 90 -1.95 10.28 -4.26
CA LEU A 90 -0.92 9.65 -5.07
C LEU A 90 0.37 9.61 -4.25
N PHE A 91 0.93 8.45 -4.10
CA PHE A 91 2.20 8.27 -3.42
C PHE A 91 3.23 7.71 -4.36
N LYS A 92 4.42 8.21 -4.26
CA LYS A 92 5.53 7.67 -4.99
C LYS A 92 6.38 6.88 -4.02
N LEU A 93 6.61 5.65 -4.37
CA LEU A 93 7.33 4.74 -3.53
C LEU A 93 8.76 4.73 -4.04
N HIS A 94 9.65 5.06 -3.17
CA HIS A 94 11.04 5.13 -3.51
C HIS A 94 11.80 4.13 -2.69
N PHE A 95 12.59 3.30 -3.31
CA PHE A 95 13.37 2.35 -2.57
C PHE A 95 14.76 2.87 -2.36
N THR A 96 15.20 2.79 -1.15
CA THR A 96 16.54 3.18 -0.81
C THR A 96 17.45 1.96 -0.95
N SER A 97 18.62 2.18 -1.49
CA SER A 97 19.57 1.11 -1.70
C SER A 97 20.98 1.68 -1.69
N GLY A 1 -6.65 21.15 -0.85
CA GLY A 1 -5.60 20.35 -0.26
C GLY A 1 -4.34 20.42 -1.06
N SER A 2 -3.81 19.29 -1.41
CA SER A 2 -2.60 19.21 -2.18
C SER A 2 -2.79 18.29 -3.37
N GLN A 3 -2.13 18.56 -4.46
CA GLN A 3 -2.26 17.72 -5.64
C GLN A 3 -0.95 17.02 -5.97
N LEU A 4 0.12 17.40 -5.30
CA LEU A 4 1.42 16.80 -5.55
C LEU A 4 1.47 15.42 -4.90
N PRO A 5 2.20 14.47 -5.48
CA PRO A 5 2.32 13.14 -4.91
C PRO A 5 3.14 13.16 -3.61
N GLN A 6 2.75 12.31 -2.69
CA GLN A 6 3.44 12.21 -1.44
C GLN A 6 4.53 11.16 -1.65
N ASN A 7 5.75 11.47 -1.29
CA ASN A 7 6.82 10.53 -1.55
C ASN A 7 7.30 9.82 -0.32
N ILE A 8 7.52 8.55 -0.46
CA ILE A 8 7.98 7.71 0.60
C ILE A 8 9.18 6.90 0.14
N GLN A 9 10.08 6.61 1.06
CA GLN A 9 11.23 5.82 0.72
C GLN A 9 11.28 4.61 1.63
N PHE A 10 11.48 3.47 1.02
CA PHE A 10 11.54 2.20 1.69
C PHE A 10 12.62 1.33 1.10
N SER A 11 13.08 0.40 1.87
CA SER A 11 14.04 -0.55 1.42
C SER A 11 13.30 -1.75 0.85
N PRO A 12 13.75 -2.29 -0.31
CA PRO A 12 13.06 -3.39 -1.03
C PRO A 12 12.61 -4.58 -0.16
N SER A 13 13.28 -4.81 0.96
CA SER A 13 12.94 -5.92 1.85
C SER A 13 11.84 -5.53 2.86
N ALA A 14 11.33 -4.31 2.78
CA ALA A 14 10.27 -3.86 3.67
C ALA A 14 8.97 -4.56 3.35
N LYS A 15 8.19 -4.82 4.36
CA LYS A 15 6.95 -5.53 4.23
C LYS A 15 5.79 -4.52 4.18
N LEU A 16 4.75 -4.83 3.41
CA LEU A 16 3.64 -3.89 3.18
C LEU A 16 2.89 -3.51 4.46
N GLN A 17 2.57 -4.49 5.30
CA GLN A 17 1.88 -4.20 6.56
C GLN A 17 2.68 -3.26 7.44
N GLU A 18 3.99 -3.43 7.43
CA GLU A 18 4.91 -2.63 8.22
C GLU A 18 4.86 -1.17 7.74
N VAL A 19 4.65 -1.01 6.44
CA VAL A 19 4.51 0.30 5.82
C VAL A 19 3.27 1.01 6.34
N LEU A 20 2.20 0.23 6.56
CA LEU A 20 0.91 0.76 7.01
C LEU A 20 1.04 1.43 8.37
N ASP A 21 1.90 0.86 9.21
CA ASP A 21 2.17 1.40 10.54
C ASP A 21 2.76 2.78 10.43
N TYR A 22 3.61 2.93 9.44
CA TYR A 22 4.36 4.14 9.24
C TYR A 22 3.49 5.32 8.76
N LEU A 23 2.39 5.05 8.04
CA LEU A 23 1.58 6.17 7.55
C LEU A 23 0.93 6.97 8.67
N THR A 24 -0.02 6.43 9.38
CA THR A 24 -0.51 7.16 10.50
C THR A 24 -0.39 6.41 11.84
N ASN A 25 -1.26 5.43 12.04
CA ASN A 25 -1.32 4.68 13.30
C ASN A 25 -1.32 3.20 13.04
N SER A 26 -0.76 2.46 13.95
CA SER A 26 -0.72 1.03 13.84
C SER A 26 -1.99 0.31 14.36
N ALA A 27 -2.32 0.50 15.63
CA ALA A 27 -3.33 -0.34 16.27
C ALA A 27 -4.74 0.25 16.30
N SER A 28 -4.87 1.53 16.53
CA SER A 28 -6.21 2.11 16.65
C SER A 28 -6.81 2.39 15.28
N LEU A 29 -5.95 2.59 14.34
CA LEU A 29 -6.32 2.93 13.00
C LEU A 29 -6.32 1.68 12.12
N GLN A 30 -6.24 0.51 12.71
CA GLN A 30 -5.99 -0.73 11.95
C GLN A 30 -7.02 -1.01 10.87
N MET A 31 -8.25 -0.58 11.07
CA MET A 31 -9.29 -0.82 10.09
C MET A 31 -9.57 0.43 9.27
N LYS A 32 -9.39 1.58 9.89
CA LYS A 32 -9.59 2.86 9.23
C LYS A 32 -8.36 3.28 8.43
N SER A 33 -7.32 2.48 8.48
CA SER A 33 -6.08 2.85 7.84
C SER A 33 -6.23 2.74 6.34
N PRO A 34 -5.64 3.71 5.61
CA PRO A 34 -5.71 3.79 4.16
C PRO A 34 -5.31 2.49 3.50
N ALA A 35 -5.76 2.33 2.29
CA ALA A 35 -5.51 1.15 1.56
C ALA A 35 -4.59 1.47 0.44
N ILE A 36 -3.69 0.58 0.20
CA ILE A 36 -2.67 0.76 -0.74
C ILE A 36 -2.91 -0.14 -1.94
N THR A 37 -2.92 0.48 -3.09
CA THR A 37 -3.16 -0.19 -4.32
C THR A 37 -2.00 0.11 -5.26
N ALA A 38 -1.57 -0.88 -5.97
CA ALA A 38 -0.44 -0.76 -6.89
C ALA A 38 -0.86 -1.22 -8.26
N THR A 39 -0.26 -0.68 -9.28
CA THR A 39 -0.59 -1.10 -10.60
C THR A 39 0.42 -2.15 -11.03
N LEU A 40 -0.10 -3.30 -11.35
CA LEU A 40 0.68 -4.45 -11.66
C LEU A 40 0.16 -5.01 -12.98
N GLU A 41 1.00 -4.98 -14.00
CA GLU A 41 0.67 -5.45 -15.36
C GLU A 41 -0.58 -4.76 -15.92
N GLY A 42 -0.74 -3.49 -15.59
CA GLY A 42 -1.88 -2.74 -16.09
C GLY A 42 -3.16 -3.00 -15.30
N LYS A 43 -3.04 -3.79 -14.28
CA LYS A 43 -4.15 -4.10 -13.41
C LYS A 43 -3.94 -3.34 -12.13
N ASN A 44 -4.99 -2.92 -11.50
CA ASN A 44 -4.80 -2.32 -10.20
C ASN A 44 -4.89 -3.44 -9.22
N ARG A 45 -3.84 -3.64 -8.51
CA ARG A 45 -3.72 -4.73 -7.60
C ARG A 45 -3.74 -4.26 -6.18
N THR A 46 -4.59 -4.86 -5.39
CA THR A 46 -4.62 -4.55 -4.02
C THR A 46 -3.59 -5.40 -3.28
N LEU A 47 -2.75 -4.74 -2.56
CA LEU A 47 -1.76 -5.37 -1.74
C LEU A 47 -2.13 -5.24 -0.28
N TYR A 48 -2.90 -4.21 0.02
CA TYR A 48 -3.44 -4.00 1.35
C TYR A 48 -4.48 -5.06 1.67
N LEU A 49 -5.18 -5.49 0.66
CA LEU A 49 -6.24 -6.44 0.81
C LEU A 49 -6.04 -7.57 -0.18
N GLN A 50 -6.85 -8.60 -0.06
CA GLN A 50 -6.84 -9.71 -0.94
C GLN A 50 -8.29 -10.10 -1.15
N SER A 51 -8.62 -10.62 -2.30
CA SER A 51 -9.98 -10.97 -2.61
C SER A 51 -10.42 -12.21 -1.82
N VAL A 52 -11.11 -11.97 -0.74
CA VAL A 52 -11.59 -13.04 0.09
C VAL A 52 -12.89 -13.62 -0.44
N THR A 53 -12.79 -14.81 -0.97
CA THR A 53 -13.93 -15.49 -1.48
C THR A 53 -14.70 -16.18 -0.38
N SER A 54 -14.02 -16.43 0.73
CA SER A 54 -14.59 -17.03 1.92
C SER A 54 -13.52 -17.07 3.00
N ILE A 55 -13.85 -17.59 4.17
CA ILE A 55 -12.86 -17.72 5.22
C ILE A 55 -11.95 -18.89 4.87
N GLU A 56 -10.79 -18.55 4.41
CA GLU A 56 -9.82 -19.50 3.94
C GLU A 56 -8.48 -19.10 4.46
N GLU A 57 -7.44 -19.75 3.95
CA GLU A 57 -6.07 -19.41 4.25
C GLU A 57 -5.79 -18.00 3.74
N ARG A 58 -6.39 -17.70 2.61
CA ARG A 58 -6.22 -16.42 1.98
C ARG A 58 -7.12 -15.37 2.62
N THR A 59 -6.55 -14.59 3.48
CA THR A 59 -7.23 -13.45 4.01
C THR A 59 -6.56 -12.21 3.48
N ARG A 60 -5.37 -11.93 3.98
CA ARG A 60 -4.56 -10.83 3.54
C ARG A 60 -3.08 -11.26 3.56
N PRO A 61 -2.64 -12.04 2.56
CA PRO A 61 -1.26 -12.52 2.48
C PRO A 61 -0.34 -11.50 1.81
N ASN A 62 -0.90 -10.68 0.93
CA ASN A 62 -0.16 -9.68 0.17
C ASN A 62 0.53 -8.69 1.08
N LEU A 63 -0.15 -8.29 2.14
CA LEU A 63 0.41 -7.35 3.10
C LEU A 63 1.59 -7.95 3.87
N SER A 64 1.62 -9.27 3.95
CA SER A 64 2.68 -9.98 4.63
C SER A 64 3.90 -10.11 3.70
N LYS A 65 3.72 -9.72 2.45
CA LYS A 65 4.76 -9.78 1.46
C LYS A 65 5.51 -8.47 1.42
N THR A 66 6.68 -8.52 0.85
CA THR A 66 7.51 -7.38 0.75
C THR A 66 7.17 -6.55 -0.49
N LEU A 67 7.61 -5.31 -0.47
CA LEU A 67 7.29 -4.33 -1.51
C LEU A 67 7.79 -4.68 -2.90
N LYS A 68 9.01 -5.17 -2.98
CA LYS A 68 9.62 -5.49 -4.26
C LYS A 68 8.87 -6.65 -4.91
N GLU A 69 8.60 -7.67 -4.12
CA GLU A 69 7.89 -8.88 -4.55
C GLU A 69 6.47 -8.58 -5.01
N LEU A 70 5.89 -7.53 -4.48
CA LEU A 70 4.54 -7.14 -4.85
C LEU A 70 4.48 -6.38 -6.18
N GLY A 71 5.63 -6.21 -6.81
CA GLY A 71 5.68 -5.59 -8.11
C GLY A 71 5.91 -4.09 -8.08
N LEU A 72 6.43 -3.59 -6.98
CA LEU A 72 6.73 -2.18 -6.87
C LEU A 72 8.19 -1.92 -7.22
N VAL A 73 8.44 -0.78 -7.86
CA VAL A 73 9.78 -0.36 -8.21
C VAL A 73 9.93 1.11 -7.77
N ASP A 74 11.14 1.61 -7.71
CA ASP A 74 11.38 2.96 -7.23
C ASP A 74 10.83 4.01 -8.19
N GLY A 75 10.04 4.91 -7.66
CA GLY A 75 9.49 6.00 -8.44
C GLY A 75 8.07 5.71 -8.87
N GLN A 76 7.65 4.47 -8.65
CA GLN A 76 6.35 3.99 -9.07
C GLN A 76 5.24 4.69 -8.29
N GLU A 77 4.12 4.90 -8.93
CA GLU A 77 3.03 5.62 -8.34
C GLU A 77 2.07 4.66 -7.68
N LEU A 78 1.92 4.85 -6.42
CA LEU A 78 1.14 4.03 -5.58
C LEU A 78 -0.18 4.76 -5.30
N ALA A 79 -1.27 4.05 -5.37
CA ALA A 79 -2.57 4.67 -5.17
C ALA A 79 -3.08 4.33 -3.78
N VAL A 80 -3.25 5.33 -2.98
CA VAL A 80 -3.71 5.13 -1.63
C VAL A 80 -5.10 5.73 -1.47
N ALA A 81 -6.02 4.92 -1.05
CA ALA A 81 -7.40 5.34 -0.88
C ALA A 81 -7.84 5.11 0.55
N ASP A 82 -8.73 5.95 1.02
CA ASP A 82 -9.21 5.82 2.38
C ASP A 82 -10.69 5.55 2.36
N VAL A 83 -11.19 5.02 3.46
CA VAL A 83 -12.61 4.74 3.59
C VAL A 83 -13.35 6.00 4.03
N THR A 84 -12.60 6.90 4.64
CA THR A 84 -13.12 8.13 5.13
C THR A 84 -13.01 9.24 4.09
N THR A 85 -12.25 8.99 3.05
CA THR A 85 -12.02 9.97 2.03
C THR A 85 -12.45 9.40 0.66
N PRO A 86 -13.28 10.14 -0.10
CA PRO A 86 -13.70 9.72 -1.45
C PRO A 86 -12.56 9.84 -2.46
N GLN A 87 -11.63 10.72 -2.18
CA GLN A 87 -10.52 10.97 -3.08
C GLN A 87 -9.38 9.98 -2.83
N THR A 88 -8.68 9.64 -3.88
CA THR A 88 -7.54 8.77 -3.81
C THR A 88 -6.28 9.64 -3.88
N VAL A 89 -5.33 9.39 -3.00
CA VAL A 89 -4.09 10.15 -2.97
C VAL A 89 -2.95 9.37 -3.59
N LEU A 90 -2.13 10.05 -4.35
CA LEU A 90 -1.03 9.43 -5.05
C LEU A 90 0.26 9.53 -4.27
N PHE A 91 0.90 8.40 -4.12
CA PHE A 91 2.18 8.29 -3.45
C PHE A 91 3.22 7.78 -4.41
N LYS A 92 4.43 8.17 -4.21
CA LYS A 92 5.54 7.67 -4.98
C LYS A 92 6.45 6.88 -4.07
N LEU A 93 6.64 5.64 -4.40
CA LEU A 93 7.41 4.73 -3.60
C LEU A 93 8.79 4.65 -4.15
N HIS A 94 9.74 4.97 -3.34
CA HIS A 94 11.12 4.99 -3.74
C HIS A 94 11.89 4.02 -2.94
N PHE A 95 12.65 3.19 -3.59
CA PHE A 95 13.43 2.22 -2.90
C PHE A 95 14.82 2.72 -2.71
N THR A 96 15.26 2.62 -1.51
CA THR A 96 16.57 3.05 -1.14
C THR A 96 17.49 1.84 -1.04
N SER A 97 18.71 2.02 -1.44
CA SER A 97 19.70 1.01 -1.37
C SER A 97 21.01 1.60 -0.88
#